data_2N5U
#
_entry.id   2N5U
#
_entity_poly.entity_id   1
_entity_poly.type   'polypeptide(L)'
_entity_poly.pdbx_seq_one_letter_code
;MASWSHPQFEKIEGRMDVGQKVRVCRIRDRVAQDIIQKLGQVGQITGFKMTDGSGVGVIVTFDDRSSTWFFEDEVEVVG
;
_entity_poly.pdbx_strand_id   A
#
# COMPACT_ATOMS: atom_id res chain seq x y z
N MET A 1 18.25 2.85 -13.48
CA MET A 1 18.37 4.27 -13.86
C MET A 1 17.93 5.15 -12.70
N ALA A 2 18.80 6.08 -12.31
CA ALA A 2 18.52 7.00 -11.21
C ALA A 2 19.57 8.10 -11.13
N SER A 3 20.76 7.84 -11.69
CA SER A 3 21.90 8.78 -11.67
C SER A 3 22.46 8.90 -10.24
N TRP A 4 21.72 9.57 -9.37
CA TRP A 4 22.09 9.69 -7.97
C TRP A 4 20.83 9.78 -7.11
N SER A 5 19.68 9.77 -7.77
CA SER A 5 18.39 9.91 -7.11
C SER A 5 18.20 8.90 -5.99
N HIS A 6 17.65 9.37 -4.89
CA HIS A 6 17.39 8.54 -3.73
C HIS A 6 15.95 8.02 -3.81
N PRO A 7 15.58 7.00 -2.99
CA PRO A 7 14.19 6.50 -2.93
C PRO A 7 13.21 7.66 -2.79
N GLN A 8 12.31 7.79 -3.73
CA GLN A 8 11.40 8.91 -3.79
C GLN A 8 10.12 8.66 -2.99
N PHE A 9 10.00 9.38 -1.89
CA PHE A 9 8.80 9.34 -1.07
C PHE A 9 8.40 10.78 -0.75
N GLU A 10 7.18 11.15 -1.04
CA GLU A 10 6.72 12.51 -0.82
C GLU A 10 6.23 12.72 0.62
N LYS A 11 5.09 12.16 0.94
CA LYS A 11 4.52 12.27 2.27
C LYS A 11 4.47 10.91 2.92
N ILE A 12 4.53 9.86 2.09
CA ILE A 12 4.51 8.50 2.58
C ILE A 12 5.81 8.13 3.27
N GLU A 13 6.81 9.00 3.13
CA GLU A 13 8.13 8.78 3.71
C GLU A 13 8.04 8.54 5.21
N GLY A 14 7.33 9.41 5.90
CA GLY A 14 7.22 9.29 7.33
C GLY A 14 5.88 8.77 7.79
N ARG A 15 5.18 8.06 6.91
CA ARG A 15 3.87 7.48 7.26
C ARG A 15 3.85 6.02 6.95
N MET A 16 4.31 5.69 5.76
CA MET A 16 4.28 4.33 5.29
C MET A 16 5.68 3.74 5.41
N ASP A 17 5.79 2.64 6.12
CA ASP A 17 7.08 2.01 6.34
C ASP A 17 6.97 0.50 6.24
N VAL A 18 7.99 -0.13 5.66
CA VAL A 18 8.01 -1.57 5.54
C VAL A 18 8.10 -2.22 6.92
N GLY A 19 7.22 -3.16 7.18
CA GLY A 19 7.16 -3.79 8.49
C GLY A 19 5.94 -3.33 9.24
N GLN A 20 5.44 -2.16 8.88
CA GLN A 20 4.24 -1.62 9.47
C GLN A 20 3.03 -2.27 8.86
N LYS A 21 1.97 -2.36 9.62
CA LYS A 21 0.75 -2.98 9.14
C LYS A 21 -0.21 -1.94 8.63
N VAL A 22 -0.99 -2.33 7.65
CA VAL A 22 -1.97 -1.45 7.06
C VAL A 22 -3.26 -2.18 6.79
N ARG A 23 -4.34 -1.47 6.88
CA ARG A 23 -5.64 -2.04 6.65
C ARG A 23 -6.34 -1.26 5.55
N VAL A 24 -6.92 -1.98 4.60
CA VAL A 24 -7.64 -1.34 3.51
C VAL A 24 -8.98 -0.83 4.02
N CYS A 25 -9.12 0.47 4.12
CA CYS A 25 -10.32 1.08 4.65
C CYS A 25 -11.36 1.32 3.58
N ARG A 26 -10.91 1.73 2.42
CA ARG A 26 -11.80 2.11 1.35
C ARG A 26 -11.17 1.89 0.00
N ILE A 27 -11.90 1.26 -0.89
CA ILE A 27 -11.45 1.09 -2.26
C ILE A 27 -11.90 2.31 -3.05
N ARG A 28 -10.94 3.06 -3.52
CA ARG A 28 -11.21 4.32 -4.20
C ARG A 28 -12.02 4.14 -5.47
N ASP A 29 -11.45 3.45 -6.45
CA ASP A 29 -12.10 3.30 -7.74
C ASP A 29 -12.87 1.99 -7.89
N ARG A 30 -12.29 0.98 -8.54
CA ARG A 30 -13.02 -0.26 -8.79
C ARG A 30 -12.64 -1.35 -7.80
N VAL A 31 -13.63 -2.13 -7.40
CA VAL A 31 -13.43 -3.21 -6.47
C VAL A 31 -13.56 -4.57 -7.17
N ALA A 32 -12.47 -5.31 -7.20
CA ALA A 32 -12.48 -6.64 -7.79
C ALA A 32 -12.90 -7.69 -6.77
N GLN A 33 -13.21 -8.88 -7.25
CA GLN A 33 -13.65 -10.00 -6.40
C GLN A 33 -12.54 -10.37 -5.40
N ASP A 34 -11.30 -10.21 -5.82
CA ASP A 34 -10.15 -10.51 -4.96
C ASP A 34 -9.91 -9.35 -4.01
N ILE A 35 -9.98 -8.14 -4.53
CA ILE A 35 -9.69 -6.94 -3.74
C ILE A 35 -10.70 -6.75 -2.62
N ILE A 36 -11.96 -7.06 -2.89
CA ILE A 36 -13.01 -6.88 -1.89
C ILE A 36 -12.76 -7.76 -0.66
N GLN A 37 -11.99 -8.83 -0.85
CA GLN A 37 -11.64 -9.73 0.24
C GLN A 37 -10.69 -9.00 1.19
N LYS A 38 -9.83 -8.21 0.62
CA LYS A 38 -8.80 -7.50 1.38
C LYS A 38 -9.35 -6.23 2.02
N LEU A 39 -10.53 -5.80 1.57
CA LEU A 39 -11.17 -4.62 2.12
C LEU A 39 -11.60 -4.88 3.57
N GLY A 40 -11.04 -4.11 4.49
CA GLY A 40 -11.33 -4.30 5.89
C GLY A 40 -10.37 -5.27 6.54
N GLN A 41 -9.49 -5.85 5.73
CA GLN A 41 -8.53 -6.82 6.20
C GLN A 41 -7.19 -6.13 6.48
N VAL A 42 -6.48 -6.62 7.49
CA VAL A 42 -5.20 -6.06 7.87
C VAL A 42 -4.03 -6.81 7.22
N GLY A 43 -3.08 -6.08 6.69
CA GLY A 43 -1.91 -6.66 6.08
C GLY A 43 -0.66 -5.95 6.51
N GLN A 44 0.49 -6.35 5.99
CA GLN A 44 1.74 -5.72 6.36
C GLN A 44 2.51 -5.23 5.14
N ILE A 45 3.06 -4.02 5.23
CA ILE A 45 3.82 -3.42 4.14
C ILE A 45 5.15 -4.14 3.96
N THR A 46 5.37 -4.66 2.77
CA THR A 46 6.61 -5.35 2.48
C THR A 46 7.41 -4.61 1.41
N GLY A 47 6.84 -3.52 0.91
CA GLY A 47 7.53 -2.73 -0.08
C GLY A 47 6.62 -1.71 -0.72
N PHE A 48 7.17 -0.93 -1.63
CA PHE A 48 6.40 0.07 -2.35
C PHE A 48 6.34 -0.26 -3.82
N LYS A 49 5.40 0.32 -4.51
CA LYS A 49 5.22 0.05 -5.93
C LYS A 49 4.93 1.35 -6.65
N MET A 50 5.35 1.43 -7.90
CA MET A 50 5.08 2.61 -8.70
C MET A 50 3.77 2.41 -9.45
N THR A 51 2.96 3.45 -9.50
CA THR A 51 1.69 3.35 -10.18
C THR A 51 1.50 4.53 -11.12
N ASP A 52 0.68 4.33 -12.12
CA ASP A 52 0.37 5.37 -13.09
C ASP A 52 -1.04 5.89 -12.86
N GLY A 53 -1.70 5.30 -11.87
CA GLY A 53 -3.06 5.68 -11.56
C GLY A 53 -3.14 6.85 -10.60
N SER A 54 -2.25 6.87 -9.61
CA SER A 54 -2.27 7.95 -8.61
C SER A 54 -0.88 8.25 -8.03
N GLY A 55 0.16 7.73 -8.66
CA GLY A 55 1.50 8.01 -8.19
C GLY A 55 2.15 6.85 -7.48
N VAL A 56 2.05 6.83 -6.18
CA VAL A 56 2.70 5.81 -5.39
C VAL A 56 1.73 4.72 -4.96
N GLY A 57 2.25 3.51 -4.90
CA GLY A 57 1.49 2.37 -4.46
C GLY A 57 2.22 1.64 -3.36
N VAL A 58 1.50 0.92 -2.55
CA VAL A 58 2.09 0.22 -1.43
C VAL A 58 1.85 -1.28 -1.56
N ILE A 59 2.91 -2.06 -1.46
CA ILE A 59 2.80 -3.52 -1.55
C ILE A 59 2.51 -4.08 -0.17
N VAL A 60 1.33 -4.63 -0.02
CA VAL A 60 0.90 -5.15 1.25
C VAL A 60 0.73 -6.67 1.20
N THR A 61 1.41 -7.35 2.08
CA THR A 61 1.29 -8.78 2.19
C THR A 61 0.34 -9.13 3.33
N PHE A 62 -0.68 -9.87 3.02
CA PHE A 62 -1.69 -10.21 4.01
C PHE A 62 -1.49 -11.61 4.57
N ASP A 63 -2.30 -11.95 5.56
CA ASP A 63 -2.26 -13.26 6.23
C ASP A 63 -2.60 -14.40 5.27
N ASP A 64 -3.17 -14.05 4.12
CA ASP A 64 -3.51 -15.06 3.10
C ASP A 64 -2.27 -15.51 2.36
N ARG A 65 -1.10 -14.96 2.78
CA ARG A 65 0.19 -15.25 2.15
C ARG A 65 0.24 -14.68 0.74
N SER A 66 -0.68 -13.77 0.46
CA SER A 66 -0.76 -13.12 -0.81
C SER A 66 -0.35 -11.66 -0.66
N SER A 67 0.36 -11.15 -1.64
CA SER A 67 0.80 -9.78 -1.62
C SER A 67 0.13 -8.99 -2.75
N THR A 68 -0.49 -7.90 -2.39
CA THR A 68 -1.17 -7.07 -3.36
C THR A 68 -0.85 -5.61 -3.09
N TRP A 69 -1.05 -4.78 -4.08
CA TRP A 69 -0.72 -3.38 -3.96
C TRP A 69 -1.96 -2.52 -3.80
N PHE A 70 -1.88 -1.56 -2.90
CA PHE A 70 -2.95 -0.61 -2.64
C PHE A 70 -2.38 0.78 -2.68
N PHE A 71 -3.24 1.77 -2.71
CA PHE A 71 -2.78 3.14 -2.79
C PHE A 71 -2.60 3.78 -1.42
N GLU A 72 -1.81 4.86 -1.41
CA GLU A 72 -1.44 5.62 -0.22
C GLU A 72 -2.65 5.94 0.70
N ASP A 73 -3.68 6.54 0.14
CA ASP A 73 -4.84 6.98 0.93
C ASP A 73 -5.86 5.85 1.11
N GLU A 74 -5.67 4.79 0.37
CA GLU A 74 -6.59 3.67 0.33
C GLU A 74 -6.45 2.77 1.57
N VAL A 75 -5.34 2.91 2.29
CA VAL A 75 -5.09 2.11 3.48
C VAL A 75 -4.75 2.97 4.71
N GLU A 76 -4.91 2.40 5.89
CA GLU A 76 -4.56 3.05 7.15
C GLU A 76 -3.38 2.32 7.78
N VAL A 77 -2.52 3.05 8.48
CA VAL A 77 -1.34 2.44 9.09
C VAL A 77 -1.63 2.07 10.54
N VAL A 78 -1.43 0.81 10.87
CA VAL A 78 -1.66 0.30 12.21
C VAL A 78 -0.45 -0.50 12.68
N GLY A 79 -0.38 -0.75 13.98
CA GLY A 79 0.74 -1.48 14.52
C GLY A 79 1.91 -0.56 14.79
N MET A 1 23.53 22.71 1.94
CA MET A 1 22.73 21.84 1.06
C MET A 1 23.04 20.38 1.36
N ALA A 2 22.15 19.73 2.08
CA ALA A 2 22.34 18.33 2.44
C ALA A 2 22.42 17.46 1.20
N SER A 3 23.48 16.68 1.11
CA SER A 3 23.66 15.77 -0.01
C SER A 3 22.78 14.55 0.18
N TRP A 4 22.54 13.83 -0.93
CA TRP A 4 21.67 12.66 -0.94
C TRP A 4 20.20 13.06 -0.76
N SER A 5 19.41 12.75 -1.76
CA SER A 5 18.01 13.05 -1.71
C SER A 5 17.20 11.76 -1.72
N HIS A 6 16.20 11.69 -0.84
CA HIS A 6 15.35 10.52 -0.73
C HIS A 6 14.65 10.21 -2.06
N PRO A 7 14.47 8.92 -2.38
CA PRO A 7 13.79 8.49 -3.61
C PRO A 7 12.45 9.21 -3.77
N GLN A 8 11.59 9.05 -2.77
CA GLN A 8 10.30 9.72 -2.73
C GLN A 8 9.62 9.44 -1.40
N PHE A 9 8.58 8.61 -1.44
CA PHE A 9 7.81 8.24 -0.25
C PHE A 9 7.33 9.49 0.50
N GLU A 10 7.19 10.58 -0.23
CA GLU A 10 6.78 11.85 0.35
C GLU A 10 5.44 11.72 1.06
N LYS A 11 5.31 12.43 2.20
CA LYS A 11 4.08 12.45 3.01
C LYS A 11 3.90 11.15 3.81
N ILE A 12 4.21 10.03 3.19
CA ILE A 12 4.04 8.73 3.83
C ILE A 12 5.26 8.30 4.65
N GLU A 13 6.38 9.03 4.49
CA GLU A 13 7.60 8.74 5.24
C GLU A 13 7.35 8.75 6.74
N GLY A 14 7.73 7.67 7.41
CA GLY A 14 7.61 7.60 8.84
C GLY A 14 6.29 7.02 9.31
N ARG A 15 5.25 7.22 8.52
CA ARG A 15 3.92 6.73 8.88
C ARG A 15 3.77 5.31 8.41
N MET A 16 3.99 5.11 7.12
CA MET A 16 3.93 3.79 6.55
C MET A 16 5.28 3.43 5.97
N ASP A 17 5.85 2.34 6.45
CA ASP A 17 7.16 1.91 6.00
C ASP A 17 7.22 0.38 6.00
N VAL A 18 8.26 -0.18 5.42
CA VAL A 18 8.42 -1.62 5.34
C VAL A 18 8.51 -2.23 6.74
N GLY A 19 7.58 -3.10 7.05
CA GLY A 19 7.54 -3.70 8.36
C GLY A 19 6.31 -3.27 9.15
N GLN A 20 5.71 -2.16 8.73
CA GLN A 20 4.50 -1.66 9.38
C GLN A 20 3.26 -2.38 8.87
N LYS A 21 2.19 -2.29 9.61
CA LYS A 21 0.95 -2.95 9.24
C LYS A 21 -0.06 -1.93 8.73
N VAL A 22 -0.77 -2.31 7.69
CA VAL A 22 -1.78 -1.45 7.11
C VAL A 22 -3.05 -2.22 6.85
N ARG A 23 -4.16 -1.55 6.98
CA ARG A 23 -5.45 -2.14 6.74
C ARG A 23 -6.14 -1.41 5.61
N VAL A 24 -6.80 -2.16 4.74
CA VAL A 24 -7.51 -1.57 3.65
C VAL A 24 -8.84 -1.02 4.14
N CYS A 25 -8.90 0.28 4.34
CA CYS A 25 -10.10 0.92 4.83
C CYS A 25 -11.10 1.13 3.72
N ARG A 26 -10.60 1.44 2.54
CA ARG A 26 -11.44 1.70 1.40
C ARG A 26 -10.75 1.20 0.14
N ILE A 27 -11.49 1.12 -0.94
CA ILE A 27 -10.94 0.67 -2.21
C ILE A 27 -11.31 1.62 -3.34
N ARG A 28 -10.40 1.77 -4.27
CA ARG A 28 -10.60 2.55 -5.50
C ARG A 28 -11.91 2.14 -6.19
N ASP A 29 -12.36 2.94 -7.14
CA ASP A 29 -13.59 2.59 -7.87
C ASP A 29 -13.32 1.51 -8.91
N ARG A 30 -12.99 0.33 -8.40
CA ARG A 30 -12.67 -0.82 -9.21
C ARG A 30 -12.41 -2.01 -8.30
N VAL A 31 -13.43 -2.81 -8.08
CA VAL A 31 -13.29 -3.94 -7.17
C VAL A 31 -13.18 -5.26 -7.93
N ALA A 32 -12.03 -5.91 -7.79
CA ALA A 32 -11.84 -7.21 -8.36
C ALA A 32 -12.30 -8.27 -7.37
N GLN A 33 -12.38 -9.51 -7.82
CA GLN A 33 -12.83 -10.61 -6.98
C GLN A 33 -11.93 -10.77 -5.74
N ASP A 34 -10.65 -10.45 -5.90
CA ASP A 34 -9.70 -10.51 -4.80
C ASP A 34 -9.74 -9.23 -3.98
N ILE A 35 -9.75 -8.10 -4.67
CA ILE A 35 -9.71 -6.79 -4.04
C ILE A 35 -10.89 -6.58 -3.10
N ILE A 36 -12.05 -7.11 -3.47
CA ILE A 36 -13.23 -6.95 -2.65
C ILE A 36 -13.06 -7.68 -1.29
N GLN A 37 -12.21 -8.71 -1.29
CA GLN A 37 -11.94 -9.48 -0.08
C GLN A 37 -11.00 -8.72 0.83
N LYS A 38 -10.19 -7.89 0.22
CA LYS A 38 -9.16 -7.15 0.91
C LYS A 38 -9.72 -5.96 1.68
N LEU A 39 -10.94 -5.57 1.35
CA LEU A 39 -11.59 -4.47 2.04
C LEU A 39 -11.79 -4.84 3.52
N GLY A 40 -11.04 -4.21 4.39
CA GLY A 40 -11.14 -4.49 5.80
C GLY A 40 -10.05 -5.44 6.29
N GLN A 41 -9.33 -6.04 5.36
CA GLN A 41 -8.29 -6.99 5.70
C GLN A 41 -6.99 -6.26 6.08
N VAL A 42 -6.26 -6.80 7.05
CA VAL A 42 -5.03 -6.18 7.55
C VAL A 42 -3.81 -6.95 7.06
N GLY A 43 -2.79 -6.24 6.64
CA GLY A 43 -1.58 -6.87 6.18
C GLY A 43 -0.35 -6.08 6.55
N GLN A 44 0.82 -6.57 6.16
CA GLN A 44 2.06 -5.89 6.49
C GLN A 44 2.72 -5.34 5.22
N ILE A 45 3.37 -4.20 5.36
CA ILE A 45 4.04 -3.56 4.25
C ILE A 45 5.38 -4.23 3.99
N THR A 46 5.52 -4.86 2.85
CA THR A 46 6.75 -5.51 2.49
C THR A 46 7.49 -4.72 1.42
N GLY A 47 6.90 -3.63 0.97
CA GLY A 47 7.53 -2.81 -0.02
C GLY A 47 6.56 -1.82 -0.64
N PHE A 48 7.09 -0.90 -1.41
CA PHE A 48 6.28 0.09 -2.10
C PHE A 48 6.20 -0.20 -3.58
N LYS A 49 5.26 0.44 -4.24
CA LYS A 49 5.06 0.26 -5.67
C LYS A 49 4.56 1.56 -6.27
N MET A 50 4.83 1.79 -7.54
CA MET A 50 4.30 2.97 -8.20
C MET A 50 2.86 2.71 -8.63
N THR A 51 2.03 3.72 -8.52
CA THR A 51 0.62 3.59 -8.87
C THR A 51 0.38 4.09 -10.28
N ASP A 52 -0.88 4.27 -10.61
CA ASP A 52 -1.27 4.80 -11.90
C ASP A 52 -1.10 6.32 -11.94
N GLY A 53 -0.72 6.89 -10.81
CA GLY A 53 -0.53 8.34 -10.74
C GLY A 53 -1.01 8.94 -9.43
N SER A 54 -1.82 8.21 -8.70
CA SER A 54 -2.35 8.71 -7.44
C SER A 54 -1.45 8.32 -6.26
N GLY A 55 -0.53 9.20 -5.91
CA GLY A 55 0.37 8.96 -4.79
C GLY A 55 1.23 7.74 -4.97
N VAL A 56 1.74 7.20 -3.87
CA VAL A 56 2.56 6.01 -3.91
C VAL A 56 1.72 4.78 -3.55
N GLY A 57 2.10 3.63 -4.07
CA GLY A 57 1.39 2.42 -3.80
C GLY A 57 2.10 1.58 -2.79
N VAL A 58 1.35 0.87 -1.99
CA VAL A 58 1.90 0.03 -0.96
C VAL A 58 1.63 -1.43 -1.28
N ILE A 59 2.69 -2.23 -1.37
CA ILE A 59 2.54 -3.65 -1.60
C ILE A 59 2.32 -4.34 -0.28
N VAL A 60 1.08 -4.65 -0.01
CA VAL A 60 0.70 -5.23 1.24
C VAL A 60 0.67 -6.75 1.17
N THR A 61 1.36 -7.38 2.08
CA THR A 61 1.35 -8.82 2.19
C THR A 61 0.56 -9.20 3.44
N PHE A 62 -0.57 -9.81 3.23
CA PHE A 62 -1.48 -10.16 4.30
C PHE A 62 -1.10 -11.50 4.92
N ASP A 63 -1.72 -11.83 6.06
CA ASP A 63 -1.42 -13.08 6.77
C ASP A 63 -1.86 -14.29 5.96
N ASP A 64 -2.73 -14.05 4.98
CA ASP A 64 -3.20 -15.10 4.07
C ASP A 64 -2.13 -15.40 3.03
N ARG A 65 -1.04 -14.61 3.06
CA ARG A 65 0.09 -14.72 2.12
C ARG A 65 -0.23 -14.04 0.80
N SER A 66 -1.40 -13.45 0.73
CA SER A 66 -1.83 -12.74 -0.45
C SER A 66 -1.15 -11.38 -0.49
N SER A 67 -0.70 -10.99 -1.66
CA SER A 67 -0.05 -9.72 -1.83
C SER A 67 -0.78 -8.87 -2.85
N THR A 68 -1.06 -7.63 -2.48
CA THR A 68 -1.76 -6.72 -3.36
C THR A 68 -1.28 -5.29 -3.11
N TRP A 69 -1.24 -4.49 -4.16
CA TRP A 69 -0.82 -3.11 -4.02
C TRP A 69 -2.03 -2.21 -3.86
N PHE A 70 -1.94 -1.30 -2.93
CA PHE A 70 -3.01 -0.36 -2.66
C PHE A 70 -2.46 1.05 -2.63
N PHE A 71 -3.34 2.02 -2.75
CA PHE A 71 -2.92 3.42 -2.70
C PHE A 71 -2.66 3.84 -1.27
N GLU A 72 -1.74 4.78 -1.10
CA GLU A 72 -1.40 5.34 0.21
C GLU A 72 -2.64 5.89 0.94
N ASP A 73 -3.60 6.38 0.16
CA ASP A 73 -4.83 6.96 0.70
C ASP A 73 -5.93 5.90 0.83
N GLU A 74 -5.69 4.78 0.18
CA GLU A 74 -6.65 3.69 0.13
C GLU A 74 -6.49 2.76 1.35
N VAL A 75 -5.32 2.81 1.97
CA VAL A 75 -5.06 2.04 3.18
C VAL A 75 -4.72 2.96 4.33
N GLU A 76 -4.70 2.41 5.54
CA GLU A 76 -4.33 3.17 6.72
C GLU A 76 -3.42 2.34 7.61
N VAL A 77 -2.54 3.01 8.33
CA VAL A 77 -1.57 2.33 9.18
C VAL A 77 -2.25 1.86 10.47
N VAL A 78 -2.11 0.58 10.77
CA VAL A 78 -2.74 -0.01 11.95
C VAL A 78 -1.73 -0.87 12.69
N GLY A 79 -1.31 -0.42 13.84
CA GLY A 79 -0.37 -1.16 14.63
C GLY A 79 -0.79 -1.22 16.07
N MET A 1 17.78 -6.57 -10.94
CA MET A 1 17.26 -5.43 -11.73
C MET A 1 15.92 -4.92 -11.17
N ALA A 2 15.29 -5.72 -10.33
CA ALA A 2 14.04 -5.35 -9.71
C ALA A 2 14.24 -5.08 -8.23
N SER A 3 13.14 -4.94 -7.49
CA SER A 3 13.19 -4.72 -6.04
C SER A 3 13.89 -3.41 -5.71
N TRP A 4 13.65 -2.39 -6.52
CA TRP A 4 14.23 -1.09 -6.30
C TRP A 4 13.57 -0.40 -5.11
N SER A 5 14.37 -0.02 -4.15
CA SER A 5 13.88 0.68 -2.98
C SER A 5 14.18 2.17 -3.09
N HIS A 6 13.12 2.94 -3.17
CA HIS A 6 13.22 4.37 -3.28
C HIS A 6 12.92 5.04 -1.94
N PRO A 7 13.96 5.57 -1.27
CA PRO A 7 13.81 6.21 0.04
C PRO A 7 13.15 7.58 -0.06
N GLN A 8 12.96 8.06 -1.28
CA GLN A 8 12.29 9.32 -1.49
C GLN A 8 10.78 9.17 -1.29
N PHE A 9 10.36 9.34 -0.06
CA PHE A 9 8.96 9.21 0.27
C PHE A 9 8.32 10.58 0.38
N GLU A 10 7.07 10.67 -0.03
CA GLU A 10 6.33 11.91 0.03
C GLU A 10 5.63 12.01 1.40
N LYS A 11 4.33 12.27 1.41
CA LYS A 11 3.58 12.36 2.66
C LYS A 11 3.35 10.97 3.26
N ILE A 12 3.97 9.99 2.65
CA ILE A 12 3.88 8.62 3.09
C ILE A 12 5.07 8.24 3.96
N GLU A 13 6.01 9.17 4.10
CA GLU A 13 7.22 8.91 4.88
C GLU A 13 6.88 8.68 6.35
N GLY A 14 6.05 9.54 6.91
CA GLY A 14 5.69 9.44 8.31
C GLY A 14 4.45 8.61 8.54
N ARG A 15 4.31 7.51 7.82
CA ARG A 15 3.18 6.61 7.97
C ARG A 15 3.42 5.27 7.29
N MET A 16 3.79 5.29 6.03
CA MET A 16 4.02 4.06 5.29
C MET A 16 5.49 3.67 5.36
N ASP A 17 5.75 2.55 5.97
CA ASP A 17 7.10 2.04 6.13
C ASP A 17 7.12 0.52 6.03
N VAL A 18 8.20 -0.03 5.52
CA VAL A 18 8.31 -1.47 5.36
C VAL A 18 8.29 -2.15 6.73
N GLY A 19 7.41 -3.13 6.88
CA GLY A 19 7.28 -3.81 8.13
C GLY A 19 6.06 -3.35 8.90
N GLN A 20 5.49 -2.23 8.48
CA GLN A 20 4.30 -1.70 9.12
C GLN A 20 3.06 -2.46 8.71
N LYS A 21 2.08 -2.47 9.57
CA LYS A 21 0.83 -3.14 9.31
C LYS A 21 -0.18 -2.15 8.78
N VAL A 22 -0.82 -2.49 7.70
CA VAL A 22 -1.80 -1.59 7.09
C VAL A 22 -3.08 -2.31 6.77
N ARG A 23 -4.18 -1.61 6.87
CA ARG A 23 -5.48 -2.17 6.61
C ARG A 23 -6.20 -1.40 5.53
N VAL A 24 -6.91 -2.10 4.67
CA VAL A 24 -7.64 -1.46 3.58
C VAL A 24 -8.98 -0.93 4.10
N CYS A 25 -9.10 0.39 4.16
CA CYS A 25 -10.30 1.04 4.67
C CYS A 25 -11.34 1.18 3.58
N ARG A 26 -10.88 1.33 2.37
CA ARG A 26 -11.75 1.59 1.25
C ARG A 26 -11.06 1.24 -0.04
N ILE A 27 -11.82 1.22 -1.10
CA ILE A 27 -11.30 1.07 -2.44
C ILE A 27 -11.93 2.16 -3.27
N ARG A 28 -11.17 2.81 -4.11
CA ARG A 28 -11.72 3.91 -4.91
C ARG A 28 -12.58 3.41 -6.08
N ASP A 29 -12.65 4.22 -7.15
CA ASP A 29 -13.51 3.96 -8.33
C ASP A 29 -13.02 2.76 -9.17
N ARG A 30 -12.51 1.74 -8.53
CA ARG A 30 -12.07 0.55 -9.21
C ARG A 30 -11.98 -0.59 -8.24
N VAL A 31 -13.08 -1.32 -8.10
CA VAL A 31 -13.10 -2.45 -7.19
C VAL A 31 -13.14 -3.76 -7.96
N ALA A 32 -12.08 -4.53 -7.87
CA ALA A 32 -12.04 -5.86 -8.47
C ALA A 32 -12.55 -6.87 -7.46
N GLN A 33 -12.99 -8.03 -7.93
CA GLN A 33 -13.51 -9.07 -7.05
C GLN A 33 -12.40 -9.64 -6.15
N ASP A 34 -11.21 -9.76 -6.70
CA ASP A 34 -10.07 -10.30 -5.95
C ASP A 34 -9.52 -9.26 -4.97
N ILE A 35 -9.90 -8.01 -5.17
CA ILE A 35 -9.43 -6.92 -4.34
C ILE A 35 -10.41 -6.64 -3.20
N ILE A 36 -11.69 -6.71 -3.51
CA ILE A 36 -12.73 -6.39 -2.54
C ILE A 36 -12.64 -7.32 -1.31
N GLN A 37 -12.07 -8.50 -1.50
CA GLN A 37 -11.92 -9.49 -0.43
C GLN A 37 -10.84 -9.06 0.57
N LYS A 38 -10.17 -7.96 0.28
CA LYS A 38 -9.10 -7.48 1.15
C LYS A 38 -9.58 -6.29 1.99
N LEU A 39 -10.82 -5.87 1.77
CA LEU A 39 -11.40 -4.76 2.54
C LEU A 39 -11.62 -5.15 3.99
N GLY A 40 -11.18 -4.30 4.89
CA GLY A 40 -11.35 -4.57 6.31
C GLY A 40 -10.28 -5.49 6.85
N GLN A 41 -9.44 -5.98 5.95
CA GLN A 41 -8.38 -6.89 6.32
C GLN A 41 -7.09 -6.13 6.53
N VAL A 42 -6.29 -6.59 7.46
CA VAL A 42 -5.01 -5.94 7.73
C VAL A 42 -3.85 -6.80 7.20
N GLY A 43 -2.84 -6.13 6.70
CA GLY A 43 -1.67 -6.81 6.18
C GLY A 43 -0.41 -6.08 6.57
N GLN A 44 0.69 -6.44 5.96
CA GLN A 44 1.97 -5.82 6.27
C GLN A 44 2.63 -5.28 5.00
N ILE A 45 3.22 -4.09 5.11
CA ILE A 45 3.93 -3.48 3.99
C ILE A 45 5.26 -4.20 3.77
N THR A 46 5.36 -4.91 2.67
CA THR A 46 6.57 -5.63 2.35
C THR A 46 7.46 -4.81 1.41
N GLY A 47 6.88 -3.81 0.77
CA GLY A 47 7.64 -2.98 -0.12
C GLY A 47 6.79 -1.91 -0.77
N PHE A 48 7.42 -1.01 -1.49
CA PHE A 48 6.72 0.05 -2.19
C PHE A 48 6.76 -0.18 -3.68
N LYS A 49 5.70 0.19 -4.34
CA LYS A 49 5.57 -0.02 -5.77
C LYS A 49 5.30 1.29 -6.48
N MET A 50 5.84 1.44 -7.67
CA MET A 50 5.55 2.60 -8.47
C MET A 50 4.32 2.30 -9.34
N THR A 51 3.35 3.19 -9.32
CA THR A 51 2.11 2.97 -10.05
C THR A 51 1.65 4.26 -10.74
N ASP A 52 1.74 4.27 -12.06
CA ASP A 52 1.34 5.43 -12.85
C ASP A 52 -0.15 5.63 -12.80
N GLY A 53 -0.55 6.88 -12.63
CA GLY A 53 -1.95 7.20 -12.52
C GLY A 53 -2.28 7.73 -11.15
N SER A 54 -1.32 7.64 -10.25
CA SER A 54 -1.48 8.10 -8.89
C SER A 54 -0.12 8.46 -8.26
N GLY A 55 0.84 7.55 -8.42
CA GLY A 55 2.16 7.81 -7.88
C GLY A 55 2.77 6.59 -7.23
N VAL A 56 2.61 6.48 -5.93
CA VAL A 56 3.19 5.38 -5.18
C VAL A 56 2.12 4.41 -4.70
N GLY A 57 2.39 3.13 -4.88
CA GLY A 57 1.49 2.10 -4.43
C GLY A 57 2.12 1.29 -3.33
N VAL A 58 1.34 0.87 -2.37
CA VAL A 58 1.85 0.12 -1.25
C VAL A 58 1.57 -1.37 -1.42
N ILE A 59 2.63 -2.16 -1.54
CA ILE A 59 2.47 -3.60 -1.66
C ILE A 59 2.22 -4.21 -0.29
N VAL A 60 1.00 -4.62 -0.07
CA VAL A 60 0.60 -5.16 1.21
C VAL A 60 0.48 -6.67 1.17
N THR A 61 1.23 -7.34 2.02
CA THR A 61 1.14 -8.76 2.16
C THR A 61 0.26 -9.08 3.36
N PHE A 62 -0.84 -9.75 3.11
CA PHE A 62 -1.80 -10.05 4.16
C PHE A 62 -1.49 -11.37 4.84
N ASP A 63 -2.28 -11.69 5.87
CA ASP A 63 -2.12 -12.93 6.64
C ASP A 63 -2.35 -14.16 5.75
N ASP A 64 -3.04 -13.93 4.62
CA ASP A 64 -3.31 -14.99 3.65
C ASP A 64 -2.04 -15.32 2.86
N ARG A 65 -0.98 -14.57 3.14
CA ARG A 65 0.33 -14.69 2.49
C ARG A 65 0.31 -14.13 1.08
N SER A 66 -0.83 -13.57 0.70
CA SER A 66 -0.97 -12.95 -0.59
C SER A 66 -0.62 -11.49 -0.50
N SER A 67 -0.19 -10.93 -1.59
CA SER A 67 0.22 -9.57 -1.62
C SER A 67 -0.57 -8.79 -2.66
N THR A 68 -1.00 -7.61 -2.28
CA THR A 68 -1.77 -6.77 -3.15
C THR A 68 -1.38 -5.32 -2.90
N TRP A 69 -1.19 -4.57 -3.97
CA TRP A 69 -0.82 -3.18 -3.85
C TRP A 69 -2.05 -2.30 -3.80
N PHE A 70 -2.05 -1.37 -2.88
CA PHE A 70 -3.14 -0.42 -2.72
C PHE A 70 -2.60 0.99 -2.72
N PHE A 71 -3.47 1.95 -2.84
CA PHE A 71 -3.05 3.33 -2.85
C PHE A 71 -2.78 3.83 -1.43
N GLU A 72 -1.87 4.77 -1.30
CA GLU A 72 -1.42 5.24 0.00
C GLU A 72 -2.51 5.93 0.83
N ASP A 73 -3.56 6.40 0.19
CA ASP A 73 -4.67 7.02 0.93
C ASP A 73 -5.84 6.05 1.03
N GLU A 74 -5.67 4.90 0.42
CA GLU A 74 -6.68 3.86 0.38
C GLU A 74 -6.55 2.92 1.58
N VAL A 75 -5.36 2.89 2.17
CA VAL A 75 -5.10 2.05 3.35
C VAL A 75 -4.74 2.90 4.57
N GLU A 76 -4.82 2.29 5.75
CA GLU A 76 -4.50 2.96 7.01
C GLU A 76 -3.33 2.25 7.68
N VAL A 77 -2.57 2.98 8.47
CA VAL A 77 -1.43 2.39 9.17
C VAL A 77 -1.83 1.94 10.56
N VAL A 78 -1.70 0.65 10.81
CA VAL A 78 -2.06 0.07 12.08
C VAL A 78 -0.81 -0.37 12.83
N GLY A 79 -0.75 -0.03 14.10
CA GLY A 79 0.38 -0.41 14.90
C GLY A 79 0.94 0.76 15.66
N MET A 1 26.62 4.59 -16.25
CA MET A 1 26.22 3.71 -15.14
C MET A 1 25.04 4.28 -14.41
N ALA A 2 24.56 3.56 -13.40
CA ALA A 2 23.45 4.05 -12.59
C ALA A 2 23.90 5.21 -11.73
N SER A 3 23.10 6.25 -11.68
CA SER A 3 23.44 7.42 -10.93
C SER A 3 22.81 7.37 -9.54
N TRP A 4 23.10 8.36 -8.73
CA TRP A 4 22.57 8.47 -7.38
C TRP A 4 21.07 8.68 -7.43
N SER A 5 20.38 8.30 -6.39
CA SER A 5 18.95 8.51 -6.30
C SER A 5 18.52 8.57 -4.84
N HIS A 6 17.59 9.45 -4.54
CA HIS A 6 17.06 9.54 -3.18
C HIS A 6 15.60 9.15 -3.17
N PRO A 7 15.13 8.53 -2.07
CA PRO A 7 13.74 8.12 -1.93
C PRO A 7 12.80 9.32 -1.99
N GLN A 8 12.09 9.46 -3.10
CA GLN A 8 11.17 10.56 -3.28
C GLN A 8 9.79 10.18 -2.79
N PHE A 9 9.38 10.78 -1.68
CA PHE A 9 8.08 10.50 -1.09
C PHE A 9 7.22 11.75 -1.09
N GLU A 10 5.92 11.54 -1.22
CA GLU A 10 4.96 12.64 -1.24
C GLU A 10 4.64 13.09 0.19
N LYS A 11 3.63 12.48 0.77
CA LYS A 11 3.25 12.73 2.16
C LYS A 11 3.22 11.40 2.88
N ILE A 12 3.89 10.45 2.26
CA ILE A 12 3.88 9.07 2.72
C ILE A 12 5.11 8.72 3.57
N GLU A 13 6.11 9.58 3.58
CA GLU A 13 7.31 9.33 4.36
C GLU A 13 6.98 9.47 5.84
N GLY A 14 7.24 8.43 6.60
CA GLY A 14 6.95 8.45 8.02
C GLY A 14 5.58 7.89 8.32
N ARG A 15 4.68 7.97 7.35
CA ARG A 15 3.33 7.46 7.50
C ARG A 15 3.32 6.02 7.07
N MET A 16 3.82 5.81 5.87
CA MET A 16 3.89 4.49 5.30
C MET A 16 5.31 3.99 5.46
N ASP A 17 5.46 2.90 6.17
CA ASP A 17 6.79 2.38 6.43
C ASP A 17 6.84 0.89 6.23
N VAL A 18 7.93 0.41 5.63
CA VAL A 18 8.10 -1.01 5.42
C VAL A 18 8.24 -1.70 6.76
N GLY A 19 7.33 -2.60 7.04
CA GLY A 19 7.30 -3.27 8.33
C GLY A 19 6.02 -2.95 9.06
N GLN A 20 5.42 -1.81 8.72
CA GLN A 20 4.17 -1.39 9.31
C GLN A 20 3.02 -2.21 8.77
N LYS A 21 2.00 -2.39 9.58
CA LYS A 21 0.84 -3.10 9.17
C LYS A 21 -0.21 -2.13 8.68
N VAL A 22 -0.90 -2.51 7.64
CA VAL A 22 -1.92 -1.67 7.08
C VAL A 22 -3.15 -2.49 6.74
N ARG A 23 -4.28 -1.83 6.71
CA ARG A 23 -5.53 -2.47 6.39
C ARG A 23 -6.26 -1.64 5.36
N VAL A 24 -6.82 -2.31 4.35
CA VAL A 24 -7.57 -1.61 3.32
C VAL A 24 -8.84 -1.03 3.93
N CYS A 25 -8.84 0.28 4.12
CA CYS A 25 -9.94 0.97 4.79
C CYS A 25 -10.96 1.48 3.78
N ARG A 26 -10.54 1.61 2.55
CA ARG A 26 -11.39 2.16 1.51
C ARG A 26 -10.94 1.66 0.17
N ILE A 27 -11.73 1.93 -0.86
CA ILE A 27 -11.39 1.54 -2.21
C ILE A 27 -11.57 2.73 -3.14
N ARG A 28 -10.48 3.20 -3.72
CA ARG A 28 -10.51 4.34 -4.62
C ARG A 28 -10.72 3.89 -6.07
N ASP A 29 -10.92 2.61 -6.25
CA ASP A 29 -11.13 2.04 -7.57
C ASP A 29 -12.36 1.14 -7.56
N ARG A 30 -12.48 0.23 -8.52
CA ARG A 30 -13.61 -0.68 -8.57
C ARG A 30 -13.32 -1.89 -7.73
N VAL A 31 -14.34 -2.47 -7.14
CA VAL A 31 -14.14 -3.62 -6.30
C VAL A 31 -13.90 -4.88 -7.16
N ALA A 32 -12.69 -5.40 -7.09
CA ALA A 32 -12.39 -6.64 -7.74
C ALA A 32 -12.73 -7.77 -6.81
N GLN A 33 -12.85 -8.96 -7.34
CA GLN A 33 -13.16 -10.12 -6.51
C GLN A 33 -12.06 -10.35 -5.47
N ASP A 34 -10.84 -9.95 -5.80
CA ASP A 34 -9.72 -10.02 -4.87
C ASP A 34 -9.75 -8.82 -3.93
N ILE A 35 -9.98 -7.64 -4.51
CA ILE A 35 -10.00 -6.38 -3.76
C ILE A 35 -11.06 -6.38 -2.68
N ILE A 36 -12.23 -6.89 -3.02
CA ILE A 36 -13.33 -6.88 -2.07
C ILE A 36 -13.00 -7.75 -0.85
N GLN A 37 -12.18 -8.77 -1.05
CA GLN A 37 -11.76 -9.66 0.03
C GLN A 37 -10.69 -8.98 0.87
N LYS A 38 -9.96 -8.07 0.25
CA LYS A 38 -8.88 -7.36 0.91
C LYS A 38 -9.42 -6.17 1.69
N LEU A 39 -10.61 -5.72 1.35
CA LEU A 39 -11.25 -4.61 2.04
C LEU A 39 -11.56 -5.04 3.48
N GLY A 40 -10.81 -4.50 4.41
CA GLY A 40 -11.00 -4.86 5.80
C GLY A 40 -9.98 -5.90 6.25
N GLN A 41 -9.16 -6.35 5.32
CA GLN A 41 -8.14 -7.34 5.63
C GLN A 41 -6.84 -6.63 6.02
N VAL A 42 -6.17 -7.16 7.03
CA VAL A 42 -4.94 -6.57 7.55
C VAL A 42 -3.71 -7.24 6.96
N GLY A 43 -2.70 -6.44 6.64
CA GLY A 43 -1.48 -6.97 6.11
C GLY A 43 -0.30 -6.13 6.50
N GLN A 44 0.87 -6.50 6.03
CA GLN A 44 2.09 -5.77 6.34
C GLN A 44 2.71 -5.18 5.08
N ILE A 45 3.24 -3.96 5.19
CA ILE A 45 3.92 -3.31 4.08
C ILE A 45 5.27 -3.94 3.86
N THR A 46 5.46 -4.56 2.71
CA THR A 46 6.71 -5.21 2.40
C THR A 46 7.54 -4.37 1.41
N GLY A 47 6.96 -3.28 0.94
CA GLY A 47 7.68 -2.43 0.02
C GLY A 47 6.78 -1.45 -0.70
N PHE A 48 7.39 -0.53 -1.43
CA PHE A 48 6.67 0.47 -2.19
C PHE A 48 6.72 0.15 -3.67
N LYS A 49 5.59 0.24 -4.32
CA LYS A 49 5.48 -0.04 -5.73
C LYS A 49 5.23 1.24 -6.51
N MET A 50 5.95 1.42 -7.60
CA MET A 50 5.71 2.57 -8.44
C MET A 50 4.54 2.27 -9.36
N THR A 51 3.51 3.09 -9.29
CA THR A 51 2.31 2.87 -10.06
C THR A 51 1.98 4.08 -10.93
N ASP A 52 2.00 3.86 -12.24
CA ASP A 52 1.72 4.91 -13.21
C ASP A 52 0.33 5.48 -13.01
N GLY A 53 0.26 6.77 -12.73
CA GLY A 53 -1.01 7.43 -12.54
C GLY A 53 -1.17 7.93 -11.12
N SER A 54 -1.34 7.01 -10.19
CA SER A 54 -1.54 7.36 -8.79
C SER A 54 -0.22 7.75 -8.13
N GLY A 55 0.87 7.19 -8.62
CA GLY A 55 2.17 7.50 -8.07
C GLY A 55 2.77 6.32 -7.33
N VAL A 56 2.37 6.14 -6.09
CA VAL A 56 2.90 5.06 -5.27
C VAL A 56 1.81 4.09 -4.86
N GLY A 57 2.10 2.81 -5.02
CA GLY A 57 1.21 1.77 -4.60
C GLY A 57 1.86 0.99 -3.49
N VAL A 58 1.10 0.61 -2.50
CA VAL A 58 1.64 -0.10 -1.37
C VAL A 58 1.49 -1.60 -1.55
N ILE A 59 2.61 -2.32 -1.58
CA ILE A 59 2.59 -3.76 -1.69
C ILE A 59 2.38 -4.35 -0.30
N VAL A 60 1.17 -4.79 -0.04
CA VAL A 60 0.81 -5.31 1.26
C VAL A 60 0.74 -6.82 1.25
N THR A 61 1.39 -7.44 2.21
CA THR A 61 1.33 -8.87 2.41
C THR A 61 0.37 -9.16 3.56
N PHE A 62 -0.81 -9.66 3.23
CA PHE A 62 -1.86 -9.87 4.22
C PHE A 62 -1.70 -11.17 4.97
N ASP A 63 -2.62 -11.42 5.91
CA ASP A 63 -2.62 -12.65 6.71
C ASP A 63 -2.94 -13.85 5.83
N ASP A 64 -3.45 -13.56 4.64
CA ASP A 64 -3.74 -14.58 3.65
C ASP A 64 -2.44 -15.03 2.97
N ARG A 65 -1.35 -14.33 3.34
CA ARG A 65 -0.01 -14.60 2.84
C ARG A 65 0.12 -14.27 1.36
N SER A 66 -0.79 -13.45 0.89
CA SER A 66 -0.77 -12.98 -0.47
C SER A 66 -0.41 -11.50 -0.47
N SER A 67 -0.02 -11.01 -1.61
CA SER A 67 0.36 -9.63 -1.71
C SER A 67 -0.47 -8.92 -2.77
N THR A 68 -0.86 -7.71 -2.47
CA THR A 68 -1.64 -6.90 -3.39
C THR A 68 -1.25 -5.43 -3.21
N TRP A 69 -1.34 -4.66 -4.28
CA TRP A 69 -0.99 -3.25 -4.21
C TRP A 69 -2.24 -2.40 -4.07
N PHE A 70 -2.18 -1.42 -3.20
CA PHE A 70 -3.28 -0.50 -3.00
C PHE A 70 -2.75 0.92 -2.92
N PHE A 71 -3.64 1.90 -3.02
CA PHE A 71 -3.22 3.29 -2.97
C PHE A 71 -2.77 3.69 -1.56
N GLU A 72 -1.94 4.71 -1.49
CA GLU A 72 -1.36 5.16 -0.23
C GLU A 72 -2.40 5.62 0.80
N ASP A 73 -3.39 6.39 0.35
CA ASP A 73 -4.44 6.88 1.25
C ASP A 73 -5.64 5.93 1.25
N GLU A 74 -5.44 4.76 0.69
CA GLU A 74 -6.48 3.75 0.60
C GLU A 74 -6.33 2.74 1.73
N VAL A 75 -5.14 2.65 2.29
CA VAL A 75 -4.88 1.75 3.39
C VAL A 75 -4.58 2.54 4.67
N GLU A 76 -4.97 1.98 5.79
CA GLU A 76 -4.76 2.63 7.08
C GLU A 76 -3.59 2.00 7.82
N VAL A 77 -2.79 2.83 8.47
CA VAL A 77 -1.64 2.35 9.24
C VAL A 77 -2.12 1.84 10.60
N VAL A 78 -1.78 0.60 10.91
CA VAL A 78 -2.25 -0.04 12.14
C VAL A 78 -1.15 -0.86 12.78
N GLY A 79 -1.34 -1.21 14.04
CA GLY A 79 -0.37 -2.02 14.75
C GLY A 79 0.86 -1.22 15.10
N MET A 1 23.49 14.29 -13.74
CA MET A 1 22.44 14.29 -14.78
C MET A 1 21.91 12.89 -15.02
N ALA A 2 20.68 12.65 -14.60
CA ALA A 2 20.07 11.33 -14.75
C ALA A 2 18.57 11.43 -14.58
N SER A 3 17.89 10.33 -14.82
CA SER A 3 16.46 10.27 -14.63
C SER A 3 16.17 9.89 -13.20
N TRP A 4 15.29 10.65 -12.55
CA TRP A 4 14.88 10.48 -11.15
C TRP A 4 16.07 10.56 -10.18
N SER A 5 16.00 11.52 -9.29
CA SER A 5 17.02 11.66 -8.27
C SER A 5 16.38 11.54 -6.90
N HIS A 6 15.11 11.93 -6.81
CA HIS A 6 14.37 11.82 -5.57
C HIS A 6 12.93 11.39 -5.87
N PRO A 7 12.48 10.27 -5.28
CA PRO A 7 11.11 9.77 -5.49
C PRO A 7 10.08 10.73 -4.89
N GLN A 8 10.45 11.34 -3.77
CA GLN A 8 9.59 12.28 -3.06
C GLN A 8 8.35 11.60 -2.51
N PHE A 9 8.47 11.03 -1.33
CA PHE A 9 7.37 10.38 -0.68
C PHE A 9 6.67 11.36 0.27
N GLU A 10 5.94 12.32 -0.33
CA GLU A 10 5.24 13.41 0.39
C GLU A 10 4.66 12.99 1.73
N LYS A 11 3.45 12.45 1.71
CA LYS A 11 2.78 12.04 2.93
C LYS A 11 2.93 10.54 3.11
N ILE A 12 3.81 9.94 2.34
CA ILE A 12 4.00 8.51 2.39
C ILE A 12 5.12 8.16 3.35
N GLU A 13 6.28 8.77 3.17
CA GLU A 13 7.42 8.50 4.02
C GLU A 13 7.21 9.13 5.40
N GLY A 14 6.80 8.29 6.32
CA GLY A 14 6.52 8.72 7.67
C GLY A 14 5.48 7.84 8.29
N ARG A 15 4.31 7.78 7.66
CA ARG A 15 3.25 6.91 8.13
C ARG A 15 3.35 5.55 7.48
N MET A 16 3.75 5.54 6.21
CA MET A 16 3.89 4.31 5.47
C MET A 16 5.34 3.87 5.53
N ASP A 17 5.59 2.76 6.16
CA ASP A 17 6.95 2.27 6.31
C ASP A 17 6.97 0.76 6.24
N VAL A 18 8.04 0.23 5.67
CA VAL A 18 8.18 -1.21 5.54
C VAL A 18 8.24 -1.85 6.93
N GLY A 19 7.37 -2.82 7.17
CA GLY A 19 7.30 -3.45 8.47
C GLY A 19 6.06 -3.04 9.22
N GLN A 20 5.48 -1.91 8.82
CA GLN A 20 4.26 -1.42 9.42
C GLN A 20 3.06 -2.15 8.86
N LYS A 21 2.08 -2.39 9.69
CA LYS A 21 0.87 -3.05 9.26
C LYS A 21 -0.17 -2.02 8.85
N VAL A 22 -0.91 -2.34 7.83
CA VAL A 22 -1.93 -1.46 7.31
C VAL A 22 -3.21 -2.24 7.03
N ARG A 23 -4.31 -1.53 7.02
CA ARG A 23 -5.60 -2.15 6.77
C ARG A 23 -6.30 -1.41 5.64
N VAL A 24 -6.83 -2.16 4.69
CA VAL A 24 -7.52 -1.57 3.56
C VAL A 24 -8.87 -1.02 4.00
N CYS A 25 -9.00 0.30 3.98
CA CYS A 25 -10.21 0.95 4.43
C CYS A 25 -11.20 1.08 3.29
N ARG A 26 -10.70 1.48 2.14
CA ARG A 26 -11.53 1.72 0.98
C ARG A 26 -10.72 1.50 -0.26
N ILE A 27 -11.38 1.49 -1.40
CA ILE A 27 -10.70 1.37 -2.68
C ILE A 27 -10.89 2.66 -3.47
N ARG A 28 -9.79 3.23 -3.92
CA ARG A 28 -9.81 4.49 -4.64
C ARG A 28 -10.23 4.28 -6.09
N ASP A 29 -9.77 3.19 -6.68
CA ASP A 29 -10.09 2.88 -8.07
C ASP A 29 -11.32 1.96 -8.10
N ARG A 30 -11.53 1.27 -9.21
CA ARG A 30 -12.64 0.35 -9.33
C ARG A 30 -12.37 -0.88 -8.48
N VAL A 31 -13.24 -1.14 -7.52
CA VAL A 31 -13.07 -2.29 -6.66
C VAL A 31 -13.37 -3.59 -7.41
N ALA A 32 -12.34 -4.40 -7.59
CA ALA A 32 -12.46 -5.67 -8.28
C ALA A 32 -12.89 -6.76 -7.32
N GLN A 33 -13.33 -7.88 -7.88
CA GLN A 33 -13.78 -9.04 -7.10
C GLN A 33 -12.66 -9.60 -6.21
N ASP A 34 -11.43 -9.30 -6.56
CA ASP A 34 -10.29 -9.80 -5.80
C ASP A 34 -9.97 -8.88 -4.63
N ILE A 35 -9.82 -7.60 -4.92
CA ILE A 35 -9.44 -6.63 -3.89
C ILE A 35 -10.58 -6.33 -2.92
N ILE A 36 -11.82 -6.64 -3.31
CA ILE A 36 -12.95 -6.44 -2.42
C ILE A 36 -12.86 -7.38 -1.22
N GLN A 37 -12.17 -8.49 -1.41
CA GLN A 37 -11.97 -9.46 -0.34
C GLN A 37 -10.92 -8.94 0.63
N LYS A 38 -10.01 -8.13 0.10
CA LYS A 38 -8.92 -7.59 0.89
C LYS A 38 -9.39 -6.42 1.74
N LEU A 39 -10.52 -5.83 1.37
CA LEU A 39 -11.12 -4.74 2.13
C LEU A 39 -11.42 -5.19 3.55
N GLY A 40 -10.84 -4.49 4.51
CA GLY A 40 -11.05 -4.83 5.89
C GLY A 40 -9.95 -5.69 6.47
N GLN A 41 -9.13 -6.28 5.60
CA GLN A 41 -8.04 -7.14 6.04
C GLN A 41 -6.82 -6.31 6.40
N VAL A 42 -6.08 -6.79 7.39
CA VAL A 42 -4.86 -6.14 7.84
C VAL A 42 -3.65 -6.86 7.28
N GLY A 43 -2.73 -6.12 6.70
CA GLY A 43 -1.53 -6.71 6.15
C GLY A 43 -0.31 -5.92 6.51
N GLN A 44 0.85 -6.37 6.08
CA GLN A 44 2.09 -5.67 6.39
C GLN A 44 2.73 -5.10 5.13
N ILE A 45 3.23 -3.89 5.23
CA ILE A 45 3.92 -3.23 4.12
C ILE A 45 5.23 -3.95 3.84
N THR A 46 5.30 -4.62 2.72
CA THR A 46 6.48 -5.34 2.34
C THR A 46 7.22 -4.65 1.19
N GLY A 47 6.60 -3.64 0.61
CA GLY A 47 7.22 -2.91 -0.46
C GLY A 47 6.37 -1.78 -0.95
N PHE A 48 6.87 -1.06 -1.94
CA PHE A 48 6.15 0.06 -2.52
C PHE A 48 6.10 -0.09 -4.03
N LYS A 49 4.99 0.28 -4.61
CA LYS A 49 4.81 0.16 -6.04
C LYS A 49 4.66 1.53 -6.68
N MET A 50 5.62 1.88 -7.52
CA MET A 50 5.60 3.16 -8.19
C MET A 50 4.48 3.24 -9.22
N THR A 51 3.42 3.94 -8.86
CA THR A 51 2.28 4.13 -9.73
C THR A 51 2.11 5.62 -10.04
N ASP A 52 1.44 5.92 -11.14
CA ASP A 52 1.26 7.30 -11.56
C ASP A 52 -0.11 7.84 -11.17
N GLY A 53 -1.14 7.25 -11.75
CA GLY A 53 -2.49 7.72 -11.50
C GLY A 53 -2.99 7.40 -10.11
N SER A 54 -3.88 8.25 -9.61
CA SER A 54 -4.50 8.11 -8.29
C SER A 54 -3.52 8.43 -7.16
N GLY A 55 -2.41 7.73 -7.12
CA GLY A 55 -1.42 7.93 -6.11
C GLY A 55 -0.35 6.87 -6.16
N VAL A 56 0.41 6.75 -5.10
CA VAL A 56 1.46 5.75 -5.04
C VAL A 56 0.94 4.50 -4.34
N GLY A 57 1.17 3.35 -4.94
CA GLY A 57 0.70 2.12 -4.38
C GLY A 57 1.68 1.50 -3.42
N VAL A 58 1.14 0.86 -2.40
CA VAL A 58 1.92 0.19 -1.41
C VAL A 58 1.69 -1.31 -1.50
N ILE A 59 2.75 -2.07 -1.69
CA ILE A 59 2.63 -3.51 -1.80
C ILE A 59 2.50 -4.12 -0.41
N VAL A 60 1.30 -4.59 -0.11
CA VAL A 60 1.00 -5.13 1.21
C VAL A 60 0.81 -6.64 1.14
N THR A 61 1.49 -7.34 2.02
CA THR A 61 1.34 -8.78 2.12
C THR A 61 0.49 -9.11 3.35
N PHE A 62 -0.61 -9.82 3.11
CA PHE A 62 -1.55 -10.15 4.18
C PHE A 62 -1.21 -11.49 4.84
N ASP A 63 -1.96 -11.82 5.88
CA ASP A 63 -1.73 -13.03 6.65
C ASP A 63 -2.28 -14.27 5.94
N ASP A 64 -2.93 -14.06 4.81
CA ASP A 64 -3.48 -15.17 4.04
C ASP A 64 -2.49 -15.57 2.94
N ARG A 65 -1.25 -15.09 3.08
CA ARG A 65 -0.14 -15.40 2.16
C ARG A 65 -0.34 -14.75 0.80
N SER A 66 -1.23 -13.76 0.73
CA SER A 66 -1.48 -13.06 -0.50
C SER A 66 -0.98 -11.62 -0.41
N SER A 67 -0.36 -11.14 -1.46
CA SER A 67 0.12 -9.77 -1.49
C SER A 67 -0.62 -8.97 -2.55
N THR A 68 -0.93 -7.74 -2.22
CA THR A 68 -1.64 -6.86 -3.13
C THR A 68 -1.22 -5.42 -2.87
N TRP A 69 -1.19 -4.61 -3.91
CA TRP A 69 -0.80 -3.23 -3.77
C TRP A 69 -2.02 -2.34 -3.62
N PHE A 70 -1.95 -1.45 -2.66
CA PHE A 70 -3.03 -0.51 -2.40
C PHE A 70 -2.47 0.89 -2.26
N PHE A 71 -3.22 1.88 -2.67
CA PHE A 71 -2.77 3.26 -2.65
C PHE A 71 -2.56 3.76 -1.22
N GLU A 72 -1.76 4.80 -1.11
CA GLU A 72 -1.41 5.44 0.17
C GLU A 72 -2.65 5.85 0.99
N ASP A 73 -3.61 6.49 0.35
CA ASP A 73 -4.82 6.96 1.04
C ASP A 73 -5.92 5.90 0.96
N GLU A 74 -5.54 4.72 0.55
CA GLU A 74 -6.46 3.60 0.38
C GLU A 74 -6.36 2.66 1.59
N VAL A 75 -5.23 2.72 2.28
CA VAL A 75 -5.00 1.89 3.46
C VAL A 75 -4.60 2.74 4.67
N GLU A 76 -5.02 2.32 5.86
CA GLU A 76 -4.66 3.03 7.08
C GLU A 76 -3.57 2.27 7.81
N VAL A 77 -2.80 2.96 8.62
CA VAL A 77 -1.74 2.34 9.37
C VAL A 77 -2.25 1.83 10.72
N VAL A 78 -2.14 0.54 10.93
CA VAL A 78 -2.58 -0.09 12.16
C VAL A 78 -1.65 -1.26 12.51
N GLY A 79 -0.85 -1.08 13.53
CA GLY A 79 0.06 -2.11 13.92
C GLY A 79 1.50 -1.68 13.71
N MET A 1 15.46 12.55 -9.30
CA MET A 1 14.92 12.63 -10.67
C MET A 1 15.95 12.17 -11.69
N ALA A 2 15.97 10.87 -11.95
CA ALA A 2 16.90 10.29 -12.90
C ALA A 2 16.25 9.13 -13.63
N SER A 3 17.06 8.33 -14.31
CA SER A 3 16.57 7.18 -15.06
C SER A 3 15.90 6.17 -14.12
N TRP A 4 16.45 6.01 -12.94
CA TRP A 4 15.88 5.11 -11.96
C TRP A 4 15.90 5.73 -10.57
N SER A 5 17.04 5.60 -9.88
CA SER A 5 17.20 6.07 -8.51
C SER A 5 16.19 5.38 -7.54
N HIS A 6 16.38 5.60 -6.26
CA HIS A 6 15.49 5.02 -5.27
C HIS A 6 14.14 5.74 -5.32
N PRO A 7 13.03 5.03 -5.06
CA PRO A 7 11.70 5.65 -5.04
C PRO A 7 11.64 6.77 -4.00
N GLN A 8 11.40 7.98 -4.46
CA GLN A 8 11.33 9.12 -3.57
C GLN A 8 9.92 9.24 -3.03
N PHE A 9 9.82 9.43 -1.72
CA PHE A 9 8.53 9.52 -1.08
C PHE A 9 8.23 10.94 -0.67
N GLU A 10 7.08 11.45 -1.11
CA GLU A 10 6.65 12.79 -0.76
C GLU A 10 6.20 12.84 0.68
N LYS A 11 5.04 12.26 0.96
CA LYS A 11 4.50 12.23 2.30
C LYS A 11 4.03 10.82 2.61
N ILE A 12 4.96 9.89 2.51
CA ILE A 12 4.65 8.48 2.68
C ILE A 12 5.60 7.83 3.67
N GLU A 13 6.88 8.01 3.45
CA GLU A 13 7.93 7.39 4.25
C GLU A 13 7.82 7.76 5.75
N GLY A 14 7.24 8.92 6.02
CA GLY A 14 7.10 9.38 7.39
C GLY A 14 5.85 8.85 8.08
N ARG A 15 5.03 8.10 7.35
CA ARG A 15 3.79 7.54 7.91
C ARG A 15 3.66 6.07 7.58
N MET A 16 3.85 5.73 6.33
CA MET A 16 3.79 4.35 5.89
C MET A 16 5.20 3.78 5.94
N ASP A 17 5.43 2.83 6.80
CA ASP A 17 6.77 2.28 6.98
C ASP A 17 6.80 0.80 6.67
N VAL A 18 7.95 0.34 6.20
CA VAL A 18 8.12 -1.07 5.90
C VAL A 18 8.14 -1.89 7.19
N GLY A 19 7.41 -2.99 7.21
CA GLY A 19 7.33 -3.79 8.41
C GLY A 19 6.08 -3.47 9.20
N GLN A 20 5.52 -2.30 8.92
CA GLN A 20 4.28 -1.88 9.56
C GLN A 20 3.10 -2.49 8.83
N LYS A 21 1.98 -2.56 9.49
CA LYS A 21 0.81 -3.15 8.90
C LYS A 21 -0.16 -2.07 8.48
N VAL A 22 -0.93 -2.38 7.47
CA VAL A 22 -1.94 -1.48 6.97
C VAL A 22 -3.22 -2.22 6.72
N ARG A 23 -4.31 -1.51 6.77
CA ARG A 23 -5.61 -2.09 6.58
C ARG A 23 -6.34 -1.37 5.47
N VAL A 24 -6.93 -2.14 4.57
CA VAL A 24 -7.67 -1.58 3.45
C VAL A 24 -9.08 -1.21 3.89
N CYS A 25 -9.37 0.07 3.89
CA CYS A 25 -10.68 0.55 4.31
C CYS A 25 -11.51 1.01 3.13
N ARG A 26 -10.87 1.29 2.02
CA ARG A 26 -11.57 1.71 0.82
C ARG A 26 -10.79 1.33 -0.41
N ILE A 27 -11.50 1.20 -1.51
CA ILE A 27 -10.89 0.89 -2.79
C ILE A 27 -11.13 2.05 -3.74
N ARG A 28 -10.06 2.61 -4.26
CA ARG A 28 -10.16 3.74 -5.17
C ARG A 28 -10.77 3.34 -6.50
N ASP A 29 -10.53 2.12 -6.92
CA ASP A 29 -11.08 1.63 -8.17
C ASP A 29 -12.30 0.75 -7.89
N ARG A 30 -12.75 0.00 -8.88
CA ARG A 30 -13.88 -0.90 -8.70
C ARG A 30 -13.45 -2.10 -7.87
N VAL A 31 -14.36 -2.66 -7.10
CA VAL A 31 -14.01 -3.80 -6.26
C VAL A 31 -13.95 -5.08 -7.07
N ALA A 32 -12.76 -5.63 -7.16
CA ALA A 32 -12.54 -6.89 -7.83
C ALA A 32 -12.80 -8.02 -6.86
N GLN A 33 -12.87 -9.24 -7.38
CA GLN A 33 -13.15 -10.42 -6.56
C GLN A 33 -12.13 -10.59 -5.43
N ASP A 34 -10.89 -10.20 -5.68
CA ASP A 34 -9.82 -10.36 -4.69
C ASP A 34 -9.76 -9.21 -3.71
N ILE A 35 -9.71 -7.99 -4.24
CA ILE A 35 -9.55 -6.80 -3.38
C ILE A 35 -10.76 -6.53 -2.49
N ILE A 36 -11.92 -7.11 -2.82
CA ILE A 36 -13.09 -6.95 -1.98
C ILE A 36 -12.92 -7.76 -0.68
N GLN A 37 -12.10 -8.80 -0.77
CA GLN A 37 -11.77 -9.63 0.38
C GLN A 37 -10.79 -8.90 1.27
N LYS A 38 -10.07 -7.99 0.65
CA LYS A 38 -9.05 -7.22 1.31
C LYS A 38 -9.67 -6.07 2.09
N LEU A 39 -10.94 -5.78 1.82
CA LEU A 39 -11.67 -4.76 2.55
C LEU A 39 -11.83 -5.18 3.99
N GLY A 40 -11.14 -4.51 4.88
CA GLY A 40 -11.18 -4.86 6.27
C GLY A 40 -10.12 -5.88 6.64
N GLN A 41 -9.26 -6.21 5.68
CA GLN A 41 -8.19 -7.16 5.92
C GLN A 41 -6.90 -6.41 6.25
N VAL A 42 -6.19 -6.89 7.26
CA VAL A 42 -4.96 -6.26 7.68
C VAL A 42 -3.74 -7.00 7.11
N GLY A 43 -2.83 -6.26 6.52
CA GLY A 43 -1.64 -6.86 5.96
C GLY A 43 -0.40 -6.07 6.33
N GLN A 44 0.76 -6.57 5.96
CA GLN A 44 2.01 -5.91 6.32
C GLN A 44 2.70 -5.32 5.09
N ILE A 45 3.24 -4.11 5.25
CA ILE A 45 3.96 -3.44 4.17
C ILE A 45 5.31 -4.10 3.96
N THR A 46 5.49 -4.71 2.81
CA THR A 46 6.72 -5.38 2.49
C THR A 46 7.49 -4.64 1.40
N GLY A 47 6.97 -3.50 0.99
CA GLY A 47 7.62 -2.70 -0.03
C GLY A 47 6.65 -1.75 -0.68
N PHE A 48 7.17 -0.83 -1.46
CA PHE A 48 6.34 0.14 -2.16
C PHE A 48 6.43 -0.08 -3.67
N LYS A 49 5.31 0.12 -4.33
CA LYS A 49 5.21 -0.07 -5.76
C LYS A 49 5.01 1.27 -6.45
N MET A 50 5.76 1.51 -7.51
CA MET A 50 5.66 2.75 -8.24
C MET A 50 4.42 2.76 -9.14
N THR A 51 3.79 3.90 -9.23
CA THR A 51 2.61 4.07 -10.06
C THR A 51 2.70 5.38 -10.81
N ASP A 52 2.22 5.40 -12.03
CA ASP A 52 2.21 6.61 -12.81
C ASP A 52 0.91 7.36 -12.53
N GLY A 53 0.99 8.30 -11.61
CA GLY A 53 -0.18 9.03 -11.20
C GLY A 53 -0.68 8.52 -9.87
N SER A 54 -1.36 9.39 -9.11
CA SER A 54 -1.87 9.06 -7.78
C SER A 54 -0.72 8.87 -6.79
N GLY A 55 -1.05 8.59 -5.54
CA GLY A 55 -0.05 8.36 -4.53
C GLY A 55 0.65 7.04 -4.77
N VAL A 56 1.86 6.90 -4.26
CA VAL A 56 2.64 5.68 -4.45
C VAL A 56 1.91 4.47 -3.86
N GLY A 57 1.95 3.37 -4.60
CA GLY A 57 1.27 2.18 -4.15
C GLY A 57 2.05 1.43 -3.11
N VAL A 58 1.35 0.87 -2.17
CA VAL A 58 1.95 0.12 -1.10
C VAL A 58 1.70 -1.37 -1.32
N ILE A 59 2.78 -2.14 -1.44
CA ILE A 59 2.65 -3.58 -1.59
C ILE A 59 2.43 -4.21 -0.23
N VAL A 60 1.21 -4.63 0.00
CA VAL A 60 0.82 -5.17 1.28
C VAL A 60 0.73 -6.69 1.23
N THR A 61 1.52 -7.34 2.05
CA THR A 61 1.49 -8.77 2.16
C THR A 61 0.63 -9.17 3.36
N PHE A 62 -0.55 -9.68 3.07
CA PHE A 62 -1.49 -10.06 4.10
C PHE A 62 -1.14 -11.42 4.67
N ASP A 63 -1.71 -11.73 5.83
CA ASP A 63 -1.46 -13.01 6.51
C ASP A 63 -2.03 -14.17 5.70
N ASP A 64 -2.88 -13.84 4.76
CA ASP A 64 -3.51 -14.81 3.88
C ASP A 64 -2.53 -15.24 2.76
N ARG A 65 -1.28 -14.77 2.88
CA ARG A 65 -0.20 -15.08 1.92
C ARG A 65 -0.45 -14.38 0.59
N SER A 66 -1.34 -13.41 0.61
CA SER A 66 -1.68 -12.66 -0.57
C SER A 66 -1.06 -11.27 -0.48
N SER A 67 -0.39 -10.86 -1.53
CA SER A 67 0.19 -9.55 -1.57
C SER A 67 -0.48 -8.71 -2.64
N THR A 68 -0.97 -7.55 -2.24
CA THR A 68 -1.66 -6.67 -3.14
C THR A 68 -1.20 -5.24 -2.90
N TRP A 69 -1.12 -4.46 -3.96
CA TRP A 69 -0.71 -3.08 -3.83
C TRP A 69 -1.93 -2.16 -3.77
N PHE A 70 -1.90 -1.23 -2.85
CA PHE A 70 -2.98 -0.28 -2.69
C PHE A 70 -2.40 1.12 -2.59
N PHE A 71 -3.22 2.12 -2.86
CA PHE A 71 -2.75 3.48 -2.81
C PHE A 71 -2.61 3.95 -1.37
N GLU A 72 -1.61 4.76 -1.13
CA GLU A 72 -1.32 5.30 0.21
C GLU A 72 -2.55 6.00 0.82
N ASP A 73 -3.43 6.47 -0.04
CA ASP A 73 -4.60 7.22 0.40
C ASP A 73 -5.81 6.31 0.61
N GLU A 74 -5.67 5.02 0.30
CA GLU A 74 -6.80 4.11 0.45
C GLU A 74 -6.56 3.09 1.57
N VAL A 75 -5.39 3.18 2.20
CA VAL A 75 -5.04 2.29 3.32
C VAL A 75 -4.60 3.09 4.54
N GLU A 76 -4.69 2.48 5.71
CA GLU A 76 -4.30 3.12 6.96
C GLU A 76 -3.34 2.22 7.74
N VAL A 77 -2.43 2.83 8.51
CA VAL A 77 -1.45 2.07 9.29
C VAL A 77 -2.06 1.53 10.57
N VAL A 78 -1.79 0.28 10.88
CA VAL A 78 -2.30 -0.40 12.06
C VAL A 78 -1.26 -1.37 12.60
N GLY A 79 -1.43 -1.81 13.83
CA GLY A 79 -0.50 -2.75 14.41
C GLY A 79 -1.15 -3.65 15.43
N MET A 1 17.11 3.00 -20.92
CA MET A 1 16.75 1.87 -20.03
C MET A 1 15.99 2.39 -18.82
N ALA A 2 15.59 1.47 -17.95
CA ALA A 2 14.86 1.83 -16.73
C ALA A 2 15.76 2.63 -15.80
N SER A 3 15.23 3.71 -15.28
CA SER A 3 15.96 4.57 -14.38
C SER A 3 15.67 4.19 -12.93
N TRP A 4 16.71 3.94 -12.16
CA TRP A 4 16.55 3.55 -10.77
C TRP A 4 16.13 4.75 -9.93
N SER A 5 17.11 5.58 -9.55
CA SER A 5 16.91 6.75 -8.67
C SER A 5 16.21 6.39 -7.34
N HIS A 6 16.92 6.58 -6.23
CA HIS A 6 16.39 6.27 -4.91
C HIS A 6 14.99 6.86 -4.70
N PRO A 7 14.04 6.03 -4.20
CA PRO A 7 12.64 6.44 -3.99
C PRO A 7 12.49 7.65 -3.07
N GLN A 8 13.50 7.84 -2.20
CA GLN A 8 13.56 8.97 -1.25
C GLN A 8 12.22 9.25 -0.57
N PHE A 9 11.86 8.39 0.37
CA PHE A 9 10.62 8.54 1.10
C PHE A 9 10.78 9.55 2.22
N GLU A 10 10.40 10.79 1.97
CA GLU A 10 10.49 11.85 2.97
C GLU A 10 9.46 11.66 4.08
N LYS A 11 8.29 12.21 3.87
CA LYS A 11 7.23 12.13 4.87
C LYS A 11 6.39 10.88 4.67
N ILE A 12 6.53 10.25 3.51
CA ILE A 12 5.82 9.00 3.24
C ILE A 12 6.21 7.96 4.25
N GLU A 13 7.51 7.79 4.43
CA GLU A 13 8.06 6.83 5.38
C GLU A 13 7.65 7.17 6.82
N GLY A 14 7.42 8.45 7.07
CA GLY A 14 7.00 8.88 8.38
C GLY A 14 5.66 8.29 8.78
N ARG A 15 4.74 8.24 7.82
CA ARG A 15 3.42 7.70 8.08
C ARG A 15 3.34 6.21 7.70
N MET A 16 3.94 5.85 6.58
CA MET A 16 3.94 4.47 6.10
C MET A 16 5.35 3.99 5.82
N ASP A 17 5.75 2.96 6.52
CA ASP A 17 7.09 2.41 6.42
C ASP A 17 7.04 0.90 6.30
N VAL A 18 8.01 0.32 5.58
CA VAL A 18 8.07 -1.12 5.40
C VAL A 18 8.18 -1.83 6.76
N GLY A 19 7.29 -2.76 7.00
CA GLY A 19 7.24 -3.42 8.27
C GLY A 19 5.99 -3.04 9.03
N GLN A 20 5.46 -1.86 8.72
CA GLN A 20 4.24 -1.37 9.32
C GLN A 20 3.04 -2.09 8.74
N LYS A 21 1.94 -2.03 9.45
CA LYS A 21 0.74 -2.68 8.98
C LYS A 21 -0.27 -1.65 8.53
N VAL A 22 -1.12 -2.05 7.60
CA VAL A 22 -2.15 -1.19 7.08
C VAL A 22 -3.46 -1.95 6.97
N ARG A 23 -4.55 -1.23 7.08
CA ARG A 23 -5.86 -1.82 6.95
C ARG A 23 -6.56 -1.23 5.74
N VAL A 24 -7.10 -2.09 4.89
CA VAL A 24 -7.81 -1.62 3.73
C VAL A 24 -9.22 -1.24 4.12
N CYS A 25 -9.45 0.05 4.28
CA CYS A 25 -10.75 0.53 4.71
C CYS A 25 -11.54 1.12 3.56
N ARG A 26 -10.90 1.23 2.42
CA ARG A 26 -11.56 1.77 1.25
C ARG A 26 -10.87 1.29 0.01
N ILE A 27 -11.50 1.52 -1.12
CA ILE A 27 -10.94 1.15 -2.40
C ILE A 27 -10.71 2.39 -3.26
N ARG A 28 -9.62 2.39 -3.99
CA ARG A 28 -9.21 3.51 -4.83
C ARG A 28 -10.32 4.01 -5.77
N ASP A 29 -10.70 3.20 -6.75
CA ASP A 29 -11.70 3.62 -7.71
C ASP A 29 -12.44 2.42 -8.30
N ARG A 30 -11.70 1.43 -8.76
CA ARG A 30 -12.29 0.23 -9.30
C ARG A 30 -12.19 -0.90 -8.30
N VAL A 31 -13.26 -1.64 -8.13
CA VAL A 31 -13.25 -2.70 -7.17
C VAL A 31 -13.07 -4.05 -7.84
N ALA A 32 -11.93 -4.67 -7.58
CA ALA A 32 -11.66 -6.00 -8.07
C ALA A 32 -12.17 -7.01 -7.06
N GLN A 33 -12.45 -8.23 -7.53
CA GLN A 33 -12.94 -9.30 -6.65
C GLN A 33 -11.92 -9.65 -5.58
N ASP A 34 -10.68 -9.35 -5.87
CA ASP A 34 -9.58 -9.67 -4.97
C ASP A 34 -9.45 -8.63 -3.87
N ILE A 35 -9.37 -7.36 -4.26
CA ILE A 35 -9.16 -6.27 -3.30
C ILE A 35 -10.37 -6.04 -2.40
N ILE A 36 -11.57 -6.32 -2.91
CA ILE A 36 -12.78 -6.13 -2.10
C ILE A 36 -12.80 -7.11 -0.92
N GLN A 37 -12.13 -8.24 -1.09
CA GLN A 37 -12.05 -9.25 -0.06
C GLN A 37 -11.08 -8.82 1.03
N LYS A 38 -10.24 -7.87 0.70
CA LYS A 38 -9.22 -7.40 1.62
C LYS A 38 -9.73 -6.23 2.45
N LEU A 39 -10.92 -5.76 2.13
CA LEU A 39 -11.53 -4.65 2.85
C LEU A 39 -11.79 -5.04 4.31
N GLY A 40 -11.16 -4.32 5.21
CA GLY A 40 -11.31 -4.57 6.62
C GLY A 40 -10.17 -5.38 7.20
N GLN A 41 -9.40 -6.02 6.35
CA GLN A 41 -8.30 -6.84 6.80
C GLN A 41 -7.04 -6.01 7.02
N VAL A 42 -6.17 -6.49 7.89
CA VAL A 42 -4.93 -5.81 8.20
C VAL A 42 -3.74 -6.63 7.70
N GLY A 43 -2.92 -6.02 6.88
CA GLY A 43 -1.75 -6.69 6.36
C GLY A 43 -0.50 -5.92 6.66
N GLN A 44 0.64 -6.49 6.35
CA GLN A 44 1.91 -5.84 6.63
C GLN A 44 2.56 -5.34 5.35
N ILE A 45 3.09 -4.13 5.40
CA ILE A 45 3.77 -3.53 4.27
C ILE A 45 5.11 -4.21 4.04
N THR A 46 5.21 -4.96 2.97
CA THR A 46 6.42 -5.67 2.65
C THR A 46 7.25 -4.90 1.64
N GLY A 47 6.67 -3.87 1.07
CA GLY A 47 7.39 -3.06 0.12
C GLY A 47 6.49 -2.04 -0.54
N PHE A 48 7.08 -1.18 -1.34
CA PHE A 48 6.32 -0.17 -2.05
C PHE A 48 6.27 -0.49 -3.53
N LYS A 49 5.31 0.08 -4.22
CA LYS A 49 5.15 -0.15 -5.63
C LYS A 49 5.08 1.16 -6.39
N MET A 50 5.76 1.23 -7.51
CA MET A 50 5.71 2.41 -8.34
C MET A 50 4.40 2.45 -9.11
N THR A 51 3.84 3.62 -9.25
CA THR A 51 2.58 3.78 -9.96
C THR A 51 2.76 4.69 -11.15
N ASP A 52 1.94 4.48 -12.18
CA ASP A 52 2.02 5.30 -13.39
C ASP A 52 1.31 6.62 -13.19
N GLY A 53 0.54 6.71 -12.12
CA GLY A 53 -0.18 7.92 -11.81
C GLY A 53 -0.71 7.89 -10.40
N SER A 54 -1.43 8.94 -10.01
CA SER A 54 -2.01 9.04 -8.67
C SER A 54 -0.88 9.05 -7.60
N GLY A 55 -1.24 8.69 -6.37
CA GLY A 55 -0.24 8.66 -5.31
C GLY A 55 0.65 7.44 -5.39
N VAL A 56 1.43 7.19 -4.36
CA VAL A 56 2.33 6.05 -4.34
C VAL A 56 1.56 4.77 -4.01
N GLY A 57 2.11 3.64 -4.43
CA GLY A 57 1.48 2.38 -4.17
C GLY A 57 2.19 1.60 -3.09
N VAL A 58 1.43 0.92 -2.27
CA VAL A 58 1.96 0.14 -1.19
C VAL A 58 1.64 -1.33 -1.39
N ILE A 59 2.64 -2.19 -1.29
CA ILE A 59 2.44 -3.61 -1.44
C ILE A 59 2.25 -4.25 -0.06
N VAL A 60 1.07 -4.77 0.17
CA VAL A 60 0.72 -5.34 1.45
C VAL A 60 0.58 -6.86 1.36
N THR A 61 1.35 -7.57 2.15
CA THR A 61 1.28 -9.02 2.17
C THR A 61 0.35 -9.49 3.29
N PHE A 62 -0.69 -10.20 2.92
CA PHE A 62 -1.68 -10.65 3.87
C PHE A 62 -1.42 -12.09 4.31
N ASP A 63 -2.30 -12.59 5.17
CA ASP A 63 -2.18 -13.95 5.71
C ASP A 63 -2.34 -14.99 4.61
N ASP A 64 -2.92 -14.57 3.48
CA ASP A 64 -3.08 -15.45 2.31
C ASP A 64 -1.74 -15.77 1.69
N ARG A 65 -0.70 -15.08 2.17
CA ARG A 65 0.69 -15.23 1.69
C ARG A 65 0.85 -14.54 0.35
N SER A 66 -0.19 -13.84 -0.07
CA SER A 66 -0.17 -13.11 -1.30
C SER A 66 -0.03 -11.63 -1.00
N SER A 67 0.59 -10.91 -1.89
CA SER A 67 0.79 -9.49 -1.72
C SER A 67 -0.10 -8.71 -2.67
N THR A 68 -0.88 -7.81 -2.10
CA THR A 68 -1.79 -6.99 -2.87
C THR A 68 -1.40 -5.52 -2.73
N TRP A 69 -1.34 -4.81 -3.84
CA TRP A 69 -0.97 -3.42 -3.81
C TRP A 69 -2.18 -2.50 -3.70
N PHE A 70 -2.02 -1.46 -2.93
CA PHE A 70 -3.05 -0.46 -2.74
C PHE A 70 -2.41 0.91 -2.79
N PHE A 71 -3.21 1.95 -2.90
CA PHE A 71 -2.67 3.29 -2.91
C PHE A 71 -2.47 3.82 -1.49
N GLU A 72 -1.59 4.80 -1.38
CA GLU A 72 -1.26 5.44 -0.11
C GLU A 72 -2.51 5.97 0.62
N ASP A 73 -3.52 6.35 -0.15
CA ASP A 73 -4.75 6.92 0.41
C ASP A 73 -5.87 5.89 0.47
N GLU A 74 -5.58 4.70 -0.02
CA GLU A 74 -6.57 3.63 -0.08
C GLU A 74 -6.51 2.76 1.19
N VAL A 75 -5.38 2.78 1.86
CA VAL A 75 -5.22 2.01 3.09
C VAL A 75 -4.73 2.91 4.22
N GLU A 76 -5.13 2.61 5.44
CA GLU A 76 -4.70 3.40 6.58
C GLU A 76 -3.64 2.64 7.36
N VAL A 77 -2.67 3.36 7.88
CA VAL A 77 -1.60 2.74 8.64
C VAL A 77 -2.05 2.41 10.06
N VAL A 78 -1.74 1.22 10.51
CA VAL A 78 -2.11 0.77 11.82
C VAL A 78 -1.04 -0.17 12.40
N GLY A 79 -0.32 0.31 13.39
CA GLY A 79 0.72 -0.48 14.00
C GLY A 79 1.85 0.38 14.49
N MET A 1 11.07 1.85 -13.94
CA MET A 1 12.03 2.01 -15.04
C MET A 1 13.46 2.08 -14.52
N ALA A 2 14.21 0.98 -14.67
CA ALA A 2 15.61 0.86 -14.23
C ALA A 2 15.77 0.96 -12.72
N SER A 3 15.61 2.16 -12.20
CA SER A 3 15.74 2.43 -10.78
C SER A 3 15.07 3.75 -10.46
N TRP A 4 15.34 4.75 -11.28
CA TRP A 4 14.76 6.05 -11.11
C TRP A 4 13.45 6.17 -11.87
N SER A 5 12.38 6.36 -11.13
CA SER A 5 11.08 6.59 -11.70
C SER A 5 10.34 7.58 -10.82
N HIS A 6 10.12 7.20 -9.57
CA HIS A 6 9.56 8.09 -8.57
C HIS A 6 9.55 7.43 -7.18
N PRO A 7 10.61 7.63 -6.42
CA PRO A 7 10.69 7.16 -5.06
C PRO A 7 10.14 8.23 -4.13
N GLN A 8 9.28 9.07 -4.69
CA GLN A 8 8.69 10.17 -3.98
C GLN A 8 7.63 9.70 -3.01
N PHE A 9 7.92 9.80 -1.74
CA PHE A 9 6.98 9.40 -0.71
C PHE A 9 6.69 10.58 0.19
N GLU A 10 5.83 11.48 -0.26
CA GLU A 10 5.49 12.65 0.51
C GLU A 10 4.44 12.34 1.56
N LYS A 11 4.70 12.77 2.79
CA LYS A 11 3.81 12.56 3.95
C LYS A 11 3.80 11.10 4.39
N ILE A 12 3.51 10.21 3.45
CA ILE A 12 3.42 8.78 3.72
C ILE A 12 4.72 8.18 4.25
N GLU A 13 5.84 8.83 3.95
CA GLU A 13 7.16 8.37 4.41
C GLU A 13 7.20 8.27 5.94
N GLY A 14 6.48 9.17 6.59
CA GLY A 14 6.44 9.17 8.04
C GLY A 14 5.20 8.52 8.59
N ARG A 15 4.34 8.02 7.71
CA ARG A 15 3.10 7.36 8.14
C ARG A 15 3.22 5.87 7.97
N MET A 16 3.61 5.47 6.78
CA MET A 16 3.71 4.09 6.43
C MET A 16 5.14 3.71 6.09
N ASP A 17 5.68 2.75 6.82
CA ASP A 17 7.04 2.30 6.60
C ASP A 17 7.06 0.80 6.43
N VAL A 18 8.03 0.30 5.66
CA VAL A 18 8.16 -1.13 5.41
C VAL A 18 8.33 -1.88 6.73
N GLY A 19 7.39 -2.75 7.04
CA GLY A 19 7.42 -3.49 8.29
C GLY A 19 6.21 -3.21 9.15
N GLN A 20 5.51 -2.12 8.85
CA GLN A 20 4.30 -1.77 9.59
C GLN A 20 3.09 -2.47 9.00
N LYS A 21 2.03 -2.53 9.77
CA LYS A 21 0.80 -3.16 9.34
C LYS A 21 -0.19 -2.12 8.85
N VAL A 22 -0.92 -2.45 7.80
CA VAL A 22 -1.90 -1.55 7.22
C VAL A 22 -3.20 -2.28 6.93
N ARG A 23 -4.28 -1.54 6.91
CA ARG A 23 -5.59 -2.11 6.65
C ARG A 23 -6.27 -1.39 5.50
N VAL A 24 -6.79 -2.15 4.55
CA VAL A 24 -7.50 -1.57 3.42
C VAL A 24 -8.92 -1.23 3.85
N CYS A 25 -9.30 0.02 3.71
CA CYS A 25 -10.61 0.45 4.16
C CYS A 25 -11.47 0.99 3.03
N ARG A 26 -10.87 1.72 2.11
CA ARG A 26 -11.61 2.27 1.00
C ARG A 26 -10.84 2.09 -0.28
N ILE A 27 -11.54 1.67 -1.32
CA ILE A 27 -10.92 1.46 -2.61
C ILE A 27 -10.95 2.76 -3.40
N ARG A 28 -9.84 3.08 -4.03
CA ARG A 28 -9.70 4.31 -4.77
C ARG A 28 -10.48 4.28 -6.08
N ASP A 29 -10.26 3.25 -6.88
CA ASP A 29 -10.88 3.19 -8.21
C ASP A 29 -12.22 2.43 -8.22
N ARG A 30 -12.13 1.11 -8.37
CA ARG A 30 -13.33 0.30 -8.49
C ARG A 30 -13.30 -0.86 -7.51
N VAL A 31 -14.46 -1.24 -7.01
CA VAL A 31 -14.55 -2.31 -6.06
C VAL A 31 -14.75 -3.65 -6.77
N ALA A 32 -13.74 -4.49 -6.70
CA ALA A 32 -13.85 -5.83 -7.24
C ALA A 32 -14.39 -6.79 -6.20
N GLN A 33 -14.98 -7.88 -6.64
CA GLN A 33 -15.51 -8.87 -5.71
C GLN A 33 -14.38 -9.62 -5.02
N ASP A 34 -13.20 -9.57 -5.62
CA ASP A 34 -12.00 -10.16 -5.02
C ASP A 34 -11.34 -9.16 -4.09
N ILE A 35 -11.20 -7.93 -4.57
CA ILE A 35 -10.57 -6.85 -3.80
C ILE A 35 -11.36 -6.56 -2.54
N ILE A 36 -12.67 -6.78 -2.60
CA ILE A 36 -13.52 -6.54 -1.45
C ILE A 36 -13.11 -7.47 -0.29
N GLN A 37 -12.56 -8.63 -0.64
CA GLN A 37 -12.12 -9.60 0.36
C GLN A 37 -10.83 -9.14 1.04
N LYS A 38 -10.32 -8.00 0.62
CA LYS A 38 -9.13 -7.42 1.21
C LYS A 38 -9.51 -6.25 2.10
N LEU A 39 -10.76 -5.81 1.98
CA LEU A 39 -11.26 -4.70 2.76
C LEU A 39 -11.50 -5.15 4.20
N GLY A 40 -10.95 -4.40 5.13
CA GLY A 40 -11.12 -4.72 6.52
C GLY A 40 -10.02 -5.63 7.03
N GLN A 41 -9.25 -6.19 6.12
CA GLN A 41 -8.18 -7.09 6.50
C GLN A 41 -6.90 -6.31 6.74
N VAL A 42 -6.11 -6.77 7.69
CA VAL A 42 -4.86 -6.10 8.01
C VAL A 42 -3.68 -6.86 7.40
N GLY A 43 -2.85 -6.15 6.69
CA GLY A 43 -1.68 -6.74 6.08
C GLY A 43 -0.42 -6.04 6.54
N GLN A 44 0.70 -6.40 5.98
CA GLN A 44 1.97 -5.80 6.36
C GLN A 44 2.70 -5.25 5.14
N ILE A 45 3.27 -4.08 5.29
CA ILE A 45 4.00 -3.43 4.20
C ILE A 45 5.34 -4.10 3.99
N THR A 46 5.54 -4.66 2.82
CA THR A 46 6.81 -5.27 2.48
C THR A 46 7.58 -4.42 1.47
N GLY A 47 6.97 -3.33 1.06
CA GLY A 47 7.60 -2.43 0.13
C GLY A 47 6.63 -1.48 -0.52
N PHE A 48 7.14 -0.52 -1.26
CA PHE A 48 6.31 0.44 -1.97
C PHE A 48 6.32 0.10 -3.44
N LYS A 49 5.32 0.54 -4.16
CA LYS A 49 5.24 0.26 -5.57
C LYS A 49 5.09 1.54 -6.38
N MET A 50 5.89 1.66 -7.41
CA MET A 50 5.78 2.79 -8.31
C MET A 50 4.49 2.66 -9.10
N THR A 51 3.68 3.70 -9.09
CA THR A 51 2.40 3.66 -9.78
C THR A 51 2.17 4.92 -10.58
N ASP A 52 1.77 4.76 -11.83
CA ASP A 52 1.44 5.88 -12.68
C ASP A 52 -0.03 6.20 -12.53
N GLY A 53 -0.32 7.44 -12.23
CA GLY A 53 -1.69 7.84 -11.95
C GLY A 53 -1.88 7.92 -10.46
N SER A 54 -2.55 8.98 -10.00
CA SER A 54 -2.70 9.21 -8.57
C SER A 54 -1.32 9.42 -7.94
N GLY A 55 -1.15 9.02 -6.70
CA GLY A 55 0.13 9.17 -6.06
C GLY A 55 0.98 7.91 -6.17
N VAL A 56 1.30 7.33 -5.03
CA VAL A 56 2.15 6.14 -4.98
C VAL A 56 1.34 4.95 -4.42
N GLY A 57 1.80 3.74 -4.74
CA GLY A 57 1.14 2.55 -4.25
C GLY A 57 2.00 1.82 -3.25
N VAL A 58 1.38 0.97 -2.46
CA VAL A 58 2.07 0.22 -1.43
C VAL A 58 1.83 -1.27 -1.63
N ILE A 59 2.88 -2.07 -1.49
CA ILE A 59 2.76 -3.52 -1.62
C ILE A 59 2.50 -4.12 -0.26
N VAL A 60 1.29 -4.59 -0.07
CA VAL A 60 0.87 -5.12 1.21
C VAL A 60 0.78 -6.63 1.18
N THR A 61 1.47 -7.28 2.10
CA THR A 61 1.41 -8.70 2.25
C THR A 61 0.32 -9.04 3.26
N PHE A 62 -0.76 -9.62 2.78
CA PHE A 62 -1.93 -9.88 3.61
C PHE A 62 -1.84 -11.20 4.34
N ASP A 63 -2.85 -11.45 5.18
CA ASP A 63 -2.94 -12.68 5.97
C ASP A 63 -3.22 -13.87 5.05
N ASP A 64 -3.68 -13.57 3.85
CA ASP A 64 -3.92 -14.58 2.82
C ASP A 64 -2.60 -15.10 2.27
N ARG A 65 -1.49 -14.54 2.78
CA ARG A 65 -0.13 -14.91 2.38
C ARG A 65 0.15 -14.45 0.96
N SER A 66 -0.66 -13.54 0.49
CA SER A 66 -0.52 -12.99 -0.83
C SER A 66 -0.19 -11.50 -0.73
N SER A 67 0.66 -11.03 -1.61
CA SER A 67 1.04 -9.63 -1.63
C SER A 67 0.25 -8.90 -2.70
N THR A 68 -0.42 -7.85 -2.33
CA THR A 68 -1.22 -7.07 -3.25
C THR A 68 -0.93 -5.59 -3.07
N TRP A 69 -0.92 -4.86 -4.17
CA TRP A 69 -0.62 -3.45 -4.12
C TRP A 69 -1.89 -2.62 -3.99
N PHE A 70 -1.85 -1.65 -3.09
CA PHE A 70 -2.96 -0.75 -2.86
C PHE A 70 -2.42 0.67 -2.76
N PHE A 71 -3.26 1.66 -2.94
CA PHE A 71 -2.80 3.03 -2.88
C PHE A 71 -2.61 3.52 -1.44
N GLU A 72 -1.83 4.57 -1.30
CA GLU A 72 -1.50 5.19 -0.02
C GLU A 72 -2.76 5.60 0.77
N ASP A 73 -3.74 6.16 0.07
CA ASP A 73 -4.99 6.62 0.70
C ASP A 73 -5.98 5.46 0.83
N GLU A 74 -5.68 4.40 0.15
CA GLU A 74 -6.54 3.22 0.08
C GLU A 74 -6.39 2.37 1.35
N VAL A 75 -5.26 2.54 2.03
CA VAL A 75 -4.98 1.79 3.24
C VAL A 75 -4.62 2.72 4.40
N GLU A 76 -4.94 2.30 5.61
CA GLU A 76 -4.57 3.06 6.80
C GLU A 76 -3.51 2.31 7.57
N VAL A 77 -2.68 3.02 8.29
CA VAL A 77 -1.59 2.39 9.03
C VAL A 77 -2.01 2.05 10.44
N VAL A 78 -1.75 0.81 10.84
CA VAL A 78 -2.06 0.35 12.18
C VAL A 78 -0.91 -0.49 12.71
N GLY A 79 -0.16 0.05 13.64
CA GLY A 79 0.97 -0.67 14.19
C GLY A 79 2.15 0.25 14.43
N MET A 1 22.72 5.72 -13.31
CA MET A 1 22.12 6.48 -14.42
C MET A 1 20.78 7.09 -14.00
N ALA A 2 20.35 6.81 -12.78
CA ALA A 2 19.10 7.34 -12.26
C ALA A 2 19.36 8.40 -11.22
N SER A 3 18.50 9.39 -11.19
CA SER A 3 18.64 10.47 -10.23
C SER A 3 18.17 10.03 -8.84
N TRP A 4 19.09 9.99 -7.89
CA TRP A 4 18.74 9.63 -6.53
C TRP A 4 17.87 10.70 -5.90
N SER A 5 18.48 11.87 -5.68
CA SER A 5 17.84 13.03 -5.05
C SER A 5 17.19 12.71 -3.70
N HIS A 6 15.96 12.26 -3.73
CA HIS A 6 15.25 11.93 -2.51
C HIS A 6 14.21 10.85 -2.79
N PRO A 7 13.87 10.05 -1.78
CA PRO A 7 12.80 9.07 -1.89
C PRO A 7 11.46 9.79 -2.05
N GLN A 8 10.74 9.49 -3.12
CA GLN A 8 9.49 10.19 -3.39
C GLN A 8 8.34 9.68 -2.54
N PHE A 9 8.35 10.11 -1.30
CA PHE A 9 7.29 9.81 -0.36
C PHE A 9 6.92 11.11 0.31
N GLU A 10 5.82 11.70 -0.13
CA GLU A 10 5.43 13.02 0.34
C GLU A 10 4.73 12.99 1.71
N LYS A 11 3.55 12.40 1.78
CA LYS A 11 2.78 12.41 3.02
C LYS A 11 2.92 11.09 3.77
N ILE A 12 3.34 10.07 3.06
CA ILE A 12 3.45 8.73 3.62
C ILE A 12 4.81 8.44 4.26
N GLU A 13 5.75 9.35 4.09
CA GLU A 13 7.08 9.17 4.63
C GLU A 13 7.04 9.07 6.15
N GLY A 14 7.60 8.00 6.68
CA GLY A 14 7.61 7.80 8.11
C GLY A 14 6.30 7.23 8.65
N ARG A 15 5.18 7.72 8.10
CA ARG A 15 3.86 7.28 8.54
C ARG A 15 3.65 5.82 8.21
N MET A 16 4.11 5.43 7.04
CA MET A 16 4.03 4.06 6.63
C MET A 16 5.37 3.59 6.07
N ASP A 17 5.84 2.46 6.57
CA ASP A 17 7.13 1.93 6.13
C ASP A 17 7.09 0.40 6.12
N VAL A 18 8.11 -0.21 5.54
CA VAL A 18 8.19 -1.66 5.46
C VAL A 18 8.19 -2.28 6.87
N GLY A 19 7.43 -3.35 7.03
CA GLY A 19 7.33 -4.00 8.32
C GLY A 19 6.11 -3.55 9.08
N GLN A 20 5.59 -2.39 8.71
CA GLN A 20 4.42 -1.84 9.36
C GLN A 20 3.16 -2.48 8.84
N LYS A 21 2.08 -2.33 9.58
CA LYS A 21 0.82 -2.91 9.23
C LYS A 21 -0.11 -1.88 8.64
N VAL A 22 -0.90 -2.31 7.68
CA VAL A 22 -1.87 -1.44 7.06
C VAL A 22 -3.14 -2.21 6.78
N ARG A 23 -4.23 -1.50 6.71
CA ARG A 23 -5.53 -2.09 6.48
C ARG A 23 -6.21 -1.35 5.36
N VAL A 24 -6.73 -2.09 4.38
CA VAL A 24 -7.44 -1.48 3.28
C VAL A 24 -8.69 -0.80 3.81
N CYS A 25 -8.67 0.51 3.79
CA CYS A 25 -9.72 1.30 4.39
C CYS A 25 -10.83 1.59 3.41
N ARG A 26 -10.48 1.95 2.19
CA ARG A 26 -11.48 2.32 1.20
C ARG A 26 -10.98 2.12 -0.22
N ILE A 27 -11.74 1.38 -1.01
CA ILE A 27 -11.40 1.16 -2.40
C ILE A 27 -12.03 2.23 -3.26
N ARG A 28 -11.21 2.94 -4.00
CA ARG A 28 -11.71 4.03 -4.82
C ARG A 28 -11.72 3.63 -6.30
N ASP A 29 -11.13 2.49 -6.60
CA ASP A 29 -11.07 2.03 -7.99
C ASP A 29 -12.10 0.93 -8.26
N ARG A 30 -11.73 -0.32 -8.01
CA ARG A 30 -12.61 -1.44 -8.26
C ARG A 30 -12.25 -2.61 -7.35
N VAL A 31 -13.25 -3.26 -6.79
CA VAL A 31 -13.00 -4.41 -5.96
C VAL A 31 -13.09 -5.70 -6.76
N ALA A 32 -11.97 -6.40 -6.86
CA ALA A 32 -11.96 -7.68 -7.51
C ALA A 32 -12.36 -8.75 -6.52
N GLN A 33 -12.60 -9.96 -6.99
CA GLN A 33 -13.03 -11.07 -6.14
C GLN A 33 -12.09 -11.26 -4.93
N ASP A 34 -10.81 -10.98 -5.10
CA ASP A 34 -9.86 -11.09 -4.00
C ASP A 34 -9.80 -9.78 -3.21
N ILE A 35 -9.90 -8.66 -3.93
CA ILE A 35 -9.80 -7.33 -3.33
C ILE A 35 -10.93 -7.08 -2.35
N ILE A 36 -12.11 -7.58 -2.69
CA ILE A 36 -13.27 -7.40 -1.82
C ILE A 36 -13.00 -7.99 -0.44
N GLN A 37 -12.20 -9.05 -0.41
CA GLN A 37 -11.85 -9.71 0.82
C GLN A 37 -10.82 -8.89 1.58
N LYS A 38 -9.98 -8.20 0.84
CA LYS A 38 -8.89 -7.42 1.42
C LYS A 38 -9.41 -6.14 2.05
N LEU A 39 -10.61 -5.72 1.66
CA LEU A 39 -11.23 -4.53 2.21
C LEU A 39 -11.57 -4.79 3.68
N GLY A 40 -10.95 -4.01 4.56
CA GLY A 40 -11.16 -4.20 5.98
C GLY A 40 -10.21 -5.22 6.56
N GLN A 41 -9.34 -5.75 5.72
CA GLN A 41 -8.38 -6.74 6.14
C GLN A 41 -7.03 -6.06 6.45
N VAL A 42 -6.29 -6.62 7.39
CA VAL A 42 -5.02 -6.05 7.79
C VAL A 42 -3.87 -6.86 7.19
N GLY A 43 -2.82 -6.16 6.78
CA GLY A 43 -1.67 -6.82 6.22
C GLY A 43 -0.38 -6.13 6.60
N GLN A 44 0.74 -6.66 6.13
CA GLN A 44 2.05 -6.11 6.44
C GLN A 44 2.68 -5.50 5.19
N ILE A 45 3.21 -4.28 5.33
CA ILE A 45 3.88 -3.61 4.23
C ILE A 45 5.22 -4.27 3.95
N THR A 46 5.38 -4.83 2.78
CA THR A 46 6.63 -5.45 2.41
C THR A 46 7.42 -4.56 1.44
N GLY A 47 6.84 -3.44 1.07
CA GLY A 47 7.52 -2.52 0.20
C GLY A 47 6.55 -1.58 -0.49
N PHE A 48 7.10 -0.59 -1.17
CA PHE A 48 6.28 0.37 -1.89
C PHE A 48 6.43 0.16 -3.39
N LYS A 49 5.35 0.34 -4.10
CA LYS A 49 5.33 0.13 -5.53
C LYS A 49 5.03 1.43 -6.25
N MET A 50 5.76 1.71 -7.30
CA MET A 50 5.50 2.91 -8.08
C MET A 50 4.35 2.62 -9.03
N THR A 51 3.27 3.34 -8.85
CA THR A 51 2.10 3.13 -9.65
C THR A 51 2.08 4.05 -10.85
N ASP A 52 1.23 3.76 -11.80
CA ASP A 52 1.10 4.57 -12.99
C ASP A 52 0.14 5.71 -12.73
N GLY A 53 0.65 6.78 -12.18
CA GLY A 53 -0.17 7.92 -11.85
C GLY A 53 -0.63 7.90 -10.40
N SER A 54 -1.23 9.00 -9.97
CA SER A 54 -1.75 9.14 -8.59
C SER A 54 -0.59 9.12 -7.57
N GLY A 55 -0.92 8.82 -6.32
CA GLY A 55 0.09 8.76 -5.28
C GLY A 55 0.95 7.52 -5.38
N VAL A 56 1.52 7.10 -4.26
CA VAL A 56 2.40 5.94 -4.24
C VAL A 56 1.61 4.69 -3.86
N GLY A 57 2.00 3.56 -4.42
CA GLY A 57 1.35 2.32 -4.10
C GLY A 57 2.08 1.56 -3.02
N VAL A 58 1.33 0.86 -2.21
CA VAL A 58 1.88 0.09 -1.12
C VAL A 58 1.63 -1.39 -1.35
N ILE A 59 2.70 -2.18 -1.35
CA ILE A 59 2.57 -3.62 -1.51
C ILE A 59 2.34 -4.25 -0.16
N VAL A 60 1.10 -4.65 0.09
CA VAL A 60 0.74 -5.21 1.36
C VAL A 60 0.63 -6.73 1.27
N THR A 61 1.38 -7.40 2.10
CA THR A 61 1.30 -8.83 2.18
C THR A 61 0.40 -9.21 3.34
N PHE A 62 -0.78 -9.68 3.01
CA PHE A 62 -1.78 -10.01 4.01
C PHE A 62 -1.56 -11.41 4.58
N ASP A 63 -2.46 -11.80 5.48
CA ASP A 63 -2.41 -13.10 6.12
C ASP A 63 -2.75 -14.23 5.15
N ASP A 64 -3.17 -13.86 3.94
CA ASP A 64 -3.47 -14.84 2.89
C ASP A 64 -2.20 -15.23 2.16
N ARG A 65 -1.06 -14.73 2.65
CA ARG A 65 0.27 -14.97 2.06
C ARG A 65 0.39 -14.31 0.68
N SER A 66 -0.63 -13.57 0.30
CA SER A 66 -0.65 -12.90 -0.97
C SER A 66 -0.40 -11.42 -0.79
N SER A 67 0.44 -10.87 -1.64
CA SER A 67 0.74 -9.47 -1.61
C SER A 67 -0.03 -8.74 -2.70
N THR A 68 -0.77 -7.73 -2.30
CA THR A 68 -1.54 -6.94 -3.22
C THR A 68 -1.24 -5.47 -3.00
N TRP A 69 -1.07 -4.74 -4.08
CA TRP A 69 -0.73 -3.33 -3.98
C TRP A 69 -1.98 -2.46 -3.93
N PHE A 70 -1.97 -1.51 -3.02
CA PHE A 70 -3.05 -0.56 -2.88
C PHE A 70 -2.46 0.83 -2.78
N PHE A 71 -3.26 1.85 -2.87
CA PHE A 71 -2.74 3.19 -2.79
C PHE A 71 -2.60 3.65 -1.36
N GLU A 72 -1.67 4.56 -1.14
CA GLU A 72 -1.38 5.13 0.17
C GLU A 72 -2.63 5.66 0.90
N ASP A 73 -3.55 6.26 0.15
CA ASP A 73 -4.76 6.85 0.72
C ASP A 73 -5.88 5.81 0.78
N GLU A 74 -5.61 4.66 0.22
CA GLU A 74 -6.57 3.57 0.15
C GLU A 74 -6.42 2.66 1.38
N VAL A 75 -5.27 2.73 2.02
CA VAL A 75 -4.99 1.94 3.19
C VAL A 75 -4.74 2.81 4.43
N GLU A 76 -5.11 2.31 5.58
CA GLU A 76 -4.88 2.99 6.83
C GLU A 76 -3.76 2.30 7.58
N VAL A 77 -2.93 3.07 8.26
CA VAL A 77 -1.81 2.51 9.00
C VAL A 77 -2.29 1.89 10.29
N VAL A 78 -1.83 0.68 10.56
CA VAL A 78 -2.22 -0.04 11.74
C VAL A 78 -1.00 -0.29 12.62
N GLY A 79 -1.09 0.15 13.86
CA GLY A 79 -0.01 -0.04 14.78
C GLY A 79 0.18 1.18 15.66
N MET A 1 22.59 20.11 -10.29
CA MET A 1 21.76 20.09 -11.51
C MET A 1 20.29 20.27 -11.17
N ALA A 2 19.77 19.44 -10.28
CA ALA A 2 18.38 19.50 -9.88
C ALA A 2 18.26 19.85 -8.41
N SER A 3 17.09 20.34 -8.01
CA SER A 3 16.83 20.69 -6.63
C SER A 3 16.47 19.45 -5.81
N TRP A 4 16.33 18.33 -6.51
CA TRP A 4 16.02 17.06 -5.86
C TRP A 4 17.21 16.59 -5.04
N SER A 5 16.97 16.29 -3.78
CA SER A 5 18.03 15.83 -2.91
C SER A 5 17.57 14.70 -2.00
N HIS A 6 16.30 14.33 -2.11
CA HIS A 6 15.74 13.28 -1.26
C HIS A 6 14.41 12.80 -1.82
N PRO A 7 14.01 11.55 -1.50
CA PRO A 7 12.74 10.98 -1.95
C PRO A 7 11.55 11.87 -1.57
N GLN A 8 10.58 11.98 -2.48
CA GLN A 8 9.40 12.80 -2.28
C GLN A 8 8.33 12.04 -1.49
N PHE A 9 8.78 11.29 -0.51
CA PHE A 9 7.89 10.47 0.31
C PHE A 9 7.59 11.18 1.63
N GLU A 10 7.41 12.48 1.54
CA GLU A 10 7.17 13.33 2.70
C GLU A 10 6.00 12.85 3.55
N LYS A 11 4.88 12.56 2.90
CA LYS A 11 3.69 12.08 3.60
C LYS A 11 3.50 10.59 3.44
N ILE A 12 4.57 9.92 3.04
CA ILE A 12 4.54 8.48 2.86
C ILE A 12 5.50 7.82 3.82
N GLU A 13 6.77 8.04 3.58
CA GLU A 13 7.82 7.49 4.40
C GLU A 13 7.78 8.15 5.77
N GLY A 14 7.43 7.36 6.76
CA GLY A 14 7.26 7.87 8.10
C GLY A 14 5.92 7.49 8.62
N ARG A 15 4.96 7.39 7.72
CA ARG A 15 3.61 6.95 8.06
C ARG A 15 3.51 5.50 7.68
N MET A 16 3.55 5.28 6.39
CA MET A 16 3.49 3.97 5.81
C MET A 16 4.87 3.58 5.30
N ASP A 17 5.44 2.55 5.89
CA ASP A 17 6.76 2.08 5.50
C ASP A 17 6.83 0.57 5.62
N VAL A 18 7.83 -0.04 4.99
CA VAL A 18 8.00 -1.48 5.05
C VAL A 18 8.18 -1.95 6.50
N GLY A 19 7.38 -2.91 6.90
CA GLY A 19 7.42 -3.38 8.27
C GLY A 19 6.22 -2.90 9.05
N GLN A 20 5.59 -1.85 8.57
CA GLN A 20 4.40 -1.31 9.18
C GLN A 20 3.18 -2.07 8.72
N LYS A 21 2.17 -2.12 9.56
CA LYS A 21 0.95 -2.79 9.22
C LYS A 21 -0.05 -1.80 8.66
N VAL A 22 -0.89 -2.27 7.78
CA VAL A 22 -1.90 -1.44 7.17
C VAL A 22 -3.19 -2.20 6.98
N ARG A 23 -4.28 -1.47 6.92
CA ARG A 23 -5.58 -2.05 6.72
C ARG A 23 -6.30 -1.35 5.59
N VAL A 24 -6.77 -2.12 4.62
CA VAL A 24 -7.50 -1.56 3.49
C VAL A 24 -8.83 -1.04 3.97
N CYS A 25 -9.08 0.24 3.75
CA CYS A 25 -10.30 0.86 4.26
C CYS A 25 -11.24 1.29 3.15
N ARG A 26 -10.70 1.96 2.16
CA ARG A 26 -11.52 2.47 1.07
C ARG A 26 -10.82 2.33 -0.25
N ILE A 27 -11.47 1.69 -1.20
CA ILE A 27 -10.89 1.49 -2.52
C ILE A 27 -11.21 2.67 -3.41
N ARG A 28 -10.20 3.19 -4.07
CA ARG A 28 -10.39 4.33 -4.93
C ARG A 28 -10.78 3.91 -6.33
N ASP A 29 -12.04 3.49 -6.45
CA ASP A 29 -12.65 3.07 -7.73
C ASP A 29 -12.08 1.73 -8.22
N ARG A 30 -12.88 1.01 -9.00
CA ARG A 30 -12.48 -0.27 -9.58
C ARG A 30 -12.29 -1.34 -8.50
N VAL A 31 -13.39 -1.91 -8.03
CA VAL A 31 -13.30 -2.93 -7.00
C VAL A 31 -13.49 -4.34 -7.59
N ALA A 32 -12.42 -5.12 -7.55
CA ALA A 32 -12.48 -6.51 -7.99
C ALA A 32 -12.86 -7.39 -6.83
N GLN A 33 -13.18 -8.65 -7.10
CA GLN A 33 -13.54 -9.60 -6.05
C GLN A 33 -12.32 -9.84 -5.15
N ASP A 34 -11.16 -9.93 -5.78
CA ASP A 34 -9.90 -10.13 -5.06
C ASP A 34 -9.60 -8.93 -4.19
N ILE A 35 -9.88 -7.77 -4.73
CA ILE A 35 -9.66 -6.51 -4.04
C ILE A 35 -10.60 -6.37 -2.86
N ILE A 36 -11.88 -6.56 -3.11
CA ILE A 36 -12.88 -6.38 -2.07
C ILE A 36 -12.67 -7.39 -0.94
N GLN A 37 -12.08 -8.53 -1.26
CA GLN A 37 -11.79 -9.57 -0.29
C GLN A 37 -10.77 -9.06 0.73
N LYS A 38 -9.98 -8.09 0.34
CA LYS A 38 -8.94 -7.54 1.19
C LYS A 38 -9.44 -6.29 1.92
N LEU A 39 -10.64 -5.85 1.57
CA LEU A 39 -11.22 -4.65 2.18
C LEU A 39 -11.54 -4.93 3.65
N GLY A 40 -10.97 -4.12 4.52
CA GLY A 40 -11.18 -4.27 5.95
C GLY A 40 -10.25 -5.29 6.55
N GLN A 41 -9.38 -5.85 5.74
CA GLN A 41 -8.44 -6.84 6.20
C GLN A 41 -7.10 -6.20 6.52
N VAL A 42 -6.41 -6.73 7.51
CA VAL A 42 -5.11 -6.20 7.89
C VAL A 42 -3.98 -6.96 7.24
N GLY A 43 -2.94 -6.23 6.94
CA GLY A 43 -1.76 -6.80 6.36
C GLY A 43 -0.53 -6.01 6.71
N GLN A 44 0.58 -6.37 6.15
CA GLN A 44 1.83 -5.69 6.44
C GLN A 44 2.51 -5.21 5.16
N ILE A 45 3.08 -4.01 5.22
CA ILE A 45 3.76 -3.43 4.07
C ILE A 45 5.10 -4.11 3.87
N THR A 46 5.28 -4.71 2.71
CA THR A 46 6.52 -5.39 2.40
C THR A 46 7.26 -4.73 1.24
N GLY A 47 6.72 -3.64 0.72
CA GLY A 47 7.37 -2.95 -0.36
C GLY A 47 6.50 -1.87 -0.96
N PHE A 48 7.10 -1.04 -1.79
CA PHE A 48 6.38 0.03 -2.47
C PHE A 48 6.62 -0.04 -3.96
N LYS A 49 5.59 0.28 -4.72
CA LYS A 49 5.66 0.29 -6.17
C LYS A 49 5.29 1.65 -6.70
N MET A 50 5.81 2.00 -7.85
CA MET A 50 5.43 3.24 -8.48
C MET A 50 4.18 3.01 -9.31
N THR A 51 3.15 3.76 -9.01
CA THR A 51 1.89 3.63 -9.68
C THR A 51 1.54 4.92 -10.40
N ASP A 52 1.62 4.90 -11.71
CA ASP A 52 1.37 6.09 -12.54
C ASP A 52 -0.07 6.59 -12.37
N GLY A 53 -0.96 5.67 -12.04
CA GLY A 53 -2.36 6.01 -11.85
C GLY A 53 -2.60 6.95 -10.66
N SER A 54 -1.65 7.00 -9.74
CA SER A 54 -1.78 7.87 -8.58
C SER A 54 -0.41 8.34 -8.10
N GLY A 55 0.31 7.46 -7.43
CA GLY A 55 1.62 7.81 -6.94
C GLY A 55 2.39 6.60 -6.49
N VAL A 56 2.28 6.27 -5.23
CA VAL A 56 2.99 5.12 -4.68
C VAL A 56 2.02 4.03 -4.27
N GLY A 57 2.25 2.83 -4.78
CA GLY A 57 1.45 1.70 -4.43
C GLY A 57 2.03 0.97 -3.25
N VAL A 58 1.20 0.72 -2.28
CA VAL A 58 1.63 0.06 -1.06
C VAL A 58 1.39 -1.44 -1.15
N ILE A 59 2.45 -2.21 -1.20
CA ILE A 59 2.34 -3.66 -1.27
C ILE A 59 2.05 -4.23 0.11
N VAL A 60 0.84 -4.72 0.27
CA VAL A 60 0.41 -5.27 1.53
C VAL A 60 0.38 -6.79 1.47
N THR A 61 1.23 -7.42 2.24
CA THR A 61 1.23 -8.85 2.32
C THR A 61 0.34 -9.29 3.47
N PHE A 62 -0.73 -9.99 3.15
CA PHE A 62 -1.69 -10.42 4.14
C PHE A 62 -1.32 -11.78 4.71
N ASP A 63 -2.09 -12.23 5.69
CA ASP A 63 -1.84 -13.52 6.33
C ASP A 63 -2.29 -14.68 5.43
N ASP A 64 -2.82 -14.33 4.28
CA ASP A 64 -3.22 -15.32 3.27
C ASP A 64 -2.01 -15.66 2.41
N ARG A 65 -0.87 -15.06 2.75
CA ARG A 65 0.41 -15.23 2.05
C ARG A 65 0.43 -14.47 0.72
N SER A 66 -0.73 -13.97 0.32
CA SER A 66 -0.86 -13.21 -0.89
C SER A 66 -0.56 -11.74 -0.62
N SER A 67 0.11 -11.11 -1.56
CA SER A 67 0.46 -9.71 -1.44
C SER A 67 -0.32 -8.89 -2.48
N THR A 68 -0.97 -7.85 -2.02
CA THR A 68 -1.75 -7.00 -2.90
C THR A 68 -1.37 -5.54 -2.66
N TRP A 69 -1.23 -4.78 -3.74
CA TRP A 69 -0.87 -3.39 -3.61
C TRP A 69 -2.12 -2.50 -3.62
N PHE A 70 -2.09 -1.48 -2.80
CA PHE A 70 -3.20 -0.54 -2.69
C PHE A 70 -2.65 0.88 -2.69
N PHE A 71 -3.52 1.85 -2.84
CA PHE A 71 -3.09 3.24 -2.83
C PHE A 71 -2.79 3.71 -1.40
N GLU A 72 -2.10 4.84 -1.30
CA GLU A 72 -1.69 5.41 -0.01
C GLU A 72 -2.90 5.71 0.88
N ASP A 73 -3.89 6.34 0.30
CA ASP A 73 -5.09 6.74 1.04
C ASP A 73 -6.07 5.57 1.18
N GLU A 74 -5.79 4.53 0.43
CA GLU A 74 -6.65 3.36 0.36
C GLU A 74 -6.49 2.49 1.61
N VAL A 75 -5.35 2.64 2.28
CA VAL A 75 -5.06 1.89 3.48
C VAL A 75 -4.67 2.83 4.61
N GLU A 76 -4.75 2.34 5.84
CA GLU A 76 -4.32 3.13 6.99
C GLU A 76 -3.26 2.36 7.76
N VAL A 77 -2.37 3.08 8.41
CA VAL A 77 -1.27 2.46 9.13
C VAL A 77 -1.65 2.08 10.56
N VAL A 78 -1.38 0.83 10.91
CA VAL A 78 -1.68 0.29 12.23
C VAL A 78 -0.46 -0.49 12.73
N GLY A 79 -0.43 -0.80 14.01
CA GLY A 79 0.68 -1.56 14.54
C GLY A 79 0.23 -2.53 15.61
N MET A 1 23.30 3.70 -10.35
CA MET A 1 24.05 2.69 -11.14
C MET A 1 23.71 2.82 -12.62
N ALA A 2 22.53 2.34 -13.00
CA ALA A 2 22.07 2.44 -14.37
C ALA A 2 21.35 3.76 -14.56
N SER A 3 20.59 4.14 -13.56
CA SER A 3 19.88 5.38 -13.55
C SER A 3 20.09 6.07 -12.21
N TRP A 4 19.70 7.32 -12.11
CA TRP A 4 19.84 8.05 -10.86
C TRP A 4 18.69 7.69 -9.92
N SER A 5 17.56 8.34 -10.14
CA SER A 5 16.37 8.17 -9.33
C SER A 5 16.57 8.63 -7.88
N HIS A 6 15.48 8.73 -7.14
CA HIS A 6 15.53 9.17 -5.75
C HIS A 6 14.39 8.55 -4.96
N PRO A 7 14.50 8.51 -3.63
CA PRO A 7 13.41 8.03 -2.77
C PRO A 7 12.18 8.91 -2.94
N GLN A 8 11.14 8.34 -3.49
CA GLN A 8 9.90 9.07 -3.73
C GLN A 8 8.96 8.94 -2.53
N PHE A 9 9.00 9.94 -1.66
CA PHE A 9 8.17 9.91 -0.47
C PHE A 9 7.52 11.26 -0.20
N GLU A 10 6.37 11.47 -0.79
CA GLU A 10 5.58 12.66 -0.55
C GLU A 10 4.23 12.23 -0.01
N LYS A 11 3.75 12.93 1.03
CA LYS A 11 2.50 12.57 1.74
C LYS A 11 2.74 11.33 2.61
N ILE A 12 3.47 10.37 2.06
CA ILE A 12 3.86 9.17 2.77
C ILE A 12 5.10 9.44 3.62
N GLU A 13 5.75 8.36 4.08
CA GLU A 13 6.92 8.44 4.96
C GLU A 13 6.48 8.87 6.36
N GLY A 14 6.90 8.12 7.36
CA GLY A 14 6.48 8.39 8.71
C GLY A 14 5.13 7.76 8.96
N ARG A 15 4.19 8.05 8.06
CA ARG A 15 2.86 7.46 8.13
C ARG A 15 2.94 6.03 7.62
N MET A 16 3.52 5.89 6.43
CA MET A 16 3.67 4.59 5.78
C MET A 16 5.14 4.19 5.80
N ASP A 17 5.43 3.03 6.32
CA ASP A 17 6.80 2.54 6.42
C ASP A 17 6.88 1.04 6.21
N VAL A 18 7.98 0.58 5.60
CA VAL A 18 8.16 -0.85 5.36
C VAL A 18 8.28 -1.59 6.68
N GLY A 19 7.43 -2.57 6.87
CA GLY A 19 7.42 -3.31 8.12
C GLY A 19 6.18 -3.02 8.92
N GLN A 20 5.53 -1.90 8.62
CA GLN A 20 4.30 -1.53 9.29
C GLN A 20 3.13 -2.31 8.72
N LYS A 21 2.06 -2.40 9.47
CA LYS A 21 0.89 -3.12 9.03
C LYS A 21 -0.19 -2.14 8.62
N VAL A 22 -0.85 -2.45 7.53
CA VAL A 22 -1.91 -1.61 7.02
C VAL A 22 -3.13 -2.43 6.65
N ARG A 23 -4.27 -1.80 6.73
CA ARG A 23 -5.53 -2.45 6.44
C ARG A 23 -6.29 -1.66 5.38
N VAL A 24 -6.84 -2.37 4.42
CA VAL A 24 -7.62 -1.74 3.37
C VAL A 24 -9.00 -1.38 3.91
N CYS A 25 -9.22 -0.11 4.17
CA CYS A 25 -10.46 0.33 4.76
C CYS A 25 -11.39 0.97 3.73
N ARG A 26 -10.81 1.69 2.79
CA ARG A 26 -11.62 2.39 1.80
C ARG A 26 -10.99 2.29 0.43
N ILE A 27 -11.83 2.17 -0.58
CA ILE A 27 -11.35 2.07 -1.94
C ILE A 27 -11.53 3.41 -2.64
N ARG A 28 -10.43 3.94 -3.12
CA ARG A 28 -10.43 5.21 -3.80
C ARG A 28 -10.34 5.01 -5.30
N ASP A 29 -9.72 3.91 -5.71
CA ASP A 29 -9.56 3.63 -7.13
C ASP A 29 -10.74 2.81 -7.66
N ARG A 30 -10.65 1.49 -7.57
CA ARG A 30 -11.71 0.61 -8.02
C ARG A 30 -11.66 -0.70 -7.26
N VAL A 31 -12.82 -1.28 -7.00
CA VAL A 31 -12.88 -2.52 -6.26
C VAL A 31 -12.75 -3.71 -7.19
N ALA A 32 -11.66 -4.43 -7.05
CA ALA A 32 -11.48 -5.65 -7.81
C ALA A 32 -12.12 -6.82 -7.08
N GLN A 33 -12.23 -7.93 -7.76
CA GLN A 33 -12.85 -9.13 -7.20
C GLN A 33 -12.07 -9.64 -5.99
N ASP A 34 -10.76 -9.50 -6.01
CA ASP A 34 -9.93 -9.90 -4.88
C ASP A 34 -9.84 -8.79 -3.87
N ILE A 35 -9.88 -7.56 -4.37
CA ILE A 35 -9.76 -6.38 -3.52
C ILE A 35 -10.93 -6.28 -2.56
N ILE A 36 -12.10 -6.66 -3.00
CA ILE A 36 -13.26 -6.59 -2.14
C ILE A 36 -13.09 -7.53 -0.92
N GLN A 37 -12.28 -8.58 -1.11
CA GLN A 37 -11.96 -9.51 -0.05
C GLN A 37 -10.85 -8.95 0.84
N LYS A 38 -10.06 -8.04 0.25
CA LYS A 38 -8.95 -7.42 0.97
C LYS A 38 -9.48 -6.36 1.92
N LEU A 39 -10.64 -5.80 1.59
CA LEU A 39 -11.27 -4.80 2.43
C LEU A 39 -11.60 -5.39 3.80
N GLY A 40 -10.89 -4.91 4.80
CA GLY A 40 -11.07 -5.41 6.14
C GLY A 40 -9.87 -6.22 6.61
N GLN A 41 -9.07 -6.67 5.67
CA GLN A 41 -7.88 -7.45 6.00
C GLN A 41 -6.72 -6.52 6.29
N VAL A 42 -5.90 -6.91 7.23
CA VAL A 42 -4.73 -6.15 7.60
C VAL A 42 -3.46 -6.94 7.31
N GLY A 43 -2.53 -6.33 6.61
CA GLY A 43 -1.30 -6.99 6.26
C GLY A 43 -0.10 -6.13 6.51
N GLN A 44 1.08 -6.66 6.23
CA GLN A 44 2.31 -5.93 6.47
C GLN A 44 2.86 -5.37 5.17
N ILE A 45 3.39 -4.16 5.25
CA ILE A 45 4.01 -3.50 4.11
C ILE A 45 5.36 -4.12 3.82
N THR A 46 5.47 -4.76 2.67
CA THR A 46 6.71 -5.37 2.28
C THR A 46 7.56 -4.42 1.44
N GLY A 47 6.92 -3.40 0.89
CA GLY A 47 7.64 -2.42 0.11
C GLY A 47 6.72 -1.44 -0.57
N PHE A 48 7.30 -0.47 -1.24
CA PHE A 48 6.54 0.53 -1.95
C PHE A 48 6.63 0.27 -3.44
N LYS A 49 5.54 0.51 -4.14
CA LYS A 49 5.48 0.29 -5.55
C LYS A 49 5.25 1.60 -6.28
N MET A 50 6.10 1.92 -7.23
CA MET A 50 5.94 3.14 -7.99
C MET A 50 4.82 2.98 -9.01
N THR A 51 3.76 3.73 -8.82
CA THR A 51 2.64 3.69 -9.73
C THR A 51 2.66 4.91 -10.64
N ASP A 52 2.97 4.68 -11.90
CA ASP A 52 3.09 5.74 -12.89
C ASP A 52 1.78 6.49 -13.07
N GLY A 53 1.80 7.76 -12.70
CA GLY A 53 0.64 8.61 -12.88
C GLY A 53 -0.46 8.33 -11.88
N SER A 54 -0.14 7.69 -10.78
CA SER A 54 -1.13 7.38 -9.77
C SER A 54 -0.57 7.64 -8.37
N GLY A 55 0.58 8.29 -8.31
CA GLY A 55 1.19 8.57 -7.02
C GLY A 55 2.08 7.43 -6.59
N VAL A 56 1.98 7.06 -5.32
CA VAL A 56 2.77 5.97 -4.80
C VAL A 56 1.89 4.83 -4.31
N GLY A 57 2.25 3.62 -4.67
CA GLY A 57 1.52 2.46 -4.22
C GLY A 57 2.26 1.72 -3.14
N VAL A 58 1.54 0.95 -2.37
CA VAL A 58 2.12 0.20 -1.27
C VAL A 58 1.80 -1.28 -1.42
N ILE A 59 2.83 -2.11 -1.41
CA ILE A 59 2.65 -3.54 -1.52
C ILE A 59 2.39 -4.14 -0.15
N VAL A 60 1.18 -4.63 0.05
CA VAL A 60 0.79 -5.19 1.33
C VAL A 60 0.67 -6.70 1.27
N THR A 61 1.35 -7.37 2.18
CA THR A 61 1.24 -8.80 2.30
C THR A 61 0.36 -9.14 3.50
N PHE A 62 -0.83 -9.63 3.23
CA PHE A 62 -1.79 -9.92 4.26
C PHE A 62 -1.52 -11.26 4.93
N ASP A 63 -2.17 -11.48 6.07
CA ASP A 63 -2.04 -12.73 6.83
C ASP A 63 -2.47 -13.93 5.98
N ASP A 64 -3.29 -13.64 4.98
CA ASP A 64 -3.78 -14.65 4.03
C ASP A 64 -2.67 -15.05 3.03
N ARG A 65 -1.49 -14.46 3.19
CA ARG A 65 -0.31 -14.73 2.34
C ARG A 65 -0.49 -14.15 0.94
N SER A 66 -1.53 -13.40 0.75
CA SER A 66 -1.78 -12.77 -0.52
C SER A 66 -1.22 -11.35 -0.52
N SER A 67 -0.41 -11.06 -1.52
CA SER A 67 0.18 -9.75 -1.63
C SER A 67 -0.55 -8.93 -2.68
N THR A 68 -0.86 -7.70 -2.35
CA THR A 68 -1.54 -6.82 -3.27
C THR A 68 -1.08 -5.40 -3.07
N TRP A 69 -0.86 -4.70 -4.16
CA TRP A 69 -0.45 -3.32 -4.08
C TRP A 69 -1.65 -2.41 -4.07
N PHE A 70 -1.72 -1.59 -3.06
CA PHE A 70 -2.79 -0.63 -2.92
C PHE A 70 -2.21 0.75 -2.96
N PHE A 71 -3.05 1.74 -3.11
CA PHE A 71 -2.58 3.09 -3.19
C PHE A 71 -2.38 3.69 -1.81
N GLU A 72 -1.53 4.69 -1.74
CA GLU A 72 -1.20 5.40 -0.51
C GLU A 72 -2.45 5.84 0.28
N ASP A 73 -3.50 6.22 -0.45
CA ASP A 73 -4.71 6.74 0.16
C ASP A 73 -5.81 5.69 0.20
N GLU A 74 -5.44 4.44 0.04
CA GLU A 74 -6.41 3.35 0.01
C GLU A 74 -6.44 2.57 1.32
N VAL A 75 -5.35 2.62 2.05
CA VAL A 75 -5.24 1.80 3.23
C VAL A 75 -4.89 2.62 4.47
N GLU A 76 -5.19 2.07 5.64
CA GLU A 76 -4.92 2.70 6.92
C GLU A 76 -3.85 1.92 7.67
N VAL A 77 -3.14 2.57 8.57
CA VAL A 77 -2.10 1.91 9.35
C VAL A 77 -2.69 1.28 10.60
N VAL A 78 -2.28 0.05 10.90
CA VAL A 78 -2.79 -0.68 12.05
C VAL A 78 -1.65 -1.39 12.76
N GLY A 79 -1.45 -1.08 14.01
CA GLY A 79 -0.40 -1.72 14.76
C GLY A 79 -0.77 -1.89 16.22
N MET A 1 12.84 6.17 -9.21
CA MET A 1 12.34 5.18 -10.18
C MET A 1 13.26 5.08 -11.37
N ALA A 2 13.51 6.22 -12.01
CA ALA A 2 14.36 6.28 -13.21
C ALA A 2 15.74 5.68 -12.98
N SER A 3 15.99 4.54 -13.62
CA SER A 3 17.26 3.82 -13.54
C SER A 3 17.56 3.32 -12.12
N TRP A 4 18.07 4.21 -11.28
CA TRP A 4 18.39 3.85 -9.91
C TRP A 4 17.98 4.95 -8.94
N SER A 5 17.83 6.18 -9.46
CA SER A 5 17.50 7.35 -8.65
C SER A 5 16.29 7.07 -7.77
N HIS A 6 16.46 7.27 -6.47
CA HIS A 6 15.40 7.01 -5.54
C HIS A 6 14.81 8.32 -5.04
N PRO A 7 13.48 8.40 -4.93
CA PRO A 7 12.82 9.58 -4.40
C PRO A 7 12.99 9.68 -2.89
N GLN A 8 13.07 10.88 -2.38
CA GLN A 8 13.16 11.05 -0.95
C GLN A 8 11.79 10.92 -0.34
N PHE A 9 11.68 10.05 0.62
CA PHE A 9 10.42 9.76 1.24
C PHE A 9 10.20 10.67 2.42
N GLU A 10 9.56 11.78 2.16
CA GLU A 10 9.35 12.79 3.19
C GLU A 10 8.07 12.55 3.96
N LYS A 11 6.99 12.34 3.24
CA LYS A 11 5.69 12.13 3.87
C LYS A 11 5.36 10.66 3.98
N ILE A 12 6.25 9.82 3.51
CA ILE A 12 6.05 8.39 3.54
C ILE A 12 6.92 7.76 4.63
N GLU A 13 8.22 8.02 4.56
CA GLU A 13 9.18 7.53 5.56
C GLU A 13 8.87 8.15 6.92
N GLY A 14 8.52 7.32 7.87
CA GLY A 14 8.18 7.78 9.19
C GLY A 14 6.70 7.65 9.48
N ARG A 15 5.93 7.44 8.43
CA ARG A 15 4.49 7.28 8.57
C ARG A 15 4.13 5.86 8.21
N MET A 16 4.50 5.48 7.02
CA MET A 16 4.25 4.17 6.52
C MET A 16 5.51 3.61 5.88
N ASP A 17 6.03 2.56 6.47
CA ASP A 17 7.28 1.97 6.00
C ASP A 17 7.17 0.46 5.95
N VAL A 18 8.17 -0.18 5.36
CA VAL A 18 8.20 -1.63 5.29
C VAL A 18 8.20 -2.21 6.70
N GLY A 19 7.36 -3.22 6.91
CA GLY A 19 7.25 -3.80 8.23
C GLY A 19 5.96 -3.38 8.89
N GLN A 20 5.54 -2.15 8.61
CA GLN A 20 4.30 -1.60 9.14
C GLN A 20 3.12 -2.32 8.54
N LYS A 21 2.04 -2.39 9.29
CA LYS A 21 0.85 -3.03 8.80
C LYS A 21 -0.19 -2.00 8.42
N VAL A 22 -1.00 -2.33 7.45
CA VAL A 22 -2.04 -1.43 6.99
C VAL A 22 -3.34 -2.19 6.79
N ARG A 23 -4.43 -1.48 6.90
CA ARG A 23 -5.74 -2.05 6.72
C ARG A 23 -6.48 -1.29 5.63
N VAL A 24 -7.03 -2.01 4.67
CA VAL A 24 -7.77 -1.38 3.59
C VAL A 24 -9.16 -1.04 4.07
N CYS A 25 -9.39 0.21 4.40
CA CYS A 25 -10.69 0.63 4.91
C CYS A 25 -11.60 1.11 3.80
N ARG A 26 -11.02 1.50 2.69
CA ARG A 26 -11.78 1.96 1.56
C ARG A 26 -11.04 1.68 0.28
N ILE A 27 -11.72 1.81 -0.82
CA ILE A 27 -11.10 1.61 -2.11
C ILE A 27 -11.07 2.93 -2.86
N ARG A 28 -9.91 3.26 -3.39
CA ARG A 28 -9.73 4.53 -4.06
C ARG A 28 -10.20 4.48 -5.50
N ASP A 29 -9.83 3.43 -6.21
CA ASP A 29 -10.21 3.32 -7.62
C ASP A 29 -11.40 2.40 -7.82
N ARG A 30 -11.16 1.11 -7.84
CA ARG A 30 -12.20 0.13 -8.10
C ARG A 30 -11.97 -1.12 -7.26
N VAL A 31 -13.03 -1.84 -6.96
CA VAL A 31 -12.91 -3.05 -6.18
C VAL A 31 -13.15 -4.28 -7.04
N ALA A 32 -12.09 -5.06 -7.25
CA ALA A 32 -12.17 -6.29 -8.00
C ALA A 32 -12.53 -7.47 -7.09
N GLN A 33 -12.84 -8.62 -7.71
CA GLN A 33 -13.20 -9.82 -6.96
C GLN A 33 -12.08 -10.25 -5.99
N ASP A 34 -10.84 -9.96 -6.36
CA ASP A 34 -9.71 -10.28 -5.50
C ASP A 34 -9.44 -9.18 -4.49
N ILE A 35 -9.94 -7.99 -4.78
CA ILE A 35 -9.72 -6.83 -3.92
C ILE A 35 -10.75 -6.78 -2.81
N ILE A 36 -11.97 -7.20 -3.12
CA ILE A 36 -13.06 -7.18 -2.14
C ILE A 36 -12.71 -8.03 -0.89
N GLN A 37 -11.88 -9.04 -1.10
CA GLN A 37 -11.47 -9.93 -0.01
C GLN A 37 -10.44 -9.26 0.89
N LYS A 38 -9.86 -8.17 0.42
CA LYS A 38 -8.83 -7.48 1.16
C LYS A 38 -9.41 -6.26 1.87
N LEU A 39 -10.61 -5.87 1.49
CA LEU A 39 -11.27 -4.72 2.08
C LEU A 39 -11.63 -5.02 3.54
N GLY A 40 -10.99 -4.30 4.44
CA GLY A 40 -11.20 -4.50 5.86
C GLY A 40 -10.18 -5.42 6.46
N GLN A 41 -9.35 -6.01 5.62
CA GLN A 41 -8.34 -6.95 6.08
C GLN A 41 -7.03 -6.22 6.39
N VAL A 42 -6.24 -6.80 7.28
CA VAL A 42 -4.97 -6.22 7.68
C VAL A 42 -3.81 -6.96 7.01
N GLY A 43 -2.83 -6.21 6.54
CA GLY A 43 -1.67 -6.81 5.93
C GLY A 43 -0.41 -6.04 6.27
N GLN A 44 0.74 -6.64 6.02
CA GLN A 44 2.02 -6.02 6.32
C GLN A 44 2.65 -5.44 5.06
N ILE A 45 3.14 -4.21 5.16
CA ILE A 45 3.82 -3.57 4.04
C ILE A 45 5.15 -4.25 3.80
N THR A 46 5.30 -4.87 2.66
CA THR A 46 6.51 -5.57 2.33
C THR A 46 7.28 -4.88 1.20
N GLY A 47 6.72 -3.80 0.69
CA GLY A 47 7.38 -3.09 -0.38
C GLY A 47 6.54 -1.94 -0.90
N PHE A 48 7.15 -1.07 -1.66
CA PHE A 48 6.47 0.06 -2.25
C PHE A 48 6.57 0.03 -3.75
N LYS A 49 5.45 0.08 -4.40
CA LYS A 49 5.36 -0.01 -5.84
C LYS A 49 5.31 1.39 -6.45
N MET A 50 5.80 1.53 -7.64
CA MET A 50 5.75 2.81 -8.32
C MET A 50 4.61 2.84 -9.32
N THR A 51 3.66 3.72 -9.10
CA THR A 51 2.53 3.85 -9.98
C THR A 51 2.45 5.27 -10.53
N ASP A 52 2.81 5.45 -11.77
CA ASP A 52 2.78 6.77 -12.37
C ASP A 52 1.35 7.20 -12.64
N GLY A 53 1.02 8.40 -12.20
CA GLY A 53 -0.33 8.89 -12.36
C GLY A 53 -1.10 8.84 -11.05
N SER A 54 -0.62 8.03 -10.13
CA SER A 54 -1.27 7.87 -8.83
C SER A 54 -0.29 8.12 -7.69
N GLY A 55 0.97 7.83 -7.91
CA GLY A 55 1.97 8.05 -6.89
C GLY A 55 2.64 6.76 -6.46
N VAL A 56 2.71 6.55 -5.16
CA VAL A 56 3.34 5.37 -4.63
C VAL A 56 2.31 4.34 -4.22
N GLY A 57 2.47 3.13 -4.72
CA GLY A 57 1.60 2.06 -4.37
C GLY A 57 2.19 1.25 -3.23
N VAL A 58 1.37 0.73 -2.39
CA VAL A 58 1.84 -0.03 -1.25
C VAL A 58 1.64 -1.51 -1.48
N ILE A 59 2.73 -2.25 -1.63
CA ILE A 59 2.66 -3.69 -1.78
C ILE A 59 2.48 -4.33 -0.42
N VAL A 60 1.27 -4.72 -0.12
CA VAL A 60 0.92 -5.25 1.17
C VAL A 60 0.75 -6.77 1.14
N THR A 61 1.43 -7.44 2.04
CA THR A 61 1.29 -8.87 2.20
C THR A 61 0.30 -9.14 3.33
N PHE A 62 -0.89 -9.55 2.96
CA PHE A 62 -1.97 -9.76 3.91
C PHE A 62 -1.80 -11.04 4.71
N ASP A 63 -2.74 -11.27 5.64
CA ASP A 63 -2.72 -12.45 6.51
C ASP A 63 -2.84 -13.73 5.69
N ASP A 64 -3.36 -13.60 4.47
CA ASP A 64 -3.49 -14.74 3.56
C ASP A 64 -2.14 -15.10 2.95
N ARG A 65 -1.11 -14.34 3.35
CA ARG A 65 0.26 -14.53 2.87
C ARG A 65 0.38 -14.19 1.39
N SER A 66 -0.56 -13.40 0.91
CA SER A 66 -0.57 -12.96 -0.46
C SER A 66 -0.33 -11.46 -0.52
N SER A 67 0.45 -11.02 -1.48
CA SER A 67 0.78 -9.63 -1.61
C SER A 67 -0.08 -8.94 -2.68
N THR A 68 -0.58 -7.77 -2.35
CA THR A 68 -1.38 -6.99 -3.25
C THR A 68 -1.10 -5.50 -3.00
N TRP A 69 -1.07 -4.71 -4.06
CA TRP A 69 -0.75 -3.29 -3.93
C TRP A 69 -1.99 -2.43 -3.85
N PHE A 70 -1.95 -1.47 -2.94
CA PHE A 70 -3.03 -0.51 -2.73
C PHE A 70 -2.45 0.89 -2.64
N PHE A 71 -3.29 1.90 -2.69
CA PHE A 71 -2.81 3.28 -2.62
C PHE A 71 -2.63 3.74 -1.17
N GLU A 72 -1.82 4.78 -0.99
CA GLU A 72 -1.50 5.33 0.33
C GLU A 72 -2.75 5.82 1.05
N ASP A 73 -3.56 6.60 0.36
CA ASP A 73 -4.77 7.18 0.94
C ASP A 73 -5.95 6.19 0.89
N GLU A 74 -5.63 4.96 0.57
CA GLU A 74 -6.62 3.90 0.47
C GLU A 74 -6.51 2.93 1.65
N VAL A 75 -5.33 2.90 2.26
CA VAL A 75 -5.10 2.03 3.40
C VAL A 75 -4.55 2.82 4.58
N GLU A 76 -4.91 2.44 5.78
CA GLU A 76 -4.44 3.12 6.97
C GLU A 76 -3.43 2.27 7.73
N VAL A 77 -2.54 2.93 8.44
CA VAL A 77 -1.51 2.25 9.19
C VAL A 77 -2.07 1.69 10.49
N VAL A 78 -1.67 0.47 10.81
CA VAL A 78 -2.12 -0.22 12.02
C VAL A 78 -0.99 -1.06 12.59
N GLY A 79 -1.13 -1.47 13.82
CA GLY A 79 -0.13 -2.31 14.44
C GLY A 79 -0.75 -3.42 15.25
N MET A 1 22.23 9.44 -1.29
CA MET A 1 23.23 10.47 -1.64
C MET A 1 23.67 10.31 -3.08
N ALA A 2 23.83 11.46 -3.77
CA ALA A 2 24.18 11.50 -5.21
C ALA A 2 23.00 11.09 -6.06
N SER A 3 22.73 11.87 -7.11
CA SER A 3 21.59 11.63 -7.99
C SER A 3 20.29 11.81 -7.20
N TRP A 4 19.20 11.26 -7.70
CA TRP A 4 17.91 11.37 -7.01
C TRP A 4 17.92 10.50 -5.74
N SER A 5 18.67 9.39 -5.80
CA SER A 5 18.83 8.46 -4.67
C SER A 5 17.52 7.73 -4.32
N HIS A 6 16.56 8.49 -3.82
CA HIS A 6 15.31 7.92 -3.34
C HIS A 6 14.12 8.71 -3.87
N PRO A 7 12.95 8.07 -3.95
CA PRO A 7 11.72 8.75 -4.36
C PRO A 7 11.27 9.72 -3.28
N GLN A 8 10.39 10.63 -3.64
CA GLN A 8 9.89 11.60 -2.69
C GLN A 8 8.50 11.23 -2.25
N PHE A 9 8.24 11.38 -0.97
CA PHE A 9 6.95 11.04 -0.40
C PHE A 9 6.33 12.22 0.30
N GLU A 10 5.04 12.34 0.18
CA GLU A 10 4.31 13.41 0.80
C GLU A 10 3.71 12.95 2.13
N LYS A 11 2.75 12.04 2.07
CA LYS A 11 2.09 11.53 3.26
C LYS A 11 2.70 10.19 3.66
N ILE A 12 3.34 9.55 2.71
CA ILE A 12 3.96 8.26 2.94
C ILE A 12 5.29 8.43 3.66
N GLU A 13 5.80 7.34 4.24
CA GLU A 13 7.08 7.32 4.96
C GLU A 13 6.95 7.95 6.35
N GLY A 14 6.22 9.06 6.42
CA GLY A 14 6.02 9.74 7.68
C GLY A 14 4.85 9.17 8.47
N ARG A 15 4.41 7.98 8.08
CA ARG A 15 3.32 7.29 8.77
C ARG A 15 3.27 5.83 8.34
N MET A 16 3.36 5.58 7.05
CA MET A 16 3.39 4.22 6.54
C MET A 16 4.74 3.93 5.92
N ASP A 17 5.41 2.91 6.43
CA ASP A 17 6.72 2.51 5.95
C ASP A 17 6.86 0.99 5.99
N VAL A 18 7.89 0.47 5.35
CA VAL A 18 8.11 -0.97 5.30
C VAL A 18 8.27 -1.56 6.70
N GLY A 19 7.43 -2.54 7.00
CA GLY A 19 7.45 -3.16 8.31
C GLY A 19 6.19 -2.82 9.09
N GLN A 20 5.56 -1.72 8.71
CA GLN A 20 4.32 -1.30 9.33
C GLN A 20 3.16 -2.14 8.83
N LYS A 21 2.11 -2.21 9.62
CA LYS A 21 0.95 -2.97 9.24
C LYS A 21 -0.12 -2.03 8.75
N VAL A 22 -0.75 -2.40 7.65
CA VAL A 22 -1.78 -1.57 7.08
C VAL A 22 -3.02 -2.37 6.77
N ARG A 23 -4.14 -1.75 7.00
CA ARG A 23 -5.41 -2.36 6.74
C ARG A 23 -6.08 -1.63 5.61
N VAL A 24 -6.74 -2.35 4.73
CA VAL A 24 -7.45 -1.71 3.64
C VAL A 24 -8.70 -1.06 4.18
N CYS A 25 -8.63 0.24 4.38
CA CYS A 25 -9.71 0.99 4.99
C CYS A 25 -10.82 1.28 3.99
N ARG A 26 -10.43 1.59 2.78
CA ARG A 26 -11.37 1.96 1.75
C ARG A 26 -10.78 1.69 0.39
N ILE A 27 -11.60 1.81 -0.62
CA ILE A 27 -11.15 1.69 -1.99
C ILE A 27 -11.41 3.01 -2.70
N ARG A 28 -10.41 3.51 -3.39
CA ARG A 28 -10.48 4.84 -3.98
C ARG A 28 -11.27 4.93 -5.29
N ASP A 29 -10.70 4.49 -6.40
CA ASP A 29 -11.34 4.72 -7.69
C ASP A 29 -12.21 3.56 -8.17
N ARG A 30 -11.72 2.34 -8.10
CA ARG A 30 -12.49 1.20 -8.60
C ARG A 30 -12.34 -0.03 -7.73
N VAL A 31 -13.44 -0.66 -7.42
CA VAL A 31 -13.43 -1.85 -6.60
C VAL A 31 -13.76 -3.09 -7.42
N ALA A 32 -12.78 -3.96 -7.57
CA ALA A 32 -12.98 -5.23 -8.23
C ALA A 32 -13.45 -6.25 -7.22
N GLN A 33 -14.05 -7.33 -7.69
CA GLN A 33 -14.53 -8.38 -6.81
C GLN A 33 -13.35 -9.15 -6.20
N ASP A 34 -12.17 -8.97 -6.78
CA ASP A 34 -10.97 -9.63 -6.28
C ASP A 34 -10.41 -8.86 -5.08
N ILE A 35 -10.29 -7.54 -5.22
CA ILE A 35 -9.72 -6.71 -4.16
C ILE A 35 -10.73 -6.41 -3.06
N ILE A 36 -12.02 -6.57 -3.36
CA ILE A 36 -13.06 -6.34 -2.35
C ILE A 36 -12.95 -7.41 -1.25
N GLN A 37 -12.28 -8.50 -1.59
CA GLN A 37 -12.05 -9.61 -0.67
C GLN A 37 -10.91 -9.26 0.28
N LYS A 38 -10.29 -8.11 0.06
CA LYS A 38 -9.19 -7.66 0.88
C LYS A 38 -9.59 -6.41 1.66
N LEU A 39 -10.77 -5.88 1.35
CA LEU A 39 -11.27 -4.68 2.02
C LEU A 39 -11.58 -5.01 3.48
N GLY A 40 -11.01 -4.24 4.39
CA GLY A 40 -11.22 -4.47 5.81
C GLY A 40 -10.21 -5.43 6.38
N GLN A 41 -9.44 -6.06 5.50
CA GLN A 41 -8.46 -7.04 5.89
C GLN A 41 -7.13 -6.34 6.22
N VAL A 42 -6.45 -6.84 7.24
CA VAL A 42 -5.20 -6.26 7.70
C VAL A 42 -4.00 -6.98 7.07
N GLY A 43 -3.01 -6.21 6.66
CA GLY A 43 -1.81 -6.77 6.09
C GLY A 43 -0.58 -6.03 6.56
N GLN A 44 0.56 -6.30 5.95
CA GLN A 44 1.79 -5.64 6.33
C GLN A 44 2.53 -5.11 5.11
N ILE A 45 3.15 -3.94 5.27
CA ILE A 45 3.90 -3.33 4.19
C ILE A 45 5.25 -4.00 4.02
N THR A 46 5.38 -4.74 2.93
CA THR A 46 6.62 -5.42 2.64
C THR A 46 7.42 -4.64 1.61
N GLY A 47 6.79 -3.64 1.02
CA GLY A 47 7.46 -2.81 0.04
C GLY A 47 6.50 -1.80 -0.54
N PHE A 48 7.03 -0.91 -1.36
CA PHE A 48 6.21 0.11 -2.00
C PHE A 48 6.22 -0.05 -3.51
N LYS A 49 5.18 0.46 -4.14
CA LYS A 49 5.03 0.37 -5.57
C LYS A 49 4.80 1.75 -6.15
N MET A 50 5.51 2.09 -7.20
CA MET A 50 5.31 3.39 -7.81
C MET A 50 4.11 3.34 -8.76
N THR A 51 3.17 4.22 -8.55
CA THR A 51 2.01 4.31 -9.40
C THR A 51 2.04 5.63 -10.16
N ASP A 52 1.11 5.83 -11.06
CA ASP A 52 1.13 7.03 -11.89
C ASP A 52 0.02 7.99 -11.50
N GLY A 53 -1.17 7.78 -12.04
CA GLY A 53 -2.28 8.69 -11.80
C GLY A 53 -2.97 8.44 -10.48
N SER A 54 -2.26 8.64 -9.38
CA SER A 54 -2.79 8.44 -8.04
C SER A 54 -1.76 8.83 -6.98
N GLY A 55 -0.50 8.61 -7.30
CA GLY A 55 0.57 8.89 -6.36
C GLY A 55 1.48 7.70 -6.22
N VAL A 56 1.62 7.20 -5.02
CA VAL A 56 2.42 6.02 -4.78
C VAL A 56 1.54 4.89 -4.21
N GLY A 57 1.84 3.66 -4.58
CA GLY A 57 1.09 2.54 -4.10
C GLY A 57 1.85 1.76 -3.05
N VAL A 58 1.13 0.99 -2.28
CA VAL A 58 1.72 0.20 -1.22
C VAL A 58 1.52 -1.28 -1.48
N ILE A 59 2.60 -2.03 -1.49
CA ILE A 59 2.51 -3.47 -1.69
C ILE A 59 2.29 -4.15 -0.34
N VAL A 60 1.07 -4.60 -0.14
CA VAL A 60 0.67 -5.18 1.12
C VAL A 60 0.66 -6.70 1.07
N THR A 61 1.37 -7.31 1.99
CA THR A 61 1.39 -8.74 2.12
C THR A 61 0.58 -9.14 3.34
N PHE A 62 -0.46 -9.92 3.12
CA PHE A 62 -1.35 -10.32 4.19
C PHE A 62 -0.90 -11.63 4.83
N ASP A 63 -1.37 -11.88 6.05
CA ASP A 63 -1.01 -13.11 6.79
C ASP A 63 -1.53 -14.34 6.06
N ASP A 64 -2.59 -14.15 5.28
CA ASP A 64 -3.17 -15.24 4.49
C ASP A 64 -2.28 -15.59 3.27
N ARG A 65 -1.09 -14.97 3.23
CA ARG A 65 -0.07 -15.19 2.19
C ARG A 65 -0.44 -14.56 0.86
N SER A 66 -1.39 -13.64 0.89
CA SER A 66 -1.80 -12.93 -0.30
C SER A 66 -1.11 -11.58 -0.35
N SER A 67 -0.50 -11.29 -1.48
CA SER A 67 0.18 -10.01 -1.65
C SER A 67 -0.42 -9.24 -2.81
N THR A 68 -0.76 -7.99 -2.57
CA THR A 68 -1.34 -7.15 -3.58
C THR A 68 -1.05 -5.69 -3.25
N TRP A 69 -1.34 -4.79 -4.15
CA TRP A 69 -1.03 -3.40 -3.94
C TRP A 69 -2.28 -2.55 -3.85
N PHE A 70 -2.20 -1.52 -3.02
CA PHE A 70 -3.27 -0.56 -2.85
C PHE A 70 -2.68 0.83 -2.86
N PHE A 71 -3.50 1.85 -2.97
CA PHE A 71 -2.98 3.21 -3.01
C PHE A 71 -2.65 3.73 -1.62
N GLU A 72 -1.73 4.69 -1.57
CA GLU A 72 -1.28 5.30 -0.33
C GLU A 72 -2.44 5.80 0.55
N ASP A 73 -3.37 6.51 -0.06
CA ASP A 73 -4.50 7.08 0.68
C ASP A 73 -5.70 6.13 0.63
N GLU A 74 -5.43 4.88 0.41
CA GLU A 74 -6.45 3.86 0.32
C GLU A 74 -6.34 2.89 1.51
N VAL A 75 -5.17 2.85 2.14
CA VAL A 75 -4.94 2.00 3.29
C VAL A 75 -4.74 2.82 4.55
N GLU A 76 -4.85 2.16 5.70
CA GLU A 76 -4.67 2.80 6.99
C GLU A 76 -3.56 2.12 7.77
N VAL A 77 -2.81 2.88 8.53
CA VAL A 77 -1.72 2.34 9.35
C VAL A 77 -2.28 1.80 10.66
N VAL A 78 -1.91 0.57 10.99
CA VAL A 78 -2.40 -0.07 12.19
C VAL A 78 -1.30 -0.83 12.91
N GLY A 79 -1.54 -1.14 14.16
CA GLY A 79 -0.60 -1.88 14.96
C GLY A 79 0.39 -0.97 15.64
N MET A 1 27.01 9.62 -15.03
CA MET A 1 26.38 9.48 -13.71
C MET A 1 27.26 10.09 -12.64
N ALA A 2 26.97 11.33 -12.28
CA ALA A 2 27.75 12.03 -11.28
C ALA A 2 27.21 11.74 -9.87
N SER A 3 26.20 12.47 -9.46
CA SER A 3 25.60 12.27 -8.16
C SER A 3 24.30 11.49 -8.29
N TRP A 4 24.21 10.37 -7.59
CA TRP A 4 23.04 9.51 -7.66
C TRP A 4 21.92 10.01 -6.76
N SER A 5 20.74 9.47 -6.95
CA SER A 5 19.59 9.81 -6.14
C SER A 5 18.70 8.59 -5.99
N HIS A 6 17.75 8.65 -5.08
CA HIS A 6 16.84 7.54 -4.84
C HIS A 6 15.44 8.06 -4.59
N PRO A 7 14.41 7.22 -4.77
CA PRO A 7 13.02 7.59 -4.49
C PRO A 7 12.86 8.16 -3.09
N GLN A 8 12.43 9.40 -3.01
CA GLN A 8 12.24 10.04 -1.75
C GLN A 8 10.81 9.82 -1.26
N PHE A 9 10.69 9.42 -0.01
CA PHE A 9 9.40 9.14 0.57
C PHE A 9 8.95 10.33 1.41
N GLU A 10 7.75 10.80 1.11
CA GLU A 10 7.18 11.95 1.78
C GLU A 10 6.45 11.55 3.06
N LYS A 11 5.33 12.22 3.34
CA LYS A 11 4.50 11.96 4.53
C LYS A 11 4.21 10.48 4.72
N ILE A 12 4.17 9.74 3.60
CA ILE A 12 3.94 8.31 3.62
C ILE A 12 4.89 7.59 4.58
N GLU A 13 6.17 7.96 4.55
CA GLU A 13 7.18 7.32 5.38
C GLU A 13 6.91 7.53 6.87
N GLY A 14 6.34 8.69 7.20
CA GLY A 14 6.06 9.02 8.57
C GLY A 14 4.80 8.35 9.10
N ARG A 15 4.08 7.65 8.23
CA ARG A 15 2.84 6.99 8.64
C ARG A 15 2.92 5.50 8.36
N MET A 16 3.30 5.16 7.14
CA MET A 16 3.35 3.79 6.71
C MET A 16 4.67 3.50 6.00
N ASP A 17 5.46 2.58 6.55
CA ASP A 17 6.73 2.19 5.93
C ASP A 17 6.91 0.68 5.99
N VAL A 18 7.94 0.18 5.30
CA VAL A 18 8.22 -1.25 5.24
C VAL A 18 8.40 -1.84 6.64
N GLY A 19 7.53 -2.74 7.02
CA GLY A 19 7.58 -3.34 8.34
C GLY A 19 6.34 -3.04 9.14
N GLN A 20 5.63 -1.99 8.74
CA GLN A 20 4.39 -1.62 9.40
C GLN A 20 3.22 -2.37 8.80
N LYS A 21 2.13 -2.40 9.52
CA LYS A 21 0.92 -3.06 9.06
C LYS A 21 -0.10 -2.04 8.62
N VAL A 22 -0.81 -2.38 7.56
CA VAL A 22 -1.84 -1.52 7.03
C VAL A 22 -3.10 -2.32 6.72
N ARG A 23 -4.20 -1.65 6.69
CA ARG A 23 -5.48 -2.27 6.41
C ARG A 23 -6.18 -1.51 5.31
N VAL A 24 -6.78 -2.23 4.39
CA VAL A 24 -7.53 -1.61 3.31
C VAL A 24 -8.77 -0.94 3.89
N CYS A 25 -8.75 0.37 3.95
CA CYS A 25 -9.81 1.15 4.57
C CYS A 25 -10.91 1.48 3.57
N ARG A 26 -10.51 1.68 2.34
CA ARG A 26 -11.43 2.08 1.29
C ARG A 26 -10.96 1.51 -0.03
N ILE A 27 -11.78 1.62 -1.05
CA ILE A 27 -11.42 1.14 -2.36
C ILE A 27 -11.53 2.28 -3.36
N ARG A 28 -10.43 2.59 -4.01
CA ARG A 28 -10.37 3.70 -4.92
C ARG A 28 -10.67 3.30 -6.36
N ASP A 29 -11.48 4.13 -7.02
CA ASP A 29 -11.81 4.00 -8.45
C ASP A 29 -12.70 2.80 -8.77
N ARG A 30 -12.14 1.61 -8.72
CA ARG A 30 -12.87 0.40 -9.10
C ARG A 30 -12.62 -0.72 -8.10
N VAL A 31 -13.70 -1.39 -7.70
CA VAL A 31 -13.59 -2.48 -6.75
C VAL A 31 -13.30 -3.80 -7.45
N ALA A 32 -12.12 -4.34 -7.22
CA ALA A 32 -11.76 -5.62 -7.78
C ALA A 32 -12.24 -6.75 -6.90
N GLN A 33 -12.35 -7.95 -7.46
CA GLN A 33 -12.82 -9.11 -6.72
C GLN A 33 -11.85 -9.46 -5.59
N ASP A 34 -10.58 -9.14 -5.76
CA ASP A 34 -9.59 -9.37 -4.73
C ASP A 34 -9.66 -8.28 -3.67
N ILE A 35 -9.83 -7.04 -4.10
CA ILE A 35 -9.86 -5.90 -3.21
C ILE A 35 -11.04 -5.98 -2.25
N ILE A 36 -12.17 -6.45 -2.74
CA ILE A 36 -13.37 -6.54 -1.91
C ILE A 36 -13.14 -7.51 -0.74
N GLN A 37 -12.21 -8.45 -0.93
CA GLN A 37 -11.86 -9.41 0.11
C GLN A 37 -10.87 -8.78 1.07
N LYS A 38 -9.95 -8.00 0.53
CA LYS A 38 -8.90 -7.38 1.31
C LYS A 38 -9.42 -6.17 2.08
N LEU A 39 -10.59 -5.69 1.69
CA LEU A 39 -11.22 -4.55 2.36
C LEU A 39 -11.54 -4.95 3.81
N GLY A 40 -10.92 -4.25 4.75
CA GLY A 40 -11.12 -4.55 6.15
C GLY A 40 -10.11 -5.56 6.66
N GLN A 41 -9.26 -6.03 5.77
CA GLN A 41 -8.24 -7.02 6.11
C GLN A 41 -6.91 -6.32 6.39
N VAL A 42 -6.18 -6.80 7.38
CA VAL A 42 -4.90 -6.19 7.77
C VAL A 42 -3.72 -7.01 7.23
N GLY A 43 -2.70 -6.31 6.75
CA GLY A 43 -1.51 -6.96 6.24
C GLY A 43 -0.26 -6.15 6.56
N GLN A 44 0.90 -6.66 6.16
CA GLN A 44 2.16 -5.97 6.43
C GLN A 44 2.75 -5.37 5.16
N ILE A 45 3.35 -4.20 5.30
CA ILE A 45 3.98 -3.52 4.18
C ILE A 45 5.32 -4.18 3.86
N THR A 46 5.45 -4.66 2.63
CA THR A 46 6.67 -5.29 2.20
C THR A 46 7.41 -4.47 1.14
N GLY A 47 6.82 -3.34 0.75
CA GLY A 47 7.46 -2.49 -0.23
C GLY A 47 6.55 -1.40 -0.73
N PHE A 48 7.08 -0.55 -1.60
CA PHE A 48 6.34 0.56 -2.17
C PHE A 48 6.57 0.63 -3.67
N LYS A 49 5.58 1.10 -4.40
CA LYS A 49 5.68 1.24 -5.84
C LYS A 49 5.02 2.52 -6.30
N MET A 50 5.75 3.35 -7.00
CA MET A 50 5.19 4.57 -7.55
C MET A 50 4.14 4.23 -8.61
N THR A 51 2.88 4.39 -8.25
CA THR A 51 1.78 4.04 -9.13
C THR A 51 1.35 5.22 -10.00
N ASP A 52 0.50 4.95 -10.97
CA ASP A 52 0.00 5.97 -11.87
C ASP A 52 -1.32 6.52 -11.36
N GLY A 53 -1.62 7.76 -11.72
CA GLY A 53 -2.83 8.39 -11.27
C GLY A 53 -2.69 8.90 -9.84
N SER A 54 -2.78 7.98 -8.90
CA SER A 54 -2.64 8.31 -7.49
C SER A 54 -1.16 8.34 -7.12
N GLY A 55 -0.87 8.50 -5.83
CA GLY A 55 0.51 8.60 -5.37
C GLY A 55 1.26 7.28 -5.42
N VAL A 56 1.68 6.82 -4.27
CA VAL A 56 2.46 5.61 -4.16
C VAL A 56 1.59 4.42 -3.76
N GLY A 57 1.85 3.28 -4.35
CA GLY A 57 1.14 2.09 -4.02
C GLY A 57 1.92 1.27 -3.01
N VAL A 58 1.24 0.83 -1.99
CA VAL A 58 1.86 0.08 -0.93
C VAL A 58 1.70 -1.41 -1.17
N ILE A 59 2.81 -2.14 -1.16
CA ILE A 59 2.77 -3.59 -1.32
C ILE A 59 2.48 -4.22 0.02
N VAL A 60 1.31 -4.80 0.15
CA VAL A 60 0.88 -5.37 1.40
C VAL A 60 0.78 -6.89 1.32
N THR A 61 1.46 -7.56 2.21
CA THR A 61 1.39 -8.99 2.33
C THR A 61 0.44 -9.36 3.46
N PHE A 62 -0.66 -9.97 3.13
CA PHE A 62 -1.69 -10.28 4.11
C PHE A 62 -1.50 -11.63 4.78
N ASP A 63 -2.39 -11.92 5.71
CA ASP A 63 -2.36 -13.14 6.51
C ASP A 63 -2.77 -14.37 5.69
N ASP A 64 -3.26 -14.14 4.50
CA ASP A 64 -3.69 -15.22 3.62
C ASP A 64 -2.58 -15.60 2.65
N ARG A 65 -1.39 -15.05 2.91
CA ARG A 65 -0.19 -15.29 2.10
C ARG A 65 -0.29 -14.64 0.72
N SER A 66 -1.28 -13.78 0.56
CA SER A 66 -1.45 -13.05 -0.67
C SER A 66 -0.89 -11.64 -0.50
N SER A 67 -0.16 -11.19 -1.49
CA SER A 67 0.42 -9.88 -1.46
C SER A 67 0.00 -9.09 -2.68
N THR A 68 -0.36 -7.84 -2.47
CA THR A 68 -0.79 -7.00 -3.55
C THR A 68 -0.55 -5.54 -3.18
N TRP A 69 -0.74 -4.66 -4.13
CA TRP A 69 -0.51 -3.25 -3.89
C TRP A 69 -1.83 -2.49 -3.78
N PHE A 70 -1.84 -1.52 -2.89
CA PHE A 70 -2.98 -0.63 -2.70
C PHE A 70 -2.48 0.79 -2.61
N PHE A 71 -3.31 1.74 -2.94
CA PHE A 71 -2.88 3.13 -2.91
C PHE A 71 -2.69 3.63 -1.48
N GLU A 72 -1.78 4.57 -1.31
CA GLU A 72 -1.49 5.19 -0.01
C GLU A 72 -2.77 5.76 0.63
N ASP A 73 -3.67 6.27 -0.21
CA ASP A 73 -4.93 6.86 0.27
C ASP A 73 -6.03 5.82 0.31
N GLU A 74 -5.66 4.58 0.10
CA GLU A 74 -6.60 3.48 0.06
C GLU A 74 -6.46 2.59 1.29
N VAL A 75 -5.29 2.65 1.92
CA VAL A 75 -5.04 1.87 3.11
C VAL A 75 -4.82 2.76 4.33
N GLU A 76 -5.06 2.19 5.49
CA GLU A 76 -4.87 2.87 6.75
C GLU A 76 -3.80 2.14 7.55
N VAL A 77 -3.19 2.80 8.49
CA VAL A 77 -2.14 2.18 9.30
C VAL A 77 -2.73 1.51 10.53
N VAL A 78 -2.38 0.25 10.74
CA VAL A 78 -2.89 -0.51 11.87
C VAL A 78 -1.74 -1.20 12.58
N GLY A 79 -1.46 -0.77 13.77
CA GLY A 79 -0.39 -1.35 14.53
C GLY A 79 0.74 -0.38 14.74
N MET A 1 24.45 16.61 8.36
CA MET A 1 24.65 15.49 7.41
C MET A 1 23.97 15.75 6.08
N ALA A 2 23.35 16.94 5.94
CA ALA A 2 22.60 17.30 4.73
C ALA A 2 21.46 16.31 4.51
N SER A 3 20.89 16.30 3.33
CA SER A 3 19.83 15.38 3.02
C SER A 3 20.41 14.13 2.37
N TRP A 4 20.20 12.99 2.98
CA TRP A 4 20.68 11.74 2.46
C TRP A 4 19.85 11.31 1.23
N SER A 5 20.43 10.49 0.35
CA SER A 5 19.76 10.02 -0.85
C SER A 5 18.68 9.01 -0.51
N HIS A 6 17.51 9.52 -0.17
CA HIS A 6 16.39 8.68 0.20
C HIS A 6 15.55 8.31 -1.02
N PRO A 7 14.94 7.10 -1.03
CA PRO A 7 14.10 6.63 -2.14
C PRO A 7 12.74 7.29 -2.14
N GLN A 8 12.72 8.63 -2.23
CA GLN A 8 11.50 9.41 -2.18
C GLN A 8 10.86 9.31 -0.79
N PHE A 9 9.55 9.56 -0.70
CA PHE A 9 8.80 9.51 0.57
C PHE A 9 9.16 10.72 1.45
N GLU A 10 8.17 11.52 1.79
CA GLU A 10 8.41 12.70 2.61
C GLU A 10 8.05 12.40 4.06
N LYS A 11 6.76 12.48 4.37
CA LYS A 11 6.28 12.21 5.70
C LYS A 11 5.80 10.78 5.78
N ILE A 12 5.37 10.26 4.62
CA ILE A 12 4.90 8.89 4.51
C ILE A 12 6.00 7.90 4.87
N GLU A 13 7.26 8.36 4.84
CA GLU A 13 8.40 7.54 5.17
C GLU A 13 8.33 7.09 6.64
N GLY A 14 7.66 7.89 7.46
CA GLY A 14 7.55 7.58 8.87
C GLY A 14 6.22 6.96 9.24
N ARG A 15 5.32 6.84 8.27
CA ARG A 15 4.00 6.25 8.54
C ARG A 15 3.99 4.84 8.00
N MET A 16 4.04 4.74 6.70
CA MET A 16 4.06 3.48 6.03
C MET A 16 5.49 3.05 5.79
N ASP A 17 5.87 1.94 6.39
CA ASP A 17 7.23 1.42 6.28
C ASP A 17 7.21 -0.10 6.22
N VAL A 18 8.28 -0.69 5.73
CA VAL A 18 8.38 -2.14 5.64
C VAL A 18 8.28 -2.76 7.03
N GLY A 19 7.23 -3.52 7.25
CA GLY A 19 7.01 -4.12 8.55
C GLY A 19 5.79 -3.54 9.24
N GLN A 20 5.41 -2.33 8.83
CA GLN A 20 4.25 -1.65 9.39
C GLN A 20 2.97 -2.31 8.92
N LYS A 21 1.95 -2.25 9.76
CA LYS A 21 0.67 -2.84 9.45
C LYS A 21 -0.25 -1.80 8.83
N VAL A 22 -0.97 -2.20 7.82
CA VAL A 22 -1.92 -1.32 7.17
C VAL A 22 -3.20 -2.04 6.86
N ARG A 23 -4.30 -1.38 7.09
CA ARG A 23 -5.59 -1.96 6.84
C ARG A 23 -6.22 -1.29 5.63
N VAL A 24 -6.87 -2.09 4.81
CA VAL A 24 -7.55 -1.57 3.64
C VAL A 24 -8.77 -0.79 4.10
N CYS A 25 -8.71 0.52 3.95
CA CYS A 25 -9.76 1.39 4.40
C CYS A 25 -10.81 1.56 3.31
N ARG A 26 -10.36 1.46 2.08
CA ARG A 26 -11.21 1.65 0.92
C ARG A 26 -10.55 1.00 -0.28
N ILE A 27 -11.28 0.89 -1.37
CA ILE A 27 -10.72 0.39 -2.61
C ILE A 27 -11.12 1.32 -3.75
N ARG A 28 -10.14 1.93 -4.37
CA ARG A 28 -10.38 2.88 -5.44
C ARG A 28 -10.61 2.17 -6.77
N ASP A 29 -11.83 1.62 -6.93
CA ASP A 29 -12.25 0.91 -8.14
C ASP A 29 -11.46 -0.40 -8.31
N ARG A 30 -11.59 -1.04 -9.48
CA ARG A 30 -10.92 -2.32 -9.82
C ARG A 30 -10.96 -3.33 -8.65
N VAL A 31 -12.14 -3.51 -8.07
CA VAL A 31 -12.28 -4.44 -6.97
C VAL A 31 -12.46 -5.85 -7.49
N ALA A 32 -11.49 -6.71 -7.23
CA ALA A 32 -11.61 -8.10 -7.60
C ALA A 32 -12.31 -8.87 -6.50
N GLN A 33 -12.75 -10.08 -6.79
CA GLN A 33 -13.43 -10.91 -5.80
C GLN A 33 -12.49 -11.27 -4.66
N ASP A 34 -11.21 -11.29 -4.96
CA ASP A 34 -10.18 -11.60 -3.98
C ASP A 34 -9.77 -10.35 -3.21
N ILE A 35 -10.00 -9.18 -3.80
CA ILE A 35 -9.62 -7.91 -3.16
C ILE A 35 -10.70 -7.45 -2.21
N ILE A 36 -11.96 -7.67 -2.56
CA ILE A 36 -13.07 -7.23 -1.73
C ILE A 36 -12.98 -7.85 -0.32
N GLN A 37 -12.33 -9.01 -0.24
CA GLN A 37 -12.11 -9.68 1.04
C GLN A 37 -11.23 -8.85 1.93
N LYS A 38 -10.28 -8.15 1.33
CA LYS A 38 -9.33 -7.36 2.06
C LYS A 38 -9.90 -6.03 2.52
N LEU A 39 -11.08 -5.69 2.06
CA LEU A 39 -11.74 -4.47 2.50
C LEU A 39 -12.05 -4.61 3.98
N GLY A 40 -11.30 -3.89 4.80
CA GLY A 40 -11.47 -3.99 6.23
C GLY A 40 -10.45 -4.92 6.87
N GLN A 41 -9.67 -5.58 6.03
CA GLN A 41 -8.65 -6.53 6.48
C GLN A 41 -7.31 -5.82 6.63
N VAL A 42 -6.53 -6.22 7.62
CA VAL A 42 -5.24 -5.58 7.85
C VAL A 42 -4.10 -6.47 7.35
N GLY A 43 -3.13 -5.85 6.70
CA GLY A 43 -1.99 -6.57 6.19
C GLY A 43 -0.69 -5.93 6.62
N GLN A 44 0.40 -6.42 6.09
CA GLN A 44 1.71 -5.89 6.45
C GLN A 44 2.43 -5.35 5.22
N ILE A 45 3.05 -4.19 5.35
CA ILE A 45 3.78 -3.58 4.26
C ILE A 45 5.10 -4.30 4.04
N THR A 46 5.30 -4.81 2.84
CA THR A 46 6.53 -5.49 2.52
C THR A 46 7.37 -4.66 1.54
N GLY A 47 6.77 -3.64 0.97
CA GLY A 47 7.47 -2.79 0.05
C GLY A 47 6.59 -1.72 -0.53
N PHE A 48 7.18 -0.85 -1.32
CA PHE A 48 6.44 0.22 -1.97
C PHE A 48 6.32 -0.02 -3.45
N LYS A 49 5.42 0.70 -4.09
CA LYS A 49 5.23 0.58 -5.51
C LYS A 49 4.84 1.93 -6.09
N MET A 50 5.65 2.46 -6.98
CA MET A 50 5.33 3.72 -7.60
C MET A 50 4.19 3.54 -8.60
N THR A 51 3.10 4.24 -8.39
CA THR A 51 1.96 4.12 -9.26
C THR A 51 1.92 5.30 -10.22
N ASP A 52 2.21 5.03 -11.48
CA ASP A 52 2.26 6.05 -12.50
C ASP A 52 0.86 6.47 -12.91
N GLY A 53 0.52 7.72 -12.63
CA GLY A 53 -0.78 8.23 -12.98
C GLY A 53 -1.77 8.10 -11.83
N SER A 54 -1.23 8.02 -10.61
CA SER A 54 -2.07 7.92 -9.43
C SER A 54 -1.36 8.48 -8.20
N GLY A 55 -0.11 8.09 -8.01
CA GLY A 55 0.65 8.57 -6.87
C GLY A 55 1.53 7.50 -6.28
N VAL A 56 1.51 7.39 -4.97
CA VAL A 56 2.31 6.40 -4.28
C VAL A 56 1.49 5.16 -3.95
N GLY A 57 2.04 4.00 -4.27
CA GLY A 57 1.37 2.76 -3.98
C GLY A 57 2.12 1.97 -2.95
N VAL A 58 1.39 1.16 -2.20
CA VAL A 58 1.99 0.37 -1.15
C VAL A 58 1.70 -1.11 -1.39
N ILE A 59 2.74 -1.92 -1.39
CA ILE A 59 2.59 -3.35 -1.57
C ILE A 59 2.37 -4.02 -0.22
N VAL A 60 1.18 -4.56 -0.05
CA VAL A 60 0.77 -5.15 1.20
C VAL A 60 0.65 -6.66 1.10
N THR A 61 1.21 -7.35 2.06
CA THR A 61 1.12 -8.79 2.13
C THR A 61 0.18 -9.19 3.27
N PHE A 62 -0.82 -10.00 2.95
CA PHE A 62 -1.80 -10.42 3.93
C PHE A 62 -1.52 -11.83 4.41
N ASP A 63 -2.40 -12.34 5.27
CA ASP A 63 -2.29 -13.71 5.77
C ASP A 63 -2.62 -14.69 4.66
N ASP A 64 -3.15 -14.14 3.56
CA ASP A 64 -3.48 -14.90 2.36
C ASP A 64 -2.20 -15.41 1.70
N ARG A 65 -1.04 -14.98 2.22
CA ARG A 65 0.29 -15.34 1.70
C ARG A 65 0.58 -14.61 0.40
N SER A 66 -0.41 -13.87 -0.07
CA SER A 66 -0.29 -13.15 -1.31
C SER A 66 -0.09 -11.66 -1.03
N SER A 67 0.51 -10.97 -1.96
CA SER A 67 0.77 -9.56 -1.83
C SER A 67 0.17 -8.79 -3.00
N THR A 68 -0.40 -7.64 -2.71
CA THR A 68 -1.00 -6.81 -3.71
C THR A 68 -0.73 -5.35 -3.39
N TRP A 69 -0.89 -4.48 -4.36
CA TRP A 69 -0.61 -3.07 -4.16
C TRP A 69 -1.88 -2.28 -3.95
N PHE A 70 -1.81 -1.34 -3.04
CA PHE A 70 -2.92 -0.45 -2.76
C PHE A 70 -2.44 0.97 -2.85
N PHE A 71 -3.36 1.90 -2.93
CA PHE A 71 -3.01 3.30 -2.99
C PHE A 71 -2.66 3.83 -1.60
N GLU A 72 -1.84 4.86 -1.57
CA GLU A 72 -1.38 5.48 -0.33
C GLU A 72 -2.54 5.85 0.62
N ASP A 73 -3.61 6.44 0.10
CA ASP A 73 -4.74 6.86 0.93
C ASP A 73 -5.74 5.72 1.11
N GLU A 74 -5.57 4.70 0.30
CA GLU A 74 -6.47 3.57 0.28
C GLU A 74 -6.23 2.64 1.47
N VAL A 75 -5.04 2.71 2.03
CA VAL A 75 -4.73 1.93 3.21
C VAL A 75 -4.42 2.83 4.39
N GLU A 76 -4.76 2.37 5.58
CA GLU A 76 -4.52 3.13 6.80
C GLU A 76 -3.45 2.45 7.63
N VAL A 77 -2.55 3.23 8.20
CA VAL A 77 -1.49 2.69 9.03
C VAL A 77 -2.05 2.27 10.38
N VAL A 78 -1.98 0.99 10.66
CA VAL A 78 -2.50 0.46 11.90
C VAL A 78 -1.36 -0.03 12.78
N GLY A 79 -1.12 0.70 13.84
CA GLY A 79 -0.07 0.37 14.76
C GLY A 79 0.23 1.52 15.67
N MET A 1 19.86 15.61 -16.65
CA MET A 1 20.63 14.38 -16.38
C MET A 1 20.38 13.91 -14.96
N ALA A 2 19.78 12.74 -14.84
CA ALA A 2 19.50 12.16 -13.54
C ALA A 2 19.57 10.65 -13.60
N SER A 3 19.95 10.04 -12.50
CA SER A 3 20.04 8.60 -12.40
C SER A 3 18.73 8.05 -11.85
N TRP A 4 18.60 6.73 -11.79
CA TRP A 4 17.40 6.10 -11.27
C TRP A 4 17.34 6.27 -9.76
N SER A 5 16.14 6.47 -9.25
CA SER A 5 15.97 6.63 -7.83
C SER A 5 14.75 5.85 -7.35
N HIS A 6 14.75 5.49 -6.08
CA HIS A 6 13.64 4.77 -5.48
C HIS A 6 12.36 5.61 -5.55
N PRO A 7 11.18 4.97 -5.49
CA PRO A 7 9.89 5.69 -5.49
C PRO A 7 9.89 6.79 -4.45
N GLN A 8 9.82 8.02 -4.91
CA GLN A 8 9.85 9.16 -4.01
C GLN A 8 8.52 9.32 -3.30
N PHE A 9 8.57 9.65 -2.03
CA PHE A 9 7.38 9.82 -1.24
C PHE A 9 7.23 11.29 -0.87
N GLU A 10 6.00 11.72 -0.63
CA GLU A 10 5.76 13.11 -0.27
C GLU A 10 5.30 13.24 1.19
N LYS A 11 4.31 12.46 1.55
CA LYS A 11 3.77 12.48 2.90
C LYS A 11 3.55 11.06 3.38
N ILE A 12 3.30 10.15 2.43
CA ILE A 12 3.04 8.75 2.73
C ILE A 12 4.16 8.07 3.51
N GLU A 13 5.37 8.58 3.36
CA GLU A 13 6.53 8.01 4.06
C GLU A 13 6.39 8.16 5.58
N GLY A 14 5.55 9.11 6.00
CA GLY A 14 5.35 9.32 7.41
C GLY A 14 4.17 8.52 7.94
N ARG A 15 3.50 7.84 7.04
CA ARG A 15 2.35 7.01 7.41
C ARG A 15 2.69 5.57 7.19
N MET A 16 2.76 5.20 5.93
CA MET A 16 3.06 3.86 5.54
C MET A 16 4.55 3.65 5.42
N ASP A 17 5.03 2.61 6.04
CA ASP A 17 6.44 2.27 6.04
C ASP A 17 6.62 0.77 6.00
N VAL A 18 7.63 0.30 5.29
CA VAL A 18 7.88 -1.13 5.18
C VAL A 18 8.16 -1.74 6.56
N GLY A 19 7.37 -2.74 6.90
CA GLY A 19 7.47 -3.36 8.20
C GLY A 19 6.23 -3.10 9.01
N GLN A 20 5.59 -1.96 8.75
CA GLN A 20 4.36 -1.58 9.43
C GLN A 20 3.18 -2.28 8.79
N LYS A 21 2.07 -2.31 9.49
CA LYS A 21 0.88 -2.93 8.95
C LYS A 21 -0.12 -1.88 8.53
N VAL A 22 -0.95 -2.23 7.59
CA VAL A 22 -1.98 -1.35 7.10
C VAL A 22 -3.28 -2.11 6.91
N ARG A 23 -4.37 -1.38 6.97
CA ARG A 23 -5.68 -1.96 6.81
C ARG A 23 -6.41 -1.31 5.64
N VAL A 24 -6.84 -2.12 4.70
CA VAL A 24 -7.57 -1.62 3.55
C VAL A 24 -8.97 -1.18 4.00
N CYS A 25 -9.24 0.10 3.89
CA CYS A 25 -10.50 0.62 4.38
C CYS A 25 -11.37 1.15 3.26
N ARG A 26 -10.80 1.93 2.37
CA ARG A 26 -11.55 2.55 1.30
C ARG A 26 -10.81 2.44 -0.01
N ILE A 27 -11.52 2.04 -1.04
CA ILE A 27 -10.93 1.92 -2.36
C ILE A 27 -11.01 3.25 -3.07
N ARG A 28 -9.88 3.75 -3.50
CA ARG A 28 -9.83 5.05 -4.13
C ARG A 28 -10.52 5.05 -5.48
N ASP A 29 -10.16 4.07 -6.29
CA ASP A 29 -10.72 3.95 -7.63
C ASP A 29 -10.43 2.56 -8.18
N ARG A 30 -11.29 2.09 -9.08
CA ARG A 30 -11.12 0.77 -9.71
C ARG A 30 -11.28 -0.35 -8.69
N VAL A 31 -12.51 -0.79 -8.48
CA VAL A 31 -12.76 -1.83 -7.52
C VAL A 31 -12.69 -3.20 -8.17
N ALA A 32 -11.68 -3.96 -7.80
CA ALA A 32 -11.53 -5.32 -8.26
C ALA A 32 -12.28 -6.26 -7.34
N GLN A 33 -12.76 -7.38 -7.88
CA GLN A 33 -13.51 -8.36 -7.08
C GLN A 33 -12.58 -8.99 -6.02
N ASP A 34 -11.28 -8.85 -6.22
CA ASP A 34 -10.31 -9.38 -5.28
C ASP A 34 -10.06 -8.41 -4.14
N ILE A 35 -9.80 -7.15 -4.48
CA ILE A 35 -9.48 -6.14 -3.47
C ILE A 35 -10.69 -5.78 -2.61
N ILE A 36 -11.89 -6.02 -3.12
CA ILE A 36 -13.11 -5.74 -2.36
C ILE A 36 -13.22 -6.72 -1.18
N GLN A 37 -12.51 -7.84 -1.29
CA GLN A 37 -12.49 -8.84 -0.24
C GLN A 37 -11.41 -8.51 0.77
N LYS A 38 -10.58 -7.54 0.43
CA LYS A 38 -9.49 -7.12 1.30
C LYS A 38 -9.90 -5.93 2.15
N LEU A 39 -11.14 -5.51 2.01
CA LEU A 39 -11.68 -4.42 2.81
C LEU A 39 -11.85 -4.86 4.25
N GLY A 40 -11.13 -4.22 5.14
CA GLY A 40 -11.15 -4.59 6.53
C GLY A 40 -10.03 -5.57 6.85
N GLN A 41 -9.13 -5.74 5.91
CA GLN A 41 -8.00 -6.66 6.07
C GLN A 41 -6.78 -5.91 6.55
N VAL A 42 -6.02 -6.53 7.45
CA VAL A 42 -4.79 -5.92 7.96
C VAL A 42 -3.59 -6.76 7.55
N GLY A 43 -2.64 -6.13 6.87
CA GLY A 43 -1.45 -6.87 6.44
C GLY A 43 -0.19 -6.06 6.62
N GLN A 44 0.96 -6.70 6.43
CA GLN A 44 2.25 -6.05 6.60
C GLN A 44 2.74 -5.46 5.28
N ILE A 45 3.23 -4.23 5.33
CA ILE A 45 3.81 -3.59 4.16
C ILE A 45 5.18 -4.18 3.91
N THR A 46 5.31 -4.92 2.83
CA THR A 46 6.58 -5.53 2.50
C THR A 46 7.41 -4.63 1.59
N GLY A 47 6.80 -3.57 1.11
CA GLY A 47 7.51 -2.65 0.26
C GLY A 47 6.57 -1.77 -0.54
N PHE A 48 7.13 -0.84 -1.27
CA PHE A 48 6.34 0.04 -2.11
C PHE A 48 6.48 -0.34 -3.56
N LYS A 49 5.49 0.04 -4.35
CA LYS A 49 5.45 -0.30 -5.76
C LYS A 49 5.20 0.94 -6.59
N MET A 50 5.71 0.93 -7.81
CA MET A 50 5.45 2.03 -8.74
C MET A 50 4.14 1.75 -9.46
N THR A 51 3.12 2.50 -9.16
CA THR A 51 1.83 2.24 -9.72
C THR A 51 1.26 3.45 -10.47
N ASP A 52 0.09 3.27 -11.04
CA ASP A 52 -0.61 4.34 -11.72
C ASP A 52 -1.74 4.86 -10.84
N GLY A 53 -2.39 5.91 -11.28
CA GLY A 53 -3.49 6.47 -10.51
C GLY A 53 -3.00 7.35 -9.38
N SER A 54 -2.19 6.78 -8.52
CA SER A 54 -1.61 7.51 -7.40
C SER A 54 -0.14 7.78 -7.69
N GLY A 55 0.59 6.72 -8.01
CA GLY A 55 2.00 6.85 -8.26
C GLY A 55 2.77 5.83 -7.47
N VAL A 56 2.51 5.81 -6.18
CA VAL A 56 3.15 4.87 -5.30
C VAL A 56 2.12 3.91 -4.72
N GLY A 57 2.30 2.64 -4.99
CA GLY A 57 1.40 1.65 -4.50
C GLY A 57 1.95 0.98 -3.28
N VAL A 58 1.09 0.68 -2.35
CA VAL A 58 1.51 0.04 -1.12
C VAL A 58 1.34 -1.47 -1.23
N ILE A 59 2.45 -2.20 -1.32
CA ILE A 59 2.40 -3.65 -1.41
C ILE A 59 2.19 -4.25 -0.03
N VAL A 60 1.00 -4.74 0.21
CA VAL A 60 0.64 -5.31 1.48
C VAL A 60 0.60 -6.82 1.39
N THR A 61 1.34 -7.47 2.25
CA THR A 61 1.34 -8.92 2.32
C THR A 61 0.49 -9.39 3.49
N PHE A 62 -0.57 -10.10 3.17
CA PHE A 62 -1.52 -10.53 4.19
C PHE A 62 -1.22 -11.95 4.67
N ASP A 63 -2.10 -12.45 5.55
CA ASP A 63 -1.97 -13.79 6.11
C ASP A 63 -2.17 -14.86 5.05
N ASP A 64 -2.70 -14.46 3.91
CA ASP A 64 -2.91 -15.37 2.77
C ASP A 64 -1.58 -15.72 2.11
N ARG A 65 -0.49 -15.18 2.65
CA ARG A 65 0.86 -15.38 2.13
C ARG A 65 1.02 -14.74 0.75
N SER A 66 0.05 -13.95 0.38
CA SER A 66 0.06 -13.26 -0.88
C SER A 66 0.14 -11.77 -0.66
N SER A 67 0.69 -11.07 -1.62
CA SER A 67 0.81 -9.65 -1.53
C SER A 67 -0.13 -8.99 -2.52
N THR A 68 -0.62 -7.84 -2.15
CA THR A 68 -1.49 -7.09 -3.00
C THR A 68 -1.21 -5.61 -2.84
N TRP A 69 -1.14 -4.88 -3.93
CA TRP A 69 -0.85 -3.47 -3.87
C TRP A 69 -2.13 -2.66 -3.80
N PHE A 70 -2.11 -1.62 -3.00
CA PHE A 70 -3.23 -0.72 -2.86
C PHE A 70 -2.74 0.71 -2.96
N PHE A 71 -3.65 1.65 -3.13
CA PHE A 71 -3.27 3.04 -3.23
C PHE A 71 -2.94 3.62 -1.85
N GLU A 72 -2.33 4.79 -1.83
CA GLU A 72 -1.88 5.42 -0.59
C GLU A 72 -3.05 5.72 0.33
N ASP A 73 -4.09 6.32 -0.21
CA ASP A 73 -5.26 6.72 0.57
C ASP A 73 -6.25 5.58 0.68
N GLU A 74 -5.83 4.42 0.25
CA GLU A 74 -6.69 3.26 0.22
C GLU A 74 -6.56 2.44 1.50
N VAL A 75 -5.44 2.62 2.18
CA VAL A 75 -5.17 1.87 3.40
C VAL A 75 -4.87 2.80 4.57
N GLU A 76 -5.18 2.34 5.76
CA GLU A 76 -4.89 3.06 6.99
C GLU A 76 -3.71 2.40 7.68
N VAL A 77 -2.98 3.14 8.48
CA VAL A 77 -1.82 2.57 9.17
C VAL A 77 -2.24 1.88 10.46
N VAL A 78 -1.70 0.68 10.68
CA VAL A 78 -2.00 -0.10 11.87
C VAL A 78 -0.71 -0.65 12.48
N GLY A 79 -0.32 -0.12 13.61
CA GLY A 79 0.89 -0.57 14.24
C GLY A 79 1.48 0.47 15.15
N MET A 1 29.72 7.41 -1.63
CA MET A 1 29.24 8.11 -2.83
C MET A 1 28.84 7.12 -3.91
N ALA A 2 27.61 6.66 -3.84
CA ALA A 2 27.10 5.70 -4.81
C ALA A 2 25.83 6.21 -5.46
N SER A 3 25.52 5.67 -6.61
CA SER A 3 24.33 6.05 -7.34
C SER A 3 23.09 5.42 -6.71
N TRP A 4 22.35 6.23 -5.96
CA TRP A 4 21.14 5.78 -5.28
C TRP A 4 20.14 5.22 -6.31
N SER A 5 19.51 4.12 -5.98
CA SER A 5 18.54 3.52 -6.87
C SER A 5 17.36 2.96 -6.10
N HIS A 6 16.29 3.73 -6.05
CA HIS A 6 15.05 3.35 -5.36
C HIS A 6 14.03 4.44 -5.56
N PRO A 7 12.74 4.11 -5.49
CA PRO A 7 11.69 5.11 -5.60
C PRO A 7 11.79 6.13 -4.47
N GLN A 8 11.86 7.40 -4.81
CA GLN A 8 11.96 8.43 -3.79
C GLN A 8 10.58 8.75 -3.22
N PHE A 9 10.33 8.21 -2.06
CA PHE A 9 9.05 8.35 -1.39
C PHE A 9 8.83 9.78 -0.93
N GLU A 10 7.72 10.36 -1.37
CA GLU A 10 7.40 11.74 -1.06
C GLU A 10 6.48 11.89 0.16
N LYS A 11 5.18 11.65 -0.02
CA LYS A 11 4.23 11.84 1.06
C LYS A 11 4.17 10.65 1.99
N ILE A 12 4.24 9.46 1.43
CA ILE A 12 4.14 8.22 2.21
C ILE A 12 5.19 8.13 3.31
N GLU A 13 6.35 8.74 3.09
CA GLU A 13 7.43 8.70 4.06
C GLU A 13 7.00 9.31 5.40
N GLY A 14 6.06 10.24 5.34
CA GLY A 14 5.59 10.88 6.55
C GLY A 14 4.26 10.32 7.02
N ARG A 15 4.01 9.05 6.73
CA ARG A 15 2.76 8.41 7.17
C ARG A 15 2.91 6.89 7.29
N MET A 16 3.52 6.25 6.31
CA MET A 16 3.65 4.80 6.29
C MET A 16 5.08 4.37 6.00
N ASP A 17 5.46 3.20 6.48
CA ASP A 17 6.80 2.69 6.27
C ASP A 17 6.78 1.18 6.11
N VAL A 18 7.83 0.63 5.51
CA VAL A 18 7.94 -0.81 5.33
C VAL A 18 7.99 -1.49 6.69
N GLY A 19 7.15 -2.48 6.89
CA GLY A 19 7.11 -3.17 8.16
C GLY A 19 5.90 -2.77 8.98
N GLN A 20 5.22 -1.71 8.56
CA GLN A 20 4.02 -1.25 9.25
C GLN A 20 2.82 -2.08 8.82
N LYS A 21 1.87 -2.22 9.73
CA LYS A 21 0.66 -2.96 9.45
C LYS A 21 -0.41 -2.02 8.93
N VAL A 22 -0.95 -2.35 7.78
CA VAL A 22 -1.98 -1.54 7.18
C VAL A 22 -3.16 -2.40 6.78
N ARG A 23 -4.32 -1.78 6.74
CA ARG A 23 -5.52 -2.48 6.34
C ARG A 23 -6.30 -1.66 5.34
N VAL A 24 -6.88 -2.31 4.37
CA VAL A 24 -7.66 -1.63 3.35
C VAL A 24 -9.01 -1.24 3.92
N CYS A 25 -9.22 0.05 4.12
CA CYS A 25 -10.47 0.54 4.69
C CYS A 25 -11.42 0.96 3.60
N ARG A 26 -10.87 1.34 2.47
CA ARG A 26 -11.65 1.83 1.36
C ARG A 26 -10.97 1.51 0.06
N ILE A 27 -11.69 1.57 -1.03
CA ILE A 27 -11.13 1.35 -2.36
C ILE A 27 -11.59 2.45 -3.31
N ARG A 28 -10.70 2.88 -4.21
CA ARG A 28 -11.03 3.87 -5.23
C ARG A 28 -12.07 3.30 -6.20
N ASP A 29 -12.51 4.11 -7.15
CA ASP A 29 -13.48 3.62 -8.14
C ASP A 29 -12.82 2.69 -9.13
N ARG A 30 -12.66 1.46 -8.71
CA ARG A 30 -12.05 0.40 -9.49
C ARG A 30 -12.10 -0.88 -8.66
N VAL A 31 -13.17 -0.99 -7.87
CA VAL A 31 -13.31 -2.12 -6.98
C VAL A 31 -13.53 -3.41 -7.75
N ALA A 32 -12.55 -4.28 -7.67
CA ALA A 32 -12.65 -5.60 -8.25
C ALA A 32 -13.24 -6.54 -7.22
N GLN A 33 -13.85 -7.63 -7.66
CA GLN A 33 -14.42 -8.61 -6.74
C GLN A 33 -13.33 -9.29 -5.92
N ASP A 34 -12.09 -9.16 -6.37
CA ASP A 34 -10.96 -9.74 -5.68
C ASP A 34 -10.49 -8.85 -4.55
N ILE A 35 -10.25 -7.58 -4.88
CA ILE A 35 -9.69 -6.64 -3.91
C ILE A 35 -10.72 -6.20 -2.85
N ILE A 36 -12.01 -6.30 -3.18
CA ILE A 36 -13.06 -5.93 -2.23
C ILE A 36 -13.02 -6.86 -1.01
N GLN A 37 -12.47 -8.04 -1.20
CA GLN A 37 -12.35 -9.03 -0.14
C GLN A 37 -11.24 -8.66 0.83
N LYS A 38 -10.46 -7.64 0.46
CA LYS A 38 -9.35 -7.21 1.30
C LYS A 38 -9.76 -6.02 2.17
N LEU A 39 -11.02 -5.59 2.05
CA LEU A 39 -11.52 -4.52 2.89
C LEU A 39 -11.64 -5.01 4.32
N GLY A 40 -10.91 -4.37 5.22
CA GLY A 40 -10.91 -4.79 6.60
C GLY A 40 -9.82 -5.81 6.88
N GLN A 41 -9.04 -6.11 5.87
CA GLN A 41 -7.96 -7.07 5.99
C GLN A 41 -6.67 -6.37 6.38
N VAL A 42 -6.02 -6.87 7.42
CA VAL A 42 -4.78 -6.28 7.90
C VAL A 42 -3.57 -7.05 7.38
N GLY A 43 -2.61 -6.32 6.87
CA GLY A 43 -1.39 -6.92 6.37
C GLY A 43 -0.20 -6.06 6.69
N GLN A 44 0.97 -6.48 6.24
CA GLN A 44 2.18 -5.71 6.50
C GLN A 44 2.76 -5.17 5.19
N ILE A 45 3.21 -3.93 5.23
CA ILE A 45 3.85 -3.31 4.08
C ILE A 45 5.21 -3.95 3.86
N THR A 46 5.32 -4.79 2.85
CA THR A 46 6.57 -5.45 2.58
C THR A 46 7.40 -4.67 1.57
N GLY A 47 6.77 -3.71 0.91
CA GLY A 47 7.47 -2.89 -0.05
C GLY A 47 6.53 -1.93 -0.74
N PHE A 48 7.08 -1.02 -1.50
CA PHE A 48 6.28 -0.06 -2.23
C PHE A 48 6.34 -0.34 -3.72
N LYS A 49 5.32 0.06 -4.44
CA LYS A 49 5.23 -0.17 -5.85
C LYS A 49 5.03 1.14 -6.60
N MET A 50 5.55 1.24 -7.79
CA MET A 50 5.34 2.42 -8.58
C MET A 50 4.07 2.27 -9.39
N THR A 51 3.20 3.24 -9.30
CA THR A 51 1.95 3.20 -10.03
C THR A 51 1.85 4.39 -10.97
N ASP A 52 1.97 4.11 -12.25
CA ASP A 52 1.96 5.14 -13.28
C ASP A 52 0.67 5.97 -13.25
N GLY A 53 0.78 7.21 -12.82
CA GLY A 53 -0.35 8.11 -12.84
C GLY A 53 -1.00 8.30 -11.47
N SER A 54 -0.87 7.31 -10.62
CA SER A 54 -1.48 7.38 -9.30
C SER A 54 -0.45 7.64 -8.20
N GLY A 55 0.81 7.70 -8.59
CA GLY A 55 1.85 7.96 -7.62
C GLY A 55 2.54 6.70 -7.16
N VAL A 56 2.47 6.43 -5.86
CA VAL A 56 3.11 5.26 -5.31
C VAL A 56 2.07 4.33 -4.70
N GLY A 57 2.21 3.06 -5.00
CA GLY A 57 1.31 2.07 -4.46
C GLY A 57 1.99 1.32 -3.34
N VAL A 58 1.21 0.73 -2.47
CA VAL A 58 1.74 0.00 -1.35
C VAL A 58 1.52 -1.49 -1.53
N ILE A 59 2.61 -2.24 -1.56
CA ILE A 59 2.52 -3.69 -1.68
C ILE A 59 2.37 -4.29 -0.29
N VAL A 60 1.16 -4.70 0.02
CA VAL A 60 0.86 -5.21 1.33
C VAL A 60 0.72 -6.73 1.30
N THR A 61 1.45 -7.39 2.17
CA THR A 61 1.35 -8.82 2.31
C THR A 61 0.40 -9.13 3.46
N PHE A 62 -0.77 -9.64 3.10
CA PHE A 62 -1.81 -9.91 4.09
C PHE A 62 -1.68 -11.31 4.66
N ASP A 63 -2.65 -11.66 5.52
CA ASP A 63 -2.68 -12.96 6.18
C ASP A 63 -2.85 -14.10 5.16
N ASP A 64 -3.29 -13.75 3.96
CA ASP A 64 -3.47 -14.72 2.87
C ASP A 64 -2.11 -15.14 2.34
N ARG A 65 -1.03 -14.51 2.85
CA ARG A 65 0.35 -14.74 2.42
C ARG A 65 0.58 -14.17 1.03
N SER A 66 -0.44 -13.54 0.50
CA SER A 66 -0.38 -12.94 -0.81
C SER A 66 -0.18 -11.44 -0.67
N SER A 67 0.63 -10.89 -1.55
CA SER A 67 0.90 -9.47 -1.55
C SER A 67 0.06 -8.79 -2.61
N THR A 68 -0.69 -7.79 -2.20
CA THR A 68 -1.53 -7.03 -3.10
C THR A 68 -1.24 -5.55 -2.92
N TRP A 69 -1.23 -4.81 -4.01
CA TRP A 69 -0.91 -3.40 -3.95
C TRP A 69 -2.16 -2.54 -3.93
N PHE A 70 -2.14 -1.56 -3.06
CA PHE A 70 -3.21 -0.59 -2.94
C PHE A 70 -2.61 0.79 -2.90
N PHE A 71 -3.43 1.82 -3.03
CA PHE A 71 -2.91 3.18 -3.05
C PHE A 71 -2.49 3.63 -1.66
N GLU A 72 -1.58 4.59 -1.63
CA GLU A 72 -1.05 5.17 -0.38
C GLU A 72 -2.16 5.74 0.52
N ASP A 73 -3.23 6.22 -0.08
CA ASP A 73 -4.35 6.77 0.69
C ASP A 73 -5.54 5.82 0.67
N GLU A 74 -5.27 4.55 0.45
CA GLU A 74 -6.31 3.55 0.39
C GLU A 74 -6.32 2.68 1.63
N VAL A 75 -5.17 2.61 2.28
CA VAL A 75 -5.02 1.74 3.41
C VAL A 75 -4.68 2.53 4.68
N GLU A 76 -5.10 2.01 5.81
CA GLU A 76 -4.89 2.66 7.10
C GLU A 76 -3.79 1.97 7.87
N VAL A 77 -2.94 2.74 8.51
CA VAL A 77 -1.85 2.18 9.30
C VAL A 77 -2.33 1.94 10.73
N VAL A 78 -2.40 0.69 11.12
CA VAL A 78 -2.88 0.32 12.45
C VAL A 78 -2.05 -0.83 13.03
N GLY A 79 -1.62 -0.68 14.26
CA GLY A 79 -0.86 -1.72 14.91
C GLY A 79 -1.62 -2.33 16.06
N MET A 1 24.50 14.49 -1.85
CA MET A 1 23.95 15.73 -2.42
C MET A 1 24.13 15.76 -3.93
N ALA A 2 25.33 15.45 -4.39
CA ALA A 2 25.60 15.44 -5.82
C ALA A 2 25.09 14.16 -6.47
N SER A 3 25.74 13.04 -6.19
CA SER A 3 25.33 11.76 -6.73
C SER A 3 24.06 11.27 -6.05
N TRP A 4 24.07 11.26 -4.74
CA TRP A 4 22.92 10.85 -3.96
C TRP A 4 22.07 12.06 -3.61
N SER A 5 20.77 11.94 -3.77
CA SER A 5 19.87 13.04 -3.46
C SER A 5 18.90 12.64 -2.35
N HIS A 6 17.89 11.83 -2.68
CA HIS A 6 16.88 11.41 -1.72
C HIS A 6 15.91 10.42 -2.34
N PRO A 7 15.21 9.62 -1.51
CA PRO A 7 14.17 8.70 -1.98
C PRO A 7 12.93 9.48 -2.42
N GLN A 8 11.96 8.78 -2.97
CA GLN A 8 10.74 9.43 -3.44
C GLN A 8 9.66 9.46 -2.36
N PHE A 9 10.09 9.50 -1.11
CA PHE A 9 9.17 9.53 0.02
C PHE A 9 9.39 10.80 0.84
N GLU A 10 8.36 11.60 0.98
CA GLU A 10 8.47 12.85 1.72
C GLU A 10 7.83 12.76 3.11
N LYS A 11 6.52 12.83 3.16
CA LYS A 11 5.77 12.75 4.39
C LYS A 11 5.38 11.32 4.67
N ILE A 12 5.12 10.58 3.60
CA ILE A 12 4.73 9.18 3.70
C ILE A 12 5.81 8.34 4.35
N GLU A 13 7.05 8.81 4.22
CA GLU A 13 8.21 8.10 4.75
C GLU A 13 8.12 7.90 6.28
N GLY A 14 7.47 8.85 6.96
CA GLY A 14 7.34 8.74 8.39
C GLY A 14 5.97 8.27 8.83
N ARG A 15 5.12 7.95 7.86
CA ARG A 15 3.77 7.49 8.15
C ARG A 15 3.64 6.02 7.80
N MET A 16 3.90 5.71 6.56
CA MET A 16 3.83 4.35 6.08
C MET A 16 5.25 3.81 5.90
N ASP A 17 5.59 2.81 6.68
CA ASP A 17 6.93 2.24 6.65
C ASP A 17 6.89 0.76 6.34
N VAL A 18 7.91 0.30 5.61
CA VAL A 18 8.02 -1.10 5.27
C VAL A 18 8.26 -1.91 6.55
N GLY A 19 7.30 -2.74 6.89
CA GLY A 19 7.36 -3.49 8.13
C GLY A 19 6.20 -3.15 9.01
N GLN A 20 5.54 -2.04 8.71
CA GLN A 20 4.35 -1.62 9.44
C GLN A 20 3.13 -2.30 8.90
N LYS A 21 2.09 -2.35 9.69
CA LYS A 21 0.86 -3.00 9.29
C LYS A 21 -0.13 -1.98 8.75
N VAL A 22 -0.91 -2.40 7.78
CA VAL A 22 -1.90 -1.52 7.18
C VAL A 22 -3.19 -2.25 6.91
N ARG A 23 -4.27 -1.57 7.15
CA ARG A 23 -5.59 -2.12 6.95
C ARG A 23 -6.25 -1.45 5.77
N VAL A 24 -6.82 -2.24 4.89
CA VAL A 24 -7.51 -1.68 3.73
C VAL A 24 -8.85 -1.13 4.20
N CYS A 25 -8.90 0.17 4.36
CA CYS A 25 -10.08 0.82 4.89
C CYS A 25 -11.05 1.20 3.79
N ARG A 26 -10.52 1.51 2.63
CA ARG A 26 -11.35 1.99 1.54
C ARG A 26 -10.66 1.76 0.22
N ILE A 27 -11.38 1.97 -0.85
CA ILE A 27 -10.83 1.84 -2.19
C ILE A 27 -10.93 3.18 -2.90
N ARG A 28 -9.86 3.60 -3.53
CA ARG A 28 -9.83 4.90 -4.21
C ARG A 28 -10.48 4.78 -5.59
N ASP A 29 -11.78 4.44 -5.57
CA ASP A 29 -12.59 4.23 -6.77
C ASP A 29 -12.10 3.02 -7.55
N ARG A 30 -12.91 2.53 -8.48
CA ARG A 30 -12.53 1.38 -9.31
C ARG A 30 -12.25 0.16 -8.42
N VAL A 31 -13.30 -0.42 -7.88
CA VAL A 31 -13.13 -1.55 -6.99
C VAL A 31 -12.96 -2.84 -7.77
N ALA A 32 -11.79 -3.45 -7.65
CA ALA A 32 -11.51 -4.71 -8.29
C ALA A 32 -12.00 -5.86 -7.41
N GLN A 33 -12.39 -6.95 -8.05
CA GLN A 33 -12.93 -8.12 -7.34
C GLN A 33 -11.94 -8.70 -6.34
N ASP A 34 -10.66 -8.50 -6.57
CA ASP A 34 -9.64 -9.05 -5.68
C ASP A 34 -9.37 -8.15 -4.49
N ILE A 35 -9.32 -6.84 -4.72
CA ILE A 35 -9.00 -5.89 -3.66
C ILE A 35 -10.18 -5.69 -2.70
N ILE A 36 -11.39 -5.91 -3.19
CA ILE A 36 -12.58 -5.76 -2.35
C ILE A 36 -12.62 -6.84 -1.28
N GLN A 37 -11.95 -7.96 -1.53
CA GLN A 37 -11.92 -9.08 -0.60
C GLN A 37 -10.90 -8.83 0.51
N LYS A 38 -10.17 -7.73 0.40
CA LYS A 38 -9.18 -7.38 1.41
C LYS A 38 -9.66 -6.20 2.23
N LEU A 39 -10.87 -5.70 1.94
CA LEU A 39 -11.43 -4.58 2.67
C LEU A 39 -11.69 -4.95 4.12
N GLY A 40 -11.17 -4.16 5.03
CA GLY A 40 -11.32 -4.42 6.44
C GLY A 40 -10.23 -5.33 6.96
N GLN A 41 -9.51 -5.94 6.04
CA GLN A 41 -8.46 -6.85 6.38
C GLN A 41 -7.14 -6.10 6.52
N VAL A 42 -6.35 -6.50 7.49
CA VAL A 42 -5.08 -5.85 7.75
C VAL A 42 -3.90 -6.74 7.35
N GLY A 43 -2.92 -6.14 6.73
CA GLY A 43 -1.74 -6.85 6.32
C GLY A 43 -0.50 -6.10 6.72
N GLN A 44 0.62 -6.41 6.11
CA GLN A 44 1.86 -5.75 6.44
C GLN A 44 2.54 -5.21 5.19
N ILE A 45 3.11 -4.01 5.30
CA ILE A 45 3.80 -3.38 4.19
C ILE A 45 5.13 -4.08 3.95
N THR A 46 5.25 -4.77 2.85
CA THR A 46 6.49 -5.44 2.52
C THR A 46 7.29 -4.65 1.50
N GLY A 47 6.70 -3.58 0.99
CA GLY A 47 7.38 -2.75 0.04
C GLY A 47 6.46 -1.71 -0.57
N PHE A 48 7.04 -0.80 -1.32
CA PHE A 48 6.27 0.23 -1.99
C PHE A 48 6.19 -0.06 -3.47
N LYS A 49 5.16 0.44 -4.11
CA LYS A 49 4.97 0.23 -5.53
C LYS A 49 4.57 1.55 -6.19
N MET A 50 5.38 2.02 -7.12
CA MET A 50 5.07 3.27 -7.80
C MET A 50 3.87 3.09 -8.74
N THR A 51 2.86 3.90 -8.56
CA THR A 51 1.65 3.81 -9.36
C THR A 51 1.45 5.08 -10.17
N ASP A 52 0.43 5.08 -11.01
CA ASP A 52 0.13 6.23 -11.85
C ASP A 52 -1.09 6.97 -11.32
N GLY A 53 -2.05 6.20 -10.78
CA GLY A 53 -3.28 6.78 -10.24
C GLY A 53 -3.01 7.82 -9.16
N SER A 54 -2.69 7.36 -7.97
CA SER A 54 -2.39 8.25 -6.87
C SER A 54 -0.93 8.68 -6.90
N GLY A 55 -0.07 7.78 -7.32
CA GLY A 55 1.34 8.05 -7.37
C GLY A 55 2.12 7.05 -6.55
N VAL A 56 1.80 6.98 -5.27
CA VAL A 56 2.45 6.03 -4.40
C VAL A 56 1.51 4.88 -4.08
N GLY A 57 2.02 3.67 -4.22
CA GLY A 57 1.25 2.49 -3.91
C GLY A 57 1.94 1.68 -2.84
N VAL A 58 1.16 0.94 -2.10
CA VAL A 58 1.68 0.17 -1.00
C VAL A 58 1.43 -1.32 -1.23
N ILE A 59 2.49 -2.11 -1.24
CA ILE A 59 2.36 -3.55 -1.40
C ILE A 59 2.13 -4.19 -0.05
N VAL A 60 0.93 -4.66 0.15
CA VAL A 60 0.52 -5.22 1.41
C VAL A 60 0.48 -6.74 1.36
N THR A 61 1.28 -7.38 2.17
CA THR A 61 1.26 -8.82 2.27
C THR A 61 0.34 -9.21 3.40
N PHE A 62 -0.63 -10.05 3.09
CA PHE A 62 -1.61 -10.45 4.08
C PHE A 62 -1.30 -11.83 4.64
N ASP A 63 -2.12 -12.24 5.59
CA ASP A 63 -2.02 -13.55 6.22
C ASP A 63 -2.33 -14.65 5.22
N ASP A 64 -2.83 -14.26 4.06
CA ASP A 64 -3.15 -15.19 2.99
C ASP A 64 -1.89 -15.65 2.27
N ARG A 65 -0.76 -15.02 2.63
CA ARG A 65 0.55 -15.30 2.01
C ARG A 65 0.63 -14.69 0.62
N SER A 66 -0.38 -13.92 0.28
CA SER A 66 -0.43 -13.26 -0.99
C SER A 66 -0.22 -11.77 -0.77
N SER A 67 0.48 -11.14 -1.69
CA SER A 67 0.74 -9.74 -1.58
C SER A 67 -0.14 -8.97 -2.56
N THR A 68 -0.87 -8.02 -2.06
CA THR A 68 -1.74 -7.22 -2.87
C THR A 68 -1.39 -5.75 -2.71
N TRP A 69 -1.25 -5.06 -3.81
CA TRP A 69 -0.89 -3.67 -3.77
C TRP A 69 -2.12 -2.78 -3.78
N PHE A 70 -2.07 -1.75 -2.96
CA PHE A 70 -3.15 -0.79 -2.87
C PHE A 70 -2.58 0.59 -2.99
N PHE A 71 -3.41 1.56 -3.17
CA PHE A 71 -2.94 2.93 -3.27
C PHE A 71 -2.74 3.55 -1.89
N GLU A 72 -1.99 4.63 -1.84
CA GLU A 72 -1.72 5.36 -0.60
C GLU A 72 -3.03 5.82 0.08
N ASP A 73 -4.02 6.20 -0.73
CA ASP A 73 -5.31 6.69 -0.23
C ASP A 73 -6.23 5.51 0.12
N GLU A 74 -5.73 4.33 -0.07
CA GLU A 74 -6.54 3.13 0.02
C GLU A 74 -6.38 2.40 1.36
N VAL A 75 -5.28 2.61 2.04
CA VAL A 75 -5.03 1.89 3.27
C VAL A 75 -4.76 2.82 4.44
N GLU A 76 -4.85 2.27 5.65
CA GLU A 76 -4.58 3.02 6.86
C GLU A 76 -3.46 2.34 7.66
N VAL A 77 -2.59 3.13 8.26
CA VAL A 77 -1.50 2.59 9.06
C VAL A 77 -2.01 2.14 10.42
N VAL A 78 -1.66 0.92 10.80
CA VAL A 78 -2.13 0.35 12.06
C VAL A 78 -1.03 -0.56 12.65
N GLY A 79 -1.12 -0.83 13.95
CA GLY A 79 -0.15 -1.71 14.59
C GLY A 79 1.10 -0.98 14.99
N MET A 1 24.97 9.85 -13.86
CA MET A 1 23.69 10.35 -13.32
C MET A 1 22.67 10.55 -14.44
N ALA A 2 21.76 9.61 -14.59
CA ALA A 2 20.73 9.69 -15.61
C ALA A 2 19.35 9.50 -15.01
N SER A 3 19.14 8.35 -14.38
CA SER A 3 17.86 8.03 -13.78
C SER A 3 17.87 8.29 -12.27
N TRP A 4 19.02 8.74 -11.77
CA TRP A 4 19.17 9.01 -10.34
C TRP A 4 18.14 10.00 -9.83
N SER A 5 17.23 9.49 -9.05
CA SER A 5 16.21 10.26 -8.43
C SER A 5 15.58 9.43 -7.34
N HIS A 6 16.01 9.66 -6.11
CA HIS A 6 15.55 8.87 -4.98
C HIS A 6 14.04 9.04 -4.80
N PRO A 7 13.32 7.95 -4.51
CA PRO A 7 11.87 8.00 -4.29
C PRO A 7 11.48 9.01 -3.22
N GLN A 8 10.78 10.05 -3.64
CA GLN A 8 10.37 11.11 -2.74
C GLN A 8 9.12 10.72 -1.95
N PHE A 9 9.33 10.35 -0.71
CA PHE A 9 8.24 9.96 0.17
C PHE A 9 8.00 11.05 1.20
N GLU A 10 7.10 11.97 0.90
CA GLU A 10 6.84 13.10 1.79
C GLU A 10 5.84 12.72 2.87
N LYS A 11 4.60 12.50 2.46
CA LYS A 11 3.54 12.13 3.40
C LYS A 11 3.43 10.62 3.51
N ILE A 12 4.51 9.96 3.13
CA ILE A 12 4.57 8.51 3.12
C ILE A 12 5.63 8.02 4.10
N GLU A 13 6.86 8.45 3.89
CA GLU A 13 7.98 8.06 4.72
C GLU A 13 7.74 8.45 6.18
N GLY A 14 7.98 7.50 7.07
CA GLY A 14 7.80 7.74 8.48
C GLY A 14 6.38 7.48 8.93
N ARG A 15 5.43 7.61 8.02
CA ARG A 15 4.02 7.39 8.33
C ARG A 15 3.65 5.97 7.98
N MET A 16 4.05 5.57 6.79
CA MET A 16 3.84 4.21 6.31
C MET A 16 5.17 3.68 5.80
N ASP A 17 5.62 2.59 6.37
CA ASP A 17 6.93 2.04 6.03
C ASP A 17 6.89 0.52 6.08
N VAL A 18 7.87 -0.12 5.46
CA VAL A 18 7.95 -1.57 5.44
C VAL A 18 8.00 -2.13 6.86
N GLY A 19 7.25 -3.17 7.10
CA GLY A 19 7.21 -3.74 8.43
C GLY A 19 5.95 -3.32 9.16
N GLN A 20 5.41 -2.17 8.76
CA GLN A 20 4.18 -1.65 9.34
C GLN A 20 2.98 -2.39 8.79
N LYS A 21 1.90 -2.36 9.53
CA LYS A 21 0.70 -3.01 9.11
C LYS A 21 -0.29 -2.00 8.57
N VAL A 22 -0.97 -2.35 7.52
CA VAL A 22 -1.95 -1.48 6.92
C VAL A 22 -3.22 -2.25 6.60
N ARG A 23 -4.34 -1.62 6.83
CA ARG A 23 -5.63 -2.22 6.58
C ARG A 23 -6.34 -1.51 5.45
N VAL A 24 -6.92 -2.27 4.53
CA VAL A 24 -7.64 -1.70 3.41
C VAL A 24 -9.03 -1.30 3.86
N CYS A 25 -9.36 -0.02 3.73
CA CYS A 25 -10.64 0.48 4.21
C CYS A 25 -11.43 1.21 3.14
N ARG A 26 -10.76 1.79 2.16
CA ARG A 26 -11.46 2.58 1.16
C ARG A 26 -10.80 2.45 -0.20
N ILE A 27 -11.60 2.12 -1.20
CA ILE A 27 -11.09 1.94 -2.56
C ILE A 27 -11.63 3.04 -3.47
N ARG A 28 -10.81 3.47 -4.42
CA ARG A 28 -11.23 4.45 -5.43
C ARG A 28 -12.18 3.78 -6.42
N ASP A 29 -12.44 4.44 -7.54
CA ASP A 29 -13.26 3.83 -8.59
C ASP A 29 -12.52 2.63 -9.15
N ARG A 30 -13.28 1.66 -9.66
CA ARG A 30 -12.74 0.37 -10.15
C ARG A 30 -12.47 -0.56 -8.97
N VAL A 31 -13.50 -1.25 -8.54
CA VAL A 31 -13.37 -2.16 -7.43
C VAL A 31 -13.38 -3.60 -7.93
N ALA A 32 -12.26 -4.28 -7.76
CA ALA A 32 -12.15 -5.67 -8.16
C ALA A 32 -12.64 -6.57 -7.05
N GLN A 33 -13.10 -7.76 -7.41
CA GLN A 33 -13.62 -8.72 -6.42
C GLN A 33 -12.51 -9.18 -5.47
N ASP A 34 -11.28 -9.04 -5.92
CA ASP A 34 -10.13 -9.42 -5.12
C ASP A 34 -9.87 -8.39 -4.04
N ILE A 35 -9.77 -7.13 -4.44
CA ILE A 35 -9.44 -6.05 -3.52
C ILE A 35 -10.60 -5.72 -2.57
N ILE A 36 -11.84 -5.94 -3.02
CA ILE A 36 -12.99 -5.65 -2.18
C ILE A 36 -13.07 -6.65 -1.02
N GLN A 37 -12.51 -7.84 -1.24
CA GLN A 37 -12.49 -8.86 -0.20
C GLN A 37 -11.45 -8.52 0.85
N LYS A 38 -10.48 -7.72 0.45
CA LYS A 38 -9.39 -7.33 1.32
C LYS A 38 -9.83 -6.22 2.27
N LEU A 39 -10.99 -5.63 2.00
CA LEU A 39 -11.52 -4.58 2.85
C LEU A 39 -11.81 -5.12 4.23
N GLY A 40 -11.20 -4.52 5.23
CA GLY A 40 -11.37 -4.98 6.58
C GLY A 40 -10.24 -5.88 7.02
N GLN A 41 -9.42 -6.28 6.08
CA GLN A 41 -8.28 -7.12 6.37
C GLN A 41 -7.03 -6.26 6.54
N VAL A 42 -6.19 -6.63 7.48
CA VAL A 42 -4.97 -5.90 7.72
C VAL A 42 -3.76 -6.77 7.37
N GLY A 43 -2.80 -6.18 6.67
CA GLY A 43 -1.61 -6.90 6.30
C GLY A 43 -0.36 -6.12 6.61
N GLN A 44 0.78 -6.65 6.26
CA GLN A 44 2.05 -5.99 6.53
C GLN A 44 2.67 -5.44 5.24
N ILE A 45 3.21 -4.23 5.33
CA ILE A 45 3.86 -3.60 4.19
C ILE A 45 5.19 -4.30 3.89
N THR A 46 5.32 -4.80 2.69
CA THR A 46 6.54 -5.47 2.28
C THR A 46 7.25 -4.74 1.15
N GLY A 47 6.67 -3.62 0.71
CA GLY A 47 7.28 -2.85 -0.35
C GLY A 47 6.37 -1.75 -0.85
N PHE A 48 6.88 -0.97 -1.78
CA PHE A 48 6.13 0.14 -2.37
C PHE A 48 6.22 0.09 -3.89
N LYS A 49 5.25 0.68 -4.54
CA LYS A 49 5.20 0.72 -6.00
C LYS A 49 4.88 2.11 -6.49
N MET A 50 5.30 2.42 -7.69
CA MET A 50 4.96 3.69 -8.31
C MET A 50 3.74 3.51 -9.20
N THR A 51 2.63 4.06 -8.77
CA THR A 51 1.37 3.92 -9.48
C THR A 51 1.18 5.03 -10.50
N ASP A 52 0.42 4.74 -11.54
CA ASP A 52 0.16 5.70 -12.60
C ASP A 52 -1.07 6.54 -12.27
N GLY A 53 -1.86 6.06 -11.32
CA GLY A 53 -3.05 6.76 -10.91
C GLY A 53 -2.77 7.85 -9.90
N SER A 54 -2.61 7.45 -8.65
CA SER A 54 -2.36 8.40 -7.58
C SER A 54 -0.89 8.82 -7.55
N GLY A 55 -0.04 7.96 -7.01
CA GLY A 55 1.36 8.25 -6.91
C GLY A 55 2.12 7.05 -6.45
N VAL A 56 2.05 6.76 -5.16
CA VAL A 56 2.73 5.62 -4.61
C VAL A 56 1.74 4.56 -4.15
N GLY A 57 2.06 3.32 -4.41
CA GLY A 57 1.24 2.22 -4.00
C GLY A 57 1.91 1.42 -2.92
N VAL A 58 1.12 0.85 -2.04
CA VAL A 58 1.63 0.08 -0.93
C VAL A 58 1.41 -1.41 -1.15
N ILE A 59 2.47 -2.19 -1.06
CA ILE A 59 2.36 -3.63 -1.19
C ILE A 59 2.06 -4.24 0.16
N VAL A 60 0.84 -4.73 0.31
CA VAL A 60 0.40 -5.28 1.57
C VAL A 60 0.36 -6.80 1.52
N THR A 61 1.15 -7.44 2.35
CA THR A 61 1.16 -8.87 2.46
C THR A 61 0.31 -9.30 3.65
N PHE A 62 -0.82 -9.91 3.36
CA PHE A 62 -1.76 -10.33 4.39
C PHE A 62 -1.38 -11.70 4.95
N ASP A 63 -2.22 -12.23 5.84
CA ASP A 63 -2.02 -13.55 6.43
C ASP A 63 -2.16 -14.64 5.37
N ASP A 64 -2.63 -14.24 4.20
CA ASP A 64 -2.79 -15.13 3.07
C ASP A 64 -1.45 -15.38 2.40
N ARG A 65 -0.42 -14.70 2.91
CA ARG A 65 0.94 -14.80 2.37
C ARG A 65 1.06 -14.09 1.00
N SER A 66 -0.09 -13.77 0.42
CA SER A 66 -0.12 -13.09 -0.85
C SER A 66 0.04 -11.60 -0.64
N SER A 67 0.73 -10.97 -1.55
CA SER A 67 0.96 -9.55 -1.49
C SER A 67 0.11 -8.84 -2.53
N THR A 68 -0.67 -7.89 -2.08
CA THR A 68 -1.52 -7.13 -2.96
C THR A 68 -1.20 -5.64 -2.82
N TRP A 69 -1.11 -4.93 -3.93
CA TRP A 69 -0.78 -3.53 -3.88
C TRP A 69 -2.04 -2.67 -3.91
N PHE A 70 -2.06 -1.67 -3.05
CA PHE A 70 -3.16 -0.73 -2.97
C PHE A 70 -2.61 0.68 -3.01
N PHE A 71 -3.46 1.66 -3.19
CA PHE A 71 -2.98 3.03 -3.20
C PHE A 71 -2.62 3.51 -1.79
N GLU A 72 -1.76 4.50 -1.72
CA GLU A 72 -1.31 5.08 -0.47
C GLU A 72 -2.48 5.58 0.41
N ASP A 73 -3.53 6.08 -0.23
CA ASP A 73 -4.70 6.61 0.49
C ASP A 73 -5.80 5.54 0.60
N GLU A 74 -5.45 4.33 0.22
CA GLU A 74 -6.40 3.23 0.19
C GLU A 74 -6.34 2.40 1.47
N VAL A 75 -5.21 2.49 2.16
CA VAL A 75 -5.01 1.72 3.36
C VAL A 75 -4.64 2.62 4.54
N GLU A 76 -4.83 2.10 5.74
CA GLU A 76 -4.50 2.82 6.96
C GLU A 76 -3.41 2.10 7.74
N VAL A 77 -2.47 2.86 8.29
CA VAL A 77 -1.36 2.30 9.06
C VAL A 77 -1.78 2.00 10.49
N VAL A 78 -1.49 0.80 10.95
CA VAL A 78 -1.83 0.37 12.29
C VAL A 78 -0.68 -0.41 12.93
N GLY A 79 -0.42 -0.13 14.17
CA GLY A 79 0.65 -0.80 14.87
C GLY A 79 1.23 0.07 15.96
N MET A 1 10.40 6.11 -21.11
CA MET A 1 11.22 7.31 -21.33
C MET A 1 12.00 7.68 -20.07
N ALA A 2 11.31 7.74 -18.96
CA ALA A 2 11.94 8.05 -17.69
C ALA A 2 12.18 6.79 -16.88
N SER A 3 13.43 6.56 -16.52
CA SER A 3 13.78 5.41 -15.71
C SER A 3 13.67 5.80 -14.25
N TRP A 4 12.94 5.01 -13.48
CA TRP A 4 12.74 5.30 -12.09
C TRP A 4 13.94 4.85 -11.26
N SER A 5 14.19 5.54 -10.19
CA SER A 5 15.26 5.21 -9.28
C SER A 5 14.83 5.46 -7.86
N HIS A 6 14.20 6.59 -7.64
CA HIS A 6 13.69 6.97 -6.34
C HIS A 6 12.35 7.65 -6.47
N PRO A 7 11.26 6.95 -6.10
CA PRO A 7 9.93 7.53 -6.08
C PRO A 7 9.87 8.67 -5.09
N GLN A 8 9.20 9.73 -5.44
CA GLN A 8 9.14 10.89 -4.58
C GLN A 8 8.04 10.74 -3.54
N PHE A 9 8.44 10.31 -2.36
CA PHE A 9 7.51 10.13 -1.26
C PHE A 9 7.35 11.45 -0.50
N GLU A 10 6.27 12.14 -0.78
CA GLU A 10 5.99 13.41 -0.12
C GLU A 10 5.55 13.19 1.31
N LYS A 11 4.30 12.80 1.48
CA LYS A 11 3.76 12.53 2.80
C LYS A 11 3.72 11.04 3.06
N ILE A 12 3.96 10.27 2.01
CA ILE A 12 3.92 8.81 2.07
C ILE A 12 4.91 8.27 3.08
N GLU A 13 6.15 8.72 3.00
CA GLU A 13 7.20 8.22 3.88
C GLU A 13 7.00 8.73 5.32
N GLY A 14 6.13 9.71 5.50
CA GLY A 14 5.86 10.23 6.82
C GLY A 14 4.85 9.37 7.58
N ARG A 15 4.30 8.38 6.90
CA ARG A 15 3.30 7.51 7.51
C ARG A 15 3.51 6.05 7.12
N MET A 16 3.84 5.81 5.86
CA MET A 16 4.00 4.45 5.37
C MET A 16 5.45 4.01 5.55
N ASP A 17 5.62 2.82 6.11
CA ASP A 17 6.95 2.27 6.36
C ASP A 17 6.94 0.77 6.11
N VAL A 18 7.98 0.28 5.46
CA VAL A 18 8.11 -1.16 5.21
C VAL A 18 8.25 -1.88 6.54
N GLY A 19 7.27 -2.70 6.86
CA GLY A 19 7.25 -3.38 8.13
C GLY A 19 6.05 -2.97 8.96
N GLN A 20 5.39 -1.91 8.54
CA GLN A 20 4.18 -1.43 9.22
C GLN A 20 2.97 -2.20 8.78
N LYS A 21 1.97 -2.24 9.63
CA LYS A 21 0.74 -2.94 9.33
C LYS A 21 -0.25 -1.99 8.73
N VAL A 22 -1.02 -2.44 7.77
CA VAL A 22 -2.01 -1.60 7.11
C VAL A 22 -3.25 -2.37 6.76
N ARG A 23 -4.39 -1.76 6.99
CA ARG A 23 -5.65 -2.37 6.67
C ARG A 23 -6.37 -1.56 5.60
N VAL A 24 -6.85 -2.24 4.57
CA VAL A 24 -7.53 -1.57 3.47
C VAL A 24 -8.89 -1.06 3.94
N CYS A 25 -9.07 0.26 3.89
CA CYS A 25 -10.29 0.88 4.36
C CYS A 25 -11.21 1.23 3.19
N ARG A 26 -10.63 1.56 2.06
CA ARG A 26 -11.39 1.96 0.90
C ARG A 26 -10.84 1.29 -0.34
N ILE A 27 -11.59 1.33 -1.42
CA ILE A 27 -11.15 0.74 -2.67
C ILE A 27 -11.35 1.72 -3.81
N ARG A 28 -10.27 2.01 -4.52
CA ARG A 28 -10.33 2.89 -5.67
C ARG A 28 -11.08 2.21 -6.82
N ASP A 29 -12.14 2.86 -7.28
CA ASP A 29 -12.96 2.40 -8.40
C ASP A 29 -13.75 1.12 -8.04
N ARG A 30 -14.16 0.37 -9.05
CA ARG A 30 -14.93 -0.85 -8.86
C ARG A 30 -14.15 -1.88 -8.05
N VAL A 31 -14.82 -2.49 -7.09
CA VAL A 31 -14.20 -3.46 -6.20
C VAL A 31 -14.28 -4.86 -6.78
N ALA A 32 -13.13 -5.48 -6.99
CA ALA A 32 -13.07 -6.84 -7.52
C ALA A 32 -13.22 -7.87 -6.41
N GLN A 33 -13.45 -9.11 -6.79
CA GLN A 33 -13.64 -10.21 -5.84
C GLN A 33 -12.38 -10.44 -5.00
N ASP A 34 -11.22 -10.28 -5.63
CA ASP A 34 -9.96 -10.51 -4.93
C ASP A 34 -9.65 -9.42 -3.91
N ILE A 35 -9.94 -8.17 -4.27
CA ILE A 35 -9.61 -7.06 -3.39
C ILE A 35 -10.69 -6.81 -2.32
N ILE A 36 -11.91 -7.28 -2.54
CA ILE A 36 -12.97 -7.13 -1.53
C ILE A 36 -12.62 -7.98 -0.31
N GLN A 37 -11.81 -9.01 -0.54
CA GLN A 37 -11.33 -9.87 0.52
C GLN A 37 -10.28 -9.16 1.36
N LYS A 38 -9.61 -8.18 0.75
CA LYS A 38 -8.62 -7.38 1.43
C LYS A 38 -9.26 -6.18 2.09
N LEU A 39 -10.41 -5.78 1.60
CA LEU A 39 -11.13 -4.67 2.19
C LEU A 39 -11.59 -5.08 3.57
N GLY A 40 -10.98 -4.49 4.57
CA GLY A 40 -11.29 -4.85 5.94
C GLY A 40 -10.23 -5.78 6.51
N GLN A 41 -9.36 -6.30 5.65
CA GLN A 41 -8.29 -7.19 6.09
C GLN A 41 -7.01 -6.40 6.32
N VAL A 42 -6.30 -6.73 7.39
CA VAL A 42 -5.07 -6.04 7.70
C VAL A 42 -3.86 -6.84 7.25
N GLY A 43 -2.88 -6.17 6.70
CA GLY A 43 -1.67 -6.82 6.25
C GLY A 43 -0.45 -6.06 6.66
N GLN A 44 0.69 -6.40 6.10
CA GLN A 44 1.94 -5.72 6.42
C GLN A 44 2.63 -5.22 5.16
N ILE A 45 3.15 -4.00 5.23
CA ILE A 45 3.83 -3.38 4.11
C ILE A 45 5.18 -4.07 3.88
N THR A 46 5.34 -4.64 2.70
CA THR A 46 6.59 -5.29 2.37
C THR A 46 7.39 -4.49 1.35
N GLY A 47 6.84 -3.36 0.93
CA GLY A 47 7.55 -2.52 -0.02
C GLY A 47 6.63 -1.55 -0.72
N PHE A 48 7.20 -0.72 -1.57
CA PHE A 48 6.43 0.25 -2.32
C PHE A 48 6.47 -0.10 -3.80
N LYS A 49 5.46 0.35 -4.53
CA LYS A 49 5.37 0.06 -5.94
C LYS A 49 5.09 1.33 -6.73
N MET A 50 5.50 1.36 -7.98
CA MET A 50 5.22 2.50 -8.84
C MET A 50 3.93 2.26 -9.61
N THR A 51 2.97 3.15 -9.43
CA THR A 51 1.67 2.99 -10.07
C THR A 51 1.46 4.00 -11.19
N ASP A 52 1.26 3.50 -12.40
CA ASP A 52 1.04 4.35 -13.56
C ASP A 52 -0.32 5.01 -13.49
N GLY A 53 -0.34 6.31 -13.27
CA GLY A 53 -1.58 7.04 -13.18
C GLY A 53 -1.90 7.43 -11.76
N SER A 54 -0.95 7.23 -10.86
CA SER A 54 -1.14 7.58 -9.46
C SER A 54 0.17 8.00 -8.83
N GLY A 55 1.23 7.27 -9.13
CA GLY A 55 2.52 7.60 -8.59
C GLY A 55 3.09 6.50 -7.75
N VAL A 56 2.73 6.47 -6.48
CA VAL A 56 3.26 5.48 -5.56
C VAL A 56 2.15 4.59 -5.00
N GLY A 57 2.40 3.30 -5.01
CA GLY A 57 1.49 2.34 -4.44
C GLY A 57 2.18 1.56 -3.34
N VAL A 58 1.41 0.89 -2.52
CA VAL A 58 1.97 0.13 -1.41
C VAL A 58 1.77 -1.37 -1.61
N ILE A 59 2.85 -2.12 -1.49
CA ILE A 59 2.79 -3.57 -1.59
C ILE A 59 2.50 -4.16 -0.21
N VAL A 60 1.30 -4.67 -0.04
CA VAL A 60 0.87 -5.19 1.24
C VAL A 60 0.72 -6.71 1.19
N THR A 61 1.33 -7.38 2.15
CA THR A 61 1.19 -8.81 2.29
C THR A 61 0.13 -9.11 3.35
N PHE A 62 -0.95 -9.73 2.93
CA PHE A 62 -2.10 -9.97 3.81
C PHE A 62 -2.03 -11.31 4.52
N ASP A 63 -3.05 -11.58 5.34
CA ASP A 63 -3.15 -12.83 6.10
C ASP A 63 -3.31 -14.01 5.16
N ASP A 64 -3.93 -13.75 4.00
CA ASP A 64 -4.11 -14.77 2.96
C ASP A 64 -2.76 -15.10 2.30
N ARG A 65 -1.69 -14.48 2.82
CA ARG A 65 -0.32 -14.66 2.31
C ARG A 65 -0.16 -14.07 0.93
N SER A 66 -1.17 -13.34 0.50
CA SER A 66 -1.15 -12.72 -0.79
C SER A 66 -0.65 -11.30 -0.70
N SER A 67 0.23 -10.92 -1.61
CA SER A 67 0.73 -9.58 -1.66
C SER A 67 -0.03 -8.83 -2.75
N THR A 68 -0.60 -7.72 -2.38
CA THR A 68 -1.39 -6.93 -3.32
C THR A 68 -1.08 -5.45 -3.14
N TRP A 69 -1.09 -4.72 -4.24
CA TRP A 69 -0.79 -3.31 -4.21
C TRP A 69 -2.05 -2.48 -3.99
N PHE A 70 -1.94 -1.54 -3.07
CA PHE A 70 -3.02 -0.63 -2.76
C PHE A 70 -2.47 0.78 -2.69
N PHE A 71 -3.34 1.76 -2.67
CA PHE A 71 -2.89 3.14 -2.65
C PHE A 71 -2.55 3.62 -1.24
N GLU A 72 -1.79 4.69 -1.18
CA GLU A 72 -1.28 5.23 0.08
C GLU A 72 -2.39 5.71 1.02
N ASP A 73 -3.34 6.49 0.51
CA ASP A 73 -4.43 7.00 1.35
C ASP A 73 -5.59 6.02 1.37
N GLU A 74 -5.43 4.91 0.66
CA GLU A 74 -6.46 3.89 0.57
C GLU A 74 -6.39 2.93 1.77
N VAL A 75 -5.23 2.87 2.39
CA VAL A 75 -5.05 2.02 3.55
C VAL A 75 -4.73 2.87 4.79
N GLU A 76 -4.80 2.26 5.96
CA GLU A 76 -4.50 2.96 7.21
C GLU A 76 -3.30 2.34 7.89
N VAL A 77 -2.51 3.18 8.56
CA VAL A 77 -1.30 2.72 9.24
C VAL A 77 -1.64 2.17 10.64
N VAL A 78 -1.22 0.94 10.88
CA VAL A 78 -1.49 0.26 12.13
C VAL A 78 -0.19 -0.31 12.70
N GLY A 79 -0.07 -0.34 14.01
CA GLY A 79 1.11 -0.89 14.62
C GLY A 79 0.78 -1.71 15.84
#